data_6HJI
#
_entry.id   6HJI
#
_cell.length_a   180.943
_cell.length_b   133.242
_cell.length_c   159.880
_cell.angle_alpha   90.00
_cell.angle_beta   101.96
_cell.angle_gamma   90.00
#
_symmetry.space_group_name_H-M   'C 1 2 1'
#
loop_
_entity.id
_entity.type
_entity.pdbx_description
1 polymer 'Proton-gated ion channel'
2 non-polymer 'DIUNDECYL PHOSPHATIDYL CHOLINE'
3 non-polymer 'CHLORIDE ION'
4 non-polymer 'SODIUM ION'
5 non-polymer DODECYL-BETA-D-MALTOSIDE
6 non-polymer 'BUTENOIC ACID'
7 water water
#
_entity_poly.entity_id   1
_entity_poly.type   'polypeptide(L)'
_entity_poly.pdbx_seq_one_letter_code
;GQDMVSPPPPIADEPLTVNTGIYLIECYSLDDKAETFKVNAFLSLSWKDRRLAFDPVRSGVRVKTYEPEAIWIPEIRFVN
VENARDADVVDISVSPDGTVQYLERFSARVLSPLDFRRYPFDSQTLHIYLIVRSVDTRNIVLAVDLEKVGKNDDVFLTGW
DIESFTAVVKPANFALEDRLESKLDYQLRISRQYFSYIPNIILPMLFILFISWTAFWSTSYEANVTLVVSTLIAHIAFNI
LVETNLPKTPYMTYTGAIIFMIYLFYFVAVIEVTVQHYLKVESQPARAASITRASRIAFPVVFLLANIILAFLFFGF
;
_entity_poly.pdbx_strand_id   A,B,C,D,E
#
# COMPACT_ATOMS: atom_id res chain seq x y z
N VAL A 5 -12.13 12.06 -40.29
CA VAL A 5 -12.00 13.51 -40.17
C VAL A 5 -10.54 13.96 -40.18
N SER A 6 -10.24 14.96 -41.02
CA SER A 6 -8.89 15.53 -41.20
C SER A 6 -8.81 16.92 -40.49
N PRO A 7 -7.61 17.53 -40.29
CA PRO A 7 -7.56 18.83 -39.61
C PRO A 7 -8.11 19.99 -40.47
N PRO A 8 -8.44 21.16 -39.88
CA PRO A 8 -8.96 22.27 -40.71
C PRO A 8 -7.92 22.77 -41.71
N PRO A 9 -8.29 23.00 -42.98
CA PRO A 9 -7.30 23.46 -43.97
C PRO A 9 -6.92 24.93 -43.77
N PRO A 10 -5.65 25.32 -44.02
CA PRO A 10 -5.25 26.72 -43.83
C PRO A 10 -5.69 27.66 -44.94
N ILE A 11 -6.00 28.92 -44.57
CA ILE A 11 -6.40 29.95 -45.54
C ILE A 11 -5.19 30.35 -46.41
N ALA A 12 -4.00 30.43 -45.78
CA ALA A 12 -2.72 30.74 -46.43
C ALA A 12 -1.72 29.58 -46.18
N ASP A 13 -0.84 29.75 -45.17
CA ASP A 13 0.17 28.75 -44.79
C ASP A 13 0.41 28.79 -43.25
N GLU A 14 -0.42 29.57 -42.55
CA GLU A 14 -0.37 29.78 -41.10
C GLU A 14 -0.63 28.50 -40.29
N PRO A 15 -0.04 28.35 -39.08
CA PRO A 15 -0.35 27.16 -38.27
C PRO A 15 -1.70 27.31 -37.55
N LEU A 16 -2.27 26.18 -37.11
CA LEU A 16 -3.55 26.21 -36.39
C LEU A 16 -3.31 26.50 -34.90
N THR A 17 -3.87 27.62 -34.42
CA THR A 17 -3.75 28.02 -33.03
C THR A 17 -4.89 27.41 -32.20
N VAL A 18 -4.51 26.56 -31.22
CA VAL A 18 -5.46 25.95 -30.30
C VAL A 18 -5.30 26.69 -28.98
N ASN A 19 -6.31 27.50 -28.63
CA ASN A 19 -6.31 28.25 -27.37
C ASN A 19 -6.68 27.30 -26.25
N THR A 20 -5.91 27.33 -25.15
CA THR A 20 -6.11 26.43 -24.01
C THR A 20 -6.38 27.19 -22.70
N GLY A 21 -6.89 26.45 -21.71
CA GLY A 21 -7.22 26.98 -20.39
C GLY A 21 -7.63 25.92 -19.39
N ILE A 22 -6.78 25.70 -18.37
CA ILE A 22 -7.02 24.75 -17.28
C ILE A 22 -7.65 25.49 -16.08
N TYR A 23 -8.74 24.92 -15.50
CA TYR A 23 -9.41 25.45 -14.31
C TYR A 23 -9.43 24.33 -13.25
N LEU A 24 -8.58 24.46 -12.20
CA LEU A 24 -8.43 23.48 -11.11
C LEU A 24 -9.65 23.40 -10.22
N ILE A 25 -10.20 22.18 -10.08
CA ILE A 25 -11.34 21.91 -9.21
C ILE A 25 -10.83 21.35 -7.86
N GLU A 26 -9.88 20.38 -7.93
N GLU A 26 -9.87 20.40 -7.94
CA GLU A 26 -9.29 19.73 -6.76
CA GLU A 26 -9.27 19.74 -6.78
C GLU A 26 -7.79 19.47 -6.95
C GLU A 26 -7.77 19.52 -6.96
N CYS A 27 -7.04 19.58 -5.84
CA CYS A 27 -5.59 19.33 -5.75
C CYS A 27 -5.42 18.50 -4.53
N TYR A 28 -4.86 17.33 -4.70
CA TYR A 28 -4.69 16.40 -3.59
C TYR A 28 -3.45 15.54 -3.78
N SER A 29 -3.20 14.65 -2.82
CA SER A 29 -2.14 13.66 -2.75
C SER A 29 -0.76 14.15 -3.25
N LEU A 30 -0.21 15.23 -2.63
CA LEU A 30 1.14 15.63 -2.99
C LEU A 30 2.11 14.72 -2.23
N ASP A 31 2.65 13.72 -2.92
CA ASP A 31 3.60 12.73 -2.40
C ASP A 31 5.02 13.27 -2.61
N ASP A 32 5.73 13.52 -1.50
CA ASP A 32 7.10 14.03 -1.53
C ASP A 32 8.10 13.00 -2.02
N LYS A 33 8.00 11.75 -1.50
CA LYS A 33 8.86 10.63 -1.88
C LYS A 33 8.74 10.35 -3.39
N ALA A 34 7.49 10.31 -3.90
CA ALA A 34 7.18 10.05 -5.31
C ALA A 34 7.33 11.27 -6.24
N GLU A 35 7.31 12.50 -5.67
CA GLU A 35 7.39 13.77 -6.40
C GLU A 35 6.22 13.90 -7.39
N THR A 36 5.03 13.44 -6.94
CA THR A 36 3.78 13.47 -7.69
C THR A 36 2.68 14.16 -6.90
N PHE A 37 1.63 14.61 -7.62
CA PHE A 37 0.43 15.24 -7.06
C PHE A 37 -0.73 14.93 -7.96
N LYS A 38 -1.91 14.75 -7.38
CA LYS A 38 -3.09 14.45 -8.19
C LYS A 38 -3.91 15.71 -8.36
N VAL A 39 -4.46 15.87 -9.56
CA VAL A 39 -5.27 17.02 -9.92
C VAL A 39 -6.56 16.60 -10.64
N ASN A 40 -7.65 17.34 -10.40
CA ASN A 40 -8.96 17.15 -11.02
C ASN A 40 -9.35 18.54 -11.52
N ALA A 41 -9.36 18.73 -12.85
CA ALA A 41 -9.59 20.03 -13.45
C ALA A 41 -10.42 20.01 -14.71
N PHE A 42 -10.70 21.22 -15.24
CA PHE A 42 -11.38 21.44 -16.49
C PHE A 42 -10.32 21.80 -17.51
N LEU A 43 -10.39 21.21 -18.70
CA LEU A 43 -9.50 21.57 -19.81
C LEU A 43 -10.40 22.13 -20.86
N SER A 44 -10.11 23.37 -21.28
CA SER A 44 -10.89 24.04 -22.32
C SER A 44 -10.01 24.30 -23.54
N LEU A 45 -10.51 23.91 -24.71
CA LEU A 45 -9.81 24.12 -25.99
C LEU A 45 -10.69 24.90 -26.94
N SER A 46 -10.06 25.74 -27.81
CA SER A 46 -10.76 26.54 -28.81
C SER A 46 -9.90 26.75 -30.05
N TRP A 47 -10.47 26.46 -31.22
CA TRP A 47 -9.80 26.58 -32.52
C TRP A 47 -10.83 26.91 -33.57
N LYS A 48 -10.38 27.48 -34.71
CA LYS A 48 -11.26 27.82 -35.82
C LYS A 48 -11.22 26.73 -36.91
N ASP A 49 -12.39 26.18 -37.24
CA ASP A 49 -12.59 25.19 -38.29
C ASP A 49 -13.65 25.77 -39.22
N ARG A 50 -13.21 26.39 -40.33
CA ARG A 50 -14.07 27.04 -41.33
C ARG A 50 -15.08 26.09 -41.98
N ARG A 51 -14.79 24.78 -42.04
CA ARG A 51 -15.67 23.75 -42.61
C ARG A 51 -16.96 23.62 -41.77
N LEU A 52 -16.88 24.03 -40.48
CA LEU A 52 -17.98 23.98 -39.50
C LEU A 52 -18.79 25.30 -39.44
N ALA A 53 -18.34 26.35 -40.16
CA ALA A 53 -19.02 27.65 -40.20
C ALA A 53 -20.42 27.55 -40.81
N PHE A 54 -21.33 28.45 -40.39
CA PHE A 54 -22.73 28.47 -40.84
C PHE A 54 -23.37 29.87 -40.75
N ASP A 55 -24.49 30.08 -41.47
CA ASP A 55 -25.23 31.33 -41.42
C ASP A 55 -26.29 31.18 -40.33
N PRO A 56 -26.27 32.02 -39.25
CA PRO A 56 -27.25 31.86 -38.16
C PRO A 56 -28.72 32.12 -38.55
N VAL A 57 -28.92 32.90 -39.64
CA VAL A 57 -30.23 33.28 -40.19
C VAL A 57 -30.95 32.06 -40.81
N ARG A 58 -30.28 31.36 -41.74
CA ARG A 58 -30.77 30.18 -42.46
C ARG A 58 -30.93 28.96 -41.54
N SER A 59 -29.92 28.72 -40.70
CA SER A 59 -29.85 27.60 -39.76
C SER A 59 -30.82 27.72 -38.59
N GLY A 60 -31.20 28.95 -38.26
CA GLY A 60 -32.14 29.23 -37.18
C GLY A 60 -31.58 29.05 -35.78
N VAL A 61 -30.26 28.82 -35.67
CA VAL A 61 -29.57 28.62 -34.39
C VAL A 61 -28.25 29.41 -34.35
N ARG A 62 -27.89 29.97 -33.16
CA ARG A 62 -26.66 30.75 -33.00
C ARG A 62 -25.47 29.91 -32.60
N VAL A 63 -25.73 28.71 -32.07
CA VAL A 63 -24.73 27.76 -31.61
C VAL A 63 -25.12 26.35 -32.02
N LYS A 64 -24.14 25.55 -32.47
CA LYS A 64 -24.33 24.15 -32.86
C LYS A 64 -23.49 23.25 -31.93
N THR A 65 -24.14 22.28 -31.28
CA THR A 65 -23.50 21.33 -30.37
C THR A 65 -23.19 20.03 -31.14
N TYR A 66 -21.95 19.50 -30.98
CA TYR A 66 -21.49 18.29 -31.64
C TYR A 66 -20.97 17.25 -30.66
N GLU A 67 -21.03 15.98 -31.06
CA GLU A 67 -20.47 14.86 -30.29
C GLU A 67 -18.98 14.77 -30.69
N PRO A 68 -18.05 14.38 -29.78
CA PRO A 68 -16.62 14.37 -30.15
C PRO A 68 -16.25 13.63 -31.45
N GLU A 69 -16.93 12.50 -31.71
CA GLU A 69 -16.75 11.65 -32.89
C GLU A 69 -17.18 12.34 -34.19
N ALA A 70 -18.17 13.24 -34.12
CA ALA A 70 -18.71 13.96 -35.27
C ALA A 70 -17.71 14.90 -35.95
N ILE A 71 -16.88 15.61 -35.16
CA ILE A 71 -15.92 16.59 -35.70
C ILE A 71 -14.45 16.27 -35.38
N TRP A 72 -13.53 17.05 -35.99
CA TRP A 72 -12.08 16.94 -35.76
C TRP A 72 -11.73 17.68 -34.48
N ILE A 73 -11.02 17.00 -33.56
CA ILE A 73 -10.56 17.54 -32.29
C ILE A 73 -9.03 17.34 -32.17
N PRO A 74 -8.27 18.40 -31.82
CA PRO A 74 -6.81 18.24 -31.73
C PRO A 74 -6.42 17.33 -30.58
N GLU A 75 -5.47 16.41 -30.84
CA GLU A 75 -4.96 15.47 -29.84
C GLU A 75 -4.02 16.20 -28.87
N ILE A 76 -4.60 16.72 -27.78
CA ILE A 76 -3.87 17.43 -26.73
C ILE A 76 -3.52 16.38 -25.66
N ARG A 77 -2.23 16.29 -25.31
CA ARG A 77 -1.75 15.35 -24.31
C ARG A 77 -0.97 16.11 -23.23
N PHE A 78 -0.76 15.47 -22.08
CA PHE A 78 0.02 15.99 -20.96
C PHE A 78 1.36 15.30 -21.01
N VAL A 79 2.43 16.07 -20.88
CA VAL A 79 3.80 15.54 -20.94
C VAL A 79 4.13 14.71 -19.70
N ASN A 80 4.04 15.34 -18.51
CA ASN A 80 4.46 14.78 -17.21
C ASN A 80 3.34 14.08 -16.41
N VAL A 81 2.66 13.13 -17.04
CA VAL A 81 1.65 12.34 -16.35
C VAL A 81 2.12 10.90 -16.25
N GLU A 82 1.73 10.20 -15.15
CA GLU A 82 2.05 8.78 -14.95
C GLU A 82 1.38 7.98 -16.07
N ASN A 83 0.03 8.02 -16.10
CA ASN A 83 -0.78 7.40 -17.13
C ASN A 83 -1.63 8.48 -17.79
N ALA A 84 -2.13 8.22 -19.00
CA ALA A 84 -2.98 9.13 -19.77
C ALA A 84 -4.22 9.52 -18.94
N ARG A 85 -4.50 10.84 -18.88
CA ARG A 85 -5.62 11.45 -18.14
C ARG A 85 -6.98 10.76 -18.36
N ASP A 86 -7.76 10.70 -17.29
CA ASP A 86 -9.13 10.19 -17.28
C ASP A 86 -9.95 11.40 -17.66
N ALA A 87 -10.48 11.44 -18.90
CA ALA A 87 -11.25 12.59 -19.38
C ALA A 87 -12.69 12.27 -19.73
N ASP A 88 -13.57 13.27 -19.52
CA ASP A 88 -14.99 13.20 -19.85
CA ASP A 88 -15.01 13.22 -19.81
C ASP A 88 -15.40 14.53 -20.47
N VAL A 89 -15.85 14.49 -21.73
CA VAL A 89 -16.24 15.70 -22.46
C VAL A 89 -17.53 16.28 -21.85
N VAL A 90 -17.44 17.56 -21.44
CA VAL A 90 -18.53 18.32 -20.83
C VAL A 90 -19.37 18.95 -21.96
N ASP A 91 -18.74 19.63 -22.93
CA ASP A 91 -19.41 20.28 -24.05
C ASP A 91 -18.49 20.64 -25.23
N ILE A 92 -19.06 20.62 -26.45
CA ILE A 92 -18.44 21.01 -27.72
C ILE A 92 -19.46 21.92 -28.40
N SER A 93 -19.12 23.20 -28.59
CA SER A 93 -19.99 24.21 -29.18
C SER A 93 -19.35 24.98 -30.35
N VAL A 94 -20.06 25.10 -31.48
CA VAL A 94 -19.58 25.80 -32.67
C VAL A 94 -20.36 27.09 -32.90
N SER A 95 -19.63 28.20 -33.12
CA SER A 95 -20.20 29.51 -33.38
C SER A 95 -20.34 29.69 -34.91
N PRO A 96 -21.14 30.67 -35.42
CA PRO A 96 -21.32 30.79 -36.88
C PRO A 96 -20.04 30.89 -37.71
N ASP A 97 -18.96 31.50 -37.17
CA ASP A 97 -17.69 31.66 -37.89
C ASP A 97 -16.85 30.35 -37.94
N GLY A 98 -17.27 29.34 -37.18
CA GLY A 98 -16.60 28.04 -37.15
C GLY A 98 -15.67 27.85 -35.98
N THR A 99 -15.73 28.76 -34.97
CA THR A 99 -14.92 28.67 -33.77
C THR A 99 -15.50 27.64 -32.82
N VAL A 100 -14.75 26.53 -32.64
CA VAL A 100 -15.14 25.41 -31.79
C VAL A 100 -14.74 25.73 -30.35
N GLN A 101 -15.64 25.46 -29.38
CA GLN A 101 -15.39 25.64 -27.96
C GLN A 101 -15.61 24.33 -27.25
N TYR A 102 -14.49 23.64 -26.99
CA TYR A 102 -14.40 22.33 -26.35
C TYR A 102 -14.15 22.50 -24.87
N LEU A 103 -14.76 21.62 -24.06
CA LEU A 103 -14.59 21.56 -22.61
C LEU A 103 -14.69 20.12 -22.13
N GLU A 104 -13.72 19.71 -21.31
CA GLU A 104 -13.66 18.37 -20.73
C GLU A 104 -13.23 18.47 -19.29
N ARG A 105 -13.65 17.51 -18.47
CA ARG A 105 -13.22 17.44 -17.09
C ARG A 105 -12.28 16.25 -16.97
N PHE A 106 -11.06 16.48 -16.48
CA PHE A 106 -10.08 15.41 -16.36
C PHE A 106 -9.53 15.25 -14.95
N SER A 107 -8.81 14.15 -14.74
CA SER A 107 -8.08 13.83 -13.51
C SER A 107 -6.80 13.14 -13.94
N ALA A 108 -5.65 13.57 -13.37
CA ALA A 108 -4.36 12.99 -13.72
C ALA A 108 -3.39 12.99 -12.55
N ARG A 109 -2.46 12.01 -12.53
CA ARG A 109 -1.37 11.96 -11.55
C ARG A 109 -0.19 12.60 -12.28
N VAL A 110 0.23 13.79 -11.81
CA VAL A 110 1.27 14.61 -12.42
C VAL A 110 2.62 14.42 -11.71
N LEU A 111 3.66 14.11 -12.51
CA LEU A 111 5.06 13.91 -12.11
C LEU A 111 5.81 15.24 -12.13
N SER A 112 5.91 15.93 -11.02
CA SER A 112 6.64 17.19 -11.01
C SER A 112 7.74 17.18 -9.91
N PRO A 113 9.04 17.37 -10.28
CA PRO A 113 10.14 17.35 -9.28
C PRO A 113 10.11 18.45 -8.23
N LEU A 114 10.49 18.09 -7.00
CA LEU A 114 10.51 19.01 -5.86
C LEU A 114 11.92 19.29 -5.38
N ASP A 115 12.15 20.51 -4.84
CA ASP A 115 13.44 20.92 -4.30
C ASP A 115 13.39 20.94 -2.77
N PHE A 116 13.95 19.89 -2.16
CA PHE A 116 13.92 19.70 -0.71
C PHE A 116 15.02 20.44 0.07
N ARG A 117 15.90 21.20 -0.63
CA ARG A 117 16.99 21.97 -0.03
C ARG A 117 16.59 22.76 1.23
N ARG A 118 15.46 23.48 1.20
CA ARG A 118 15.03 24.28 2.37
C ARG A 118 13.94 23.61 3.22
N TYR A 119 13.69 22.31 3.01
CA TYR A 119 12.66 21.55 3.73
C TYR A 119 12.85 21.63 5.27
N PRO A 120 11.76 21.78 6.08
CA PRO A 120 10.35 21.91 5.70
C PRO A 120 9.88 23.35 5.50
N PHE A 121 10.81 24.29 5.28
CA PHE A 121 10.49 25.71 5.06
C PHE A 121 10.56 26.07 3.55
N ASP A 122 10.33 25.04 2.70
CA ASP A 122 10.40 25.10 1.24
C ASP A 122 9.11 25.52 0.55
N SER A 123 9.27 26.05 -0.66
CA SER A 123 8.22 26.44 -1.59
C SER A 123 8.51 25.68 -2.88
N GLN A 124 7.46 25.36 -3.62
CA GLN A 124 7.59 24.59 -4.85
C GLN A 124 6.81 25.22 -5.97
N THR A 125 7.24 24.98 -7.20
CA THR A 125 6.52 25.37 -8.41
C THR A 125 6.19 24.06 -9.10
N LEU A 126 4.94 23.62 -8.99
CA LEU A 126 4.47 22.41 -9.65
C LEU A 126 4.18 22.73 -11.13
N HIS A 127 4.37 21.74 -12.03
CA HIS A 127 4.17 21.96 -13.47
C HIS A 127 3.17 21.02 -14.09
N ILE A 128 2.38 21.56 -15.00
CA ILE A 128 1.43 20.80 -15.81
C ILE A 128 1.78 21.21 -17.23
N TYR A 129 2.38 20.28 -17.99
CA TYR A 129 2.77 20.57 -19.36
C TYR A 129 1.78 20.04 -20.37
N LEU A 130 1.19 20.94 -21.16
CA LEU A 130 0.26 20.61 -22.24
C LEU A 130 1.05 20.51 -23.53
N ILE A 131 0.78 19.51 -24.36
CA ILE A 131 1.50 19.36 -25.61
C ILE A 131 0.57 18.97 -26.77
N VAL A 132 0.96 19.33 -28.01
CA VAL A 132 0.26 18.97 -29.23
C VAL A 132 1.27 18.65 -30.34
N ARG A 133 1.06 17.53 -31.04
CA ARG A 133 1.95 17.12 -32.11
C ARG A 133 1.29 17.47 -33.44
N SER A 134 2.03 18.19 -34.29
CA SER A 134 1.57 18.62 -35.59
C SER A 134 1.34 17.44 -36.53
N VAL A 135 0.32 17.55 -37.38
CA VAL A 135 -0.02 16.53 -38.37
C VAL A 135 0.70 16.82 -39.69
N ASP A 136 0.72 15.86 -40.63
CA ASP A 136 1.41 16.06 -41.91
C ASP A 136 0.80 17.17 -42.77
N THR A 137 -0.54 17.30 -42.71
CA THR A 137 -1.31 18.29 -43.47
C THR A 137 -0.99 19.71 -42.95
N ARG A 138 -1.09 19.97 -41.62
CA ARG A 138 -0.76 21.29 -41.09
C ARG A 138 -0.23 21.27 -39.63
N ASN A 139 0.55 22.30 -39.30
CA ASN A 139 1.18 22.49 -38.00
C ASN A 139 0.24 23.09 -36.97
N ILE A 140 0.29 22.56 -35.73
CA ILE A 140 -0.55 23.00 -34.63
C ILE A 140 0.30 23.65 -33.54
N VAL A 141 -0.09 24.88 -33.15
CA VAL A 141 0.55 25.73 -32.14
C VAL A 141 -0.43 25.98 -30.99
N LEU A 142 0.07 25.93 -29.74
CA LEU A 142 -0.75 26.17 -28.55
C LEU A 142 -0.74 27.63 -28.10
N ALA A 143 -1.83 28.07 -27.47
CA ALA A 143 -2.01 29.42 -26.94
C ALA A 143 -2.71 29.34 -25.58
N VAL A 144 -2.66 30.43 -24.80
CA VAL A 144 -3.28 30.48 -23.49
C VAL A 144 -4.38 31.54 -23.50
N ASP A 145 -5.62 31.14 -23.22
CA ASP A 145 -6.73 32.08 -23.07
C ASP A 145 -6.78 32.31 -21.57
N LEU A 146 -6.18 33.43 -21.10
CA LEU A 146 -6.07 33.76 -19.67
C LEU A 146 -7.41 33.88 -18.96
N GLU A 147 -8.48 34.20 -19.70
CA GLU A 147 -9.85 34.29 -19.19
C GLU A 147 -10.37 32.92 -18.74
N LYS A 148 -9.77 31.83 -19.28
CA LYS A 148 -10.18 30.46 -19.00
C LYS A 148 -9.15 29.65 -18.18
N VAL A 149 -8.20 30.34 -17.51
CA VAL A 149 -7.20 29.75 -16.62
C VAL A 149 -7.53 30.24 -15.20
N GLY A 150 -7.76 29.32 -14.30
CA GLY A 150 -8.11 29.63 -12.90
C GLY A 150 -8.12 28.42 -12.00
N LYS A 151 -8.68 28.61 -10.79
CA LYS A 151 -8.81 27.58 -9.76
C LYS A 151 -9.97 27.90 -8.83
N ASN A 152 -10.61 26.86 -8.28
CA ASN A 152 -11.72 26.99 -7.33
C ASN A 152 -11.16 27.55 -6.01
N ASP A 153 -11.95 28.40 -5.32
CA ASP A 153 -11.56 29.04 -4.05
C ASP A 153 -11.36 28.00 -2.93
N ASP A 154 -12.06 26.87 -3.03
CA ASP A 154 -12.03 25.74 -2.10
C ASP A 154 -10.90 24.73 -2.36
N VAL A 155 -10.05 24.95 -3.41
CA VAL A 155 -8.92 24.05 -3.74
C VAL A 155 -7.95 24.07 -2.55
N PHE A 156 -7.84 22.91 -1.86
CA PHE A 156 -7.00 22.74 -0.69
C PHE A 156 -6.03 21.59 -0.88
N LEU A 157 -4.72 21.87 -0.78
CA LEU A 157 -3.70 20.85 -0.85
C LEU A 157 -3.19 20.70 0.57
N THR A 158 -3.57 19.58 1.23
CA THR A 158 -3.26 19.25 2.64
C THR A 158 -1.79 19.49 2.97
N GLY A 159 -1.54 20.34 3.98
CA GLY A 159 -0.21 20.70 4.47
C GLY A 159 0.58 21.64 3.58
N TRP A 160 -0.11 22.33 2.66
CA TRP A 160 0.45 23.27 1.70
C TRP A 160 -0.45 24.47 1.52
N ASP A 161 0.13 25.61 1.16
CA ASP A 161 -0.59 26.86 0.86
C ASP A 161 -0.45 27.10 -0.64
N ILE A 162 -1.59 27.23 -1.34
CA ILE A 162 -1.60 27.46 -2.79
C ILE A 162 -1.50 28.96 -3.04
N GLU A 163 -0.35 29.40 -3.57
CA GLU A 163 -0.08 30.80 -3.84
C GLU A 163 -0.73 31.31 -5.11
N SER A 164 -0.47 30.63 -6.26
CA SER A 164 -0.98 31.02 -7.57
C SER A 164 -0.98 29.88 -8.58
N PHE A 165 -1.86 30.01 -9.59
CA PHE A 165 -1.96 29.09 -10.70
C PHE A 165 -1.97 29.93 -11.95
N THR A 166 -0.83 29.97 -12.65
CA THR A 166 -0.67 30.77 -13.86
C THR A 166 -0.12 29.92 -15.01
N ALA A 167 -0.10 30.49 -16.22
CA ALA A 167 0.42 29.81 -17.40
C ALA A 167 1.45 30.68 -18.11
N VAL A 168 2.55 30.04 -18.56
CA VAL A 168 3.61 30.71 -19.33
C VAL A 168 3.03 30.78 -20.75
N VAL A 169 2.47 31.96 -21.08
CA VAL A 169 1.74 32.32 -22.32
C VAL A 169 2.45 31.97 -23.64
N LYS A 170 3.80 32.02 -23.66
CA LYS A 170 4.59 31.70 -24.85
C LYS A 170 4.92 30.20 -24.90
N PRO A 171 4.38 29.44 -25.89
CA PRO A 171 4.66 28.00 -25.94
C PRO A 171 6.10 27.65 -26.34
N ALA A 172 6.57 26.49 -25.91
CA ALA A 172 7.88 25.95 -26.26
C ALA A 172 7.70 25.13 -27.54
N ASN A 173 8.00 25.74 -28.70
CA ASN A 173 7.88 25.10 -30.01
C ASN A 173 9.21 24.45 -30.34
N PHE A 174 9.20 23.14 -30.59
CA PHE A 174 10.39 22.35 -30.89
C PHE A 174 10.08 21.18 -31.80
N ALA A 175 11.13 20.63 -32.43
CA ALA A 175 11.04 19.48 -33.30
C ALA A 175 11.27 18.22 -32.51
N LEU A 176 10.50 17.18 -32.81
CA LEU A 176 10.58 15.86 -32.20
C LEU A 176 10.15 14.83 -33.25
N GLU A 177 11.06 13.92 -33.60
CA GLU A 177 10.85 12.86 -34.61
C GLU A 177 10.33 13.45 -35.93
N ASP A 178 11.02 14.52 -36.41
CA ASP A 178 10.76 15.30 -37.63
C ASP A 178 9.34 15.94 -37.71
N ARG A 179 8.72 16.23 -36.56
CA ARG A 179 7.41 16.89 -36.49
C ARG A 179 7.40 17.95 -35.40
N LEU A 180 6.70 19.05 -35.64
CA LEU A 180 6.62 20.16 -34.70
C LEU A 180 5.74 19.80 -33.51
N GLU A 181 6.25 20.10 -32.31
CA GLU A 181 5.58 19.87 -31.05
C GLU A 181 5.50 21.21 -30.33
N SER A 182 4.31 21.58 -29.84
CA SER A 182 4.08 22.84 -29.14
C SER A 182 3.70 22.53 -27.69
N LYS A 183 4.58 22.93 -26.74
CA LYS A 183 4.45 22.69 -25.31
C LYS A 183 4.02 23.95 -24.55
N LEU A 184 3.16 23.79 -23.52
CA LEU A 184 2.70 24.90 -22.67
C LEU A 184 2.94 24.58 -21.21
N ASP A 185 3.40 25.58 -20.44
CA ASP A 185 3.72 25.41 -19.03
C ASP A 185 2.73 26.06 -18.09
N TYR A 186 1.93 25.23 -17.39
CA TYR A 186 0.98 25.65 -16.36
C TYR A 186 1.69 25.46 -15.04
N GLN A 187 1.91 26.57 -14.32
CA GLN A 187 2.65 26.57 -13.06
C GLN A 187 1.79 26.83 -11.83
N LEU A 188 1.76 25.86 -10.93
CA LEU A 188 1.07 25.93 -9.65
C LEU A 188 2.09 26.17 -8.54
N ARG A 189 2.10 27.41 -8.01
CA ARG A 189 3.01 27.81 -6.94
C ARG A 189 2.41 27.52 -5.58
N ILE A 190 3.12 26.72 -4.79
CA ILE A 190 2.71 26.30 -3.45
C ILE A 190 3.86 26.50 -2.46
N SER A 191 3.52 26.66 -1.16
CA SER A 191 4.51 26.79 -0.08
C SER A 191 4.05 25.95 1.10
N ARG A 192 4.98 25.16 1.64
CA ARG A 192 4.74 24.21 2.73
C ARG A 192 4.35 24.89 4.04
N GLN A 193 3.35 24.31 4.74
CA GLN A 193 2.88 24.73 6.05
C GLN A 193 3.80 24.03 7.07
N TYR A 194 4.87 24.73 7.46
CA TYR A 194 5.92 24.23 8.35
C TYR A 194 5.53 24.14 9.84
N PHE A 195 4.39 24.76 10.27
CA PHE A 195 3.91 24.80 11.65
C PHE A 195 4.14 23.50 12.45
N SER A 196 3.49 22.42 12.05
CA SER A 196 3.52 21.09 12.69
C SER A 196 4.91 20.54 12.96
N TYR A 197 5.89 20.81 12.10
CA TYR A 197 7.28 20.32 12.27
C TYR A 197 7.93 20.81 13.55
N ILE A 198 7.59 22.06 13.97
CA ILE A 198 8.12 22.67 15.17
C ILE A 198 7.74 21.86 16.45
N PRO A 199 6.45 21.65 16.83
CA PRO A 199 6.19 20.85 18.05
C PRO A 199 6.33 19.33 17.93
N ASN A 200 6.44 18.80 16.69
CA ASN A 200 6.50 17.36 16.48
C ASN A 200 7.88 16.78 16.27
N ILE A 201 8.77 17.54 15.60
CA ILE A 201 10.12 17.06 15.29
C ILE A 201 11.23 17.97 15.84
N ILE A 202 11.19 19.28 15.52
CA ILE A 202 12.24 20.23 15.91
C ILE A 202 12.40 20.34 17.42
N LEU A 203 11.39 20.84 18.14
CA LEU A 203 11.50 21.00 19.59
C LEU A 203 11.77 19.66 20.31
N PRO A 204 11.06 18.52 20.06
CA PRO A 204 11.46 17.26 20.73
C PRO A 204 12.93 16.90 20.49
N MET A 205 13.43 17.09 19.24
CA MET A 205 14.82 16.82 18.89
C MET A 205 15.82 17.71 19.65
N LEU A 206 15.47 18.99 19.90
CA LEU A 206 16.33 19.91 20.66
C LEU A 206 16.32 19.59 22.14
N PHE A 207 15.14 19.20 22.69
CA PHE A 207 14.98 18.82 24.09
C PHE A 207 15.85 17.62 24.43
N ILE A 208 15.84 16.56 23.60
CA ILE A 208 16.66 15.37 23.84
C ILE A 208 18.14 15.74 23.79
N LEU A 209 18.53 16.68 22.89
CA LEU A 209 19.92 17.17 22.78
C LEU A 209 20.34 17.91 24.06
N PHE A 210 19.47 18.80 24.59
CA PHE A 210 19.78 19.54 25.82
C PHE A 210 19.85 18.64 27.03
N ILE A 211 19.04 17.55 27.04
CA ILE A 211 19.05 16.54 28.10
C ILE A 211 20.43 15.86 28.15
N SER A 212 21.05 15.61 26.98
CA SER A 212 22.38 15.02 26.89
C SER A 212 23.46 15.93 27.51
N TRP A 213 23.26 17.27 27.44
CA TRP A 213 24.19 18.26 27.97
C TRP A 213 24.11 18.42 29.51
N THR A 214 23.16 17.72 30.16
CA THR A 214 23.08 17.72 31.63
C THR A 214 24.20 16.83 32.20
N ALA A 215 24.90 16.05 31.34
CA ALA A 215 26.03 15.19 31.70
C ALA A 215 27.26 16.07 32.04
N PHE A 216 27.20 17.36 31.63
CA PHE A 216 28.24 18.33 31.95
C PHE A 216 28.08 18.87 33.37
N TRP A 217 26.99 18.52 34.08
CA TRP A 217 26.76 18.91 35.48
C TRP A 217 26.74 17.68 36.38
N SER A 218 27.26 16.56 35.87
CA SER A 218 27.33 15.28 36.57
C SER A 218 28.74 14.70 36.50
N THR A 219 29.15 14.07 37.62
CA THR A 219 30.44 13.40 37.80
C THR A 219 30.31 11.86 37.69
N SER A 220 29.04 11.37 37.60
CA SER A 220 28.69 9.97 37.50
C SER A 220 28.81 9.46 36.06
N TYR A 221 29.93 8.78 35.73
CA TYR A 221 30.19 8.22 34.40
C TYR A 221 29.08 7.29 33.95
N GLU A 222 28.60 6.41 34.84
CA GLU A 222 27.53 5.46 34.57
C GLU A 222 26.27 6.20 34.10
N ALA A 223 25.86 7.25 34.85
CA ALA A 223 24.70 8.07 34.53
C ALA A 223 24.92 8.90 33.27
N ASN A 224 26.15 9.39 33.07
CA ASN A 224 26.52 10.17 31.88
C ASN A 224 26.43 9.32 30.64
N VAL A 225 26.96 8.09 30.69
CA VAL A 225 26.92 7.11 29.60
C VAL A 225 25.45 6.92 29.19
N THR A 226 24.57 6.68 30.19
CA THR A 226 23.12 6.50 30.02
C THR A 226 22.51 7.72 29.35
N LEU A 227 22.74 8.93 29.93
CA LEU A 227 22.23 10.19 29.38
C LEU A 227 22.57 10.39 27.91
N VAL A 228 23.87 10.29 27.55
CA VAL A 228 24.33 10.53 26.18
C VAL A 228 23.93 9.42 25.18
N VAL A 229 24.01 8.16 25.60
CA VAL A 229 23.68 7.05 24.72
C VAL A 229 22.16 6.95 24.46
N SER A 230 21.33 7.07 25.51
CA SER A 230 19.88 7.00 25.36
C SER A 230 19.36 8.08 24.45
N THR A 231 19.77 9.34 24.71
CA THR A 231 19.35 10.47 23.89
C THR A 231 19.84 10.31 22.44
N LEU A 232 21.03 9.67 22.23
CA LEU A 232 21.53 9.40 20.87
C LEU A 232 20.59 8.45 20.14
N ILE A 233 20.09 7.41 20.83
CA ILE A 233 19.15 6.44 20.27
C ILE A 233 17.85 7.15 19.84
N ALA A 234 17.32 8.06 20.71
CA ALA A 234 16.12 8.86 20.41
C ALA A 234 16.36 9.76 19.19
N HIS A 235 17.59 10.26 18.99
CA HIS A 235 17.92 11.07 17.82
C HIS A 235 17.93 10.22 16.54
N ILE A 236 18.42 8.96 16.64
CA ILE A 236 18.41 8.00 15.52
C ILE A 236 16.95 7.77 15.09
N ALA A 237 16.02 7.62 16.07
CA ALA A 237 14.58 7.45 15.82
C ALA A 237 14.00 8.65 15.03
N PHE A 238 14.32 9.90 15.45
CA PHE A 238 13.87 11.11 14.75
C PHE A 238 14.51 11.22 13.37
N ASN A 239 15.80 10.82 13.21
CA ASN A 239 16.46 10.80 11.90
C ASN A 239 15.70 9.84 10.97
N ILE A 240 15.41 8.58 11.44
CA ILE A 240 14.65 7.58 10.66
C ILE A 240 13.28 8.12 10.28
N LEU A 241 12.49 8.64 11.26
CA LEU A 241 11.17 9.22 11.02
C LEU A 241 11.21 10.28 9.92
N VAL A 242 12.15 11.24 9.99
CA VAL A 242 12.30 12.30 9.00
C VAL A 242 12.64 11.74 7.60
N GLU A 243 13.73 10.94 7.50
CA GLU A 243 14.20 10.40 6.22
C GLU A 243 13.19 9.45 5.54
N THR A 244 12.30 8.78 6.32
CA THR A 244 11.29 7.88 5.72
C THR A 244 10.26 8.67 4.88
N ASN A 245 9.85 9.90 5.31
CA ASN A 245 8.88 10.74 4.58
C ASN A 245 9.55 11.68 3.54
N LEU A 246 10.76 11.33 3.06
CA LEU A 246 11.52 12.13 2.09
C LEU A 246 12.29 11.28 1.08
N PRO A 247 12.41 11.73 -0.19
CA PRO A 247 13.20 10.96 -1.16
C PRO A 247 14.70 11.17 -0.98
N LYS A 248 15.50 10.22 -1.48
CA LYS A 248 16.95 10.27 -1.45
C LYS A 248 17.45 11.32 -2.44
N THR A 249 17.94 12.46 -1.90
CA THR A 249 18.43 13.61 -2.68
C THR A 249 19.95 13.56 -2.94
N PRO A 250 20.43 13.93 -4.15
CA PRO A 250 21.89 13.95 -4.40
C PRO A 250 22.57 15.20 -3.84
N TYR A 251 21.80 16.05 -3.12
CA TYR A 251 22.20 17.30 -2.51
C TYR A 251 21.87 17.27 -1.02
N MET A 252 22.46 18.19 -0.26
CA MET A 252 22.20 18.29 1.17
C MET A 252 20.99 19.18 1.40
N THR A 253 20.08 18.73 2.28
CA THR A 253 18.89 19.47 2.66
C THR A 253 19.17 20.19 3.99
N TYR A 254 18.32 21.16 4.36
CA TYR A 254 18.47 21.93 5.59
C TYR A 254 18.31 21.07 6.83
N THR A 255 17.21 20.30 6.89
CA THR A 255 16.91 19.36 7.98
C THR A 255 17.97 18.26 8.03
N GLY A 256 18.42 17.82 6.86
CA GLY A 256 19.44 16.78 6.72
C GLY A 256 20.77 17.17 7.33
N ALA A 257 21.20 18.43 7.09
CA ALA A 257 22.44 19.00 7.61
C ALA A 257 22.39 19.12 9.14
N ILE A 258 21.26 19.66 9.70
CA ILE A 258 21.05 19.82 11.13
C ILE A 258 21.09 18.46 11.81
N ILE A 259 20.26 17.50 11.34
CA ILE A 259 20.20 16.14 11.87
C ILE A 259 21.59 15.51 11.90
N PHE A 260 22.35 15.65 10.79
CA PHE A 260 23.72 15.14 10.68
C PHE A 260 24.67 15.79 11.68
N MET A 261 24.72 17.13 11.68
CA MET A 261 25.55 17.94 12.58
C MET A 261 25.32 17.55 14.05
N ILE A 262 24.04 17.31 14.44
CA ILE A 262 23.68 16.89 15.80
C ILE A 262 24.38 15.56 16.18
N TYR A 263 24.58 14.61 15.24
CA TYR A 263 25.31 13.36 15.51
C TYR A 263 26.73 13.66 16.00
N LEU A 264 27.36 14.73 15.46
CA LEU A 264 28.72 15.13 15.86
C LEU A 264 28.75 15.60 17.30
N PHE A 265 27.71 16.35 17.72
CA PHE A 265 27.57 16.84 19.10
C PHE A 265 27.46 15.69 20.08
N TYR A 266 26.73 14.62 19.70
CA TYR A 266 26.58 13.41 20.51
C TYR A 266 27.92 12.69 20.61
N PHE A 267 28.65 12.60 19.47
CA PHE A 267 29.96 11.96 19.40
C PHE A 267 30.95 12.65 20.31
N VAL A 268 31.03 13.98 20.22
CA VAL A 268 31.92 14.80 21.05
C VAL A 268 31.53 14.70 22.54
N ALA A 269 30.21 14.69 22.86
CA ALA A 269 29.74 14.52 24.25
C ALA A 269 30.22 13.20 24.84
N VAL A 270 30.16 12.09 24.05
CA VAL A 270 30.68 10.77 24.48
C VAL A 270 32.17 10.92 24.77
N ILE A 271 32.94 11.54 23.85
CA ILE A 271 34.38 11.80 24.03
C ILE A 271 34.63 12.56 25.34
N GLU A 272 33.91 13.67 25.59
CA GLU A 272 34.04 14.49 26.81
C GLU A 272 33.79 13.65 28.08
N VAL A 273 32.65 12.95 28.13
CA VAL A 273 32.23 12.06 29.21
C VAL A 273 33.32 10.99 29.52
N THR A 274 33.94 10.44 28.45
CA THR A 274 35.02 9.45 28.50
C THR A 274 36.30 10.10 29.08
N VAL A 275 36.70 11.28 28.53
CA VAL A 275 37.87 12.06 28.96
C VAL A 275 37.78 12.37 30.45
N GLN A 276 36.63 12.92 30.90
CA GLN A 276 36.35 13.23 32.30
C GLN A 276 36.61 12.02 33.21
N HIS A 277 36.05 10.83 32.87
CA HIS A 277 36.22 9.60 33.64
C HIS A 277 37.67 9.12 33.71
N TYR A 278 38.39 9.14 32.57
CA TYR A 278 39.80 8.72 32.50
C TYR A 278 40.65 9.54 33.48
N LEU A 279 40.42 10.87 33.53
CA LEU A 279 41.12 11.79 34.42
C LEU A 279 40.80 11.55 35.88
N LYS A 280 39.49 11.37 36.23
CA LYS A 280 39.05 11.10 37.61
CA LYS A 280 39.04 11.09 37.60
C LYS A 280 39.71 9.83 38.12
N VAL A 281 39.77 8.76 37.29
CA VAL A 281 40.40 7.47 37.62
C VAL A 281 41.93 7.68 37.83
N GLU A 282 42.56 8.51 36.96
CA GLU A 282 43.99 8.85 36.99
C GLU A 282 44.35 9.82 38.11
N SER A 283 43.38 10.13 39.00
CA SER A 283 43.52 11.04 40.14
C SER A 283 43.88 12.47 39.70
N GLN A 284 43.20 12.95 38.64
CA GLN A 284 43.36 14.30 38.10
C GLN A 284 41.97 14.97 37.97
N PRO A 285 41.15 15.07 39.06
CA PRO A 285 39.80 15.66 38.91
C PRO A 285 39.76 17.15 38.62
N ALA A 286 40.83 17.88 38.98
CA ALA A 286 40.96 19.32 38.74
C ALA A 286 40.98 19.63 37.24
N ARG A 287 41.67 18.79 36.44
CA ARG A 287 41.79 18.94 34.99
C ARG A 287 40.49 18.56 34.32
N ALA A 288 39.84 17.50 34.83
CA ALA A 288 38.54 17.01 34.39
C ALA A 288 37.49 18.08 34.64
N ALA A 289 37.58 18.78 35.80
CA ALA A 289 36.68 19.87 36.19
C ALA A 289 36.79 21.05 35.22
N SER A 290 38.01 21.34 34.71
CA SER A 290 38.27 22.44 33.76
C SER A 290 37.61 22.16 32.42
N ILE A 291 37.78 20.92 31.90
CA ILE A 291 37.22 20.48 30.62
C ILE A 291 35.68 20.48 30.69
N THR A 292 35.11 19.94 31.79
CA THR A 292 33.65 19.86 32.00
C THR A 292 33.06 21.26 32.09
N ARG A 293 33.72 22.19 32.80
CA ARG A 293 33.27 23.59 32.91
C ARG A 293 33.29 24.31 31.55
N ALA A 294 34.30 23.99 30.70
CA ALA A 294 34.45 24.56 29.36
C ALA A 294 33.32 24.08 28.44
N SER A 295 33.05 22.75 28.44
CA SER A 295 32.02 22.08 27.66
C SER A 295 30.65 22.70 27.88
N ARG A 296 30.33 23.07 29.15
CA ARG A 296 29.08 23.72 29.57
C ARG A 296 28.74 24.96 28.75
N ILE A 297 29.76 25.74 28.36
CA ILE A 297 29.66 26.96 27.56
C ILE A 297 29.88 26.62 26.08
N ALA A 298 30.96 25.88 25.76
CA ALA A 298 31.35 25.49 24.39
C ALA A 298 30.23 24.86 23.59
N PHE A 299 29.64 23.74 24.09
CA PHE A 299 28.56 23.00 23.43
C PHE A 299 27.38 23.90 22.99
N PRO A 300 26.70 24.68 23.88
CA PRO A 300 25.61 25.55 23.39
C PRO A 300 26.08 26.63 22.40
N VAL A 301 27.25 27.26 22.66
CA VAL A 301 27.83 28.31 21.80
C VAL A 301 28.11 27.79 20.39
N VAL A 302 28.85 26.67 20.27
CA VAL A 302 29.18 26.05 19.00
C VAL A 302 27.89 25.58 18.29
N PHE A 303 26.91 25.08 19.06
CA PHE A 303 25.63 24.67 18.48
C PHE A 303 24.90 25.85 17.87
N LEU A 304 24.80 26.95 18.63
CA LEU A 304 24.15 28.19 18.20
C LEU A 304 24.84 28.80 16.98
N LEU A 305 26.19 28.86 16.96
CA LEU A 305 26.96 29.39 15.83
C LEU A 305 26.82 28.55 14.58
N ALA A 306 26.93 27.21 14.72
CA ALA A 306 26.79 26.24 13.62
C ALA A 306 25.43 26.39 12.94
N ASN A 307 24.36 26.52 13.75
CA ASN A 307 22.99 26.73 13.26
C ASN A 307 22.84 28.05 12.52
N ILE A 308 23.48 29.14 13.01
CA ILE A 308 23.46 30.44 12.33
C ILE A 308 24.11 30.27 10.96
N ILE A 309 25.28 29.60 10.90
CA ILE A 309 26.02 29.31 9.66
C ILE A 309 25.14 28.53 8.67
N LEU A 310 24.49 27.45 9.14
CA LEU A 310 23.61 26.61 8.31
C LEU A 310 22.40 27.36 7.75
N ALA A 311 21.68 28.10 8.62
CA ALA A 311 20.52 28.91 8.23
C ALA A 311 20.94 29.96 7.20
N PHE A 312 22.16 30.50 7.35
CA PHE A 312 22.70 31.48 6.41
C PHE A 312 22.97 30.83 5.05
N LEU A 313 23.61 29.65 5.04
CA LEU A 313 23.94 28.93 3.81
C LEU A 313 22.69 28.50 3.05
N PHE A 314 21.64 28.09 3.77
CA PHE A 314 20.41 27.61 3.16
C PHE A 314 19.35 28.68 2.89
N PHE A 315 19.47 29.91 3.46
CA PHE A 315 18.42 30.92 3.26
C PHE A 315 18.93 32.32 2.92
N VAL B 5 -28.76 13.49 -29.28
CA VAL B 5 -29.85 13.94 -28.41
C VAL B 5 -29.52 15.29 -27.76
N SER B 6 -30.47 16.25 -27.86
CA SER B 6 -30.38 17.60 -27.32
C SER B 6 -31.24 17.74 -26.03
N PRO B 7 -31.12 18.82 -25.21
CA PRO B 7 -31.95 18.91 -23.99
C PRO B 7 -33.43 19.19 -24.27
N PRO B 8 -34.36 18.96 -23.30
CA PRO B 8 -35.78 19.23 -23.57
C PRO B 8 -36.05 20.72 -23.81
N PRO B 9 -36.87 21.08 -24.82
CA PRO B 9 -37.12 22.50 -25.09
C PRO B 9 -38.07 23.14 -24.06
N PRO B 10 -37.88 24.43 -23.70
CA PRO B 10 -38.76 25.05 -22.70
C PRO B 10 -40.12 25.46 -23.24
N ILE B 11 -41.17 25.35 -22.40
CA ILE B 11 -42.53 25.77 -22.77
C ILE B 11 -42.61 27.29 -22.89
N ALA B 12 -41.90 28.01 -22.00
CA ALA B 12 -41.81 29.47 -21.98
C ALA B 12 -40.33 29.89 -22.05
N ASP B 13 -39.71 30.19 -20.90
CA ASP B 13 -38.31 30.63 -20.80
C ASP B 13 -37.67 30.09 -19.51
N GLU B 14 -38.42 29.25 -18.78
CA GLU B 14 -38.03 28.65 -17.50
C GLU B 14 -36.81 27.72 -17.59
N PRO B 15 -35.98 27.60 -16.53
CA PRO B 15 -34.86 26.64 -16.60
C PRO B 15 -35.36 25.22 -16.32
N LEU B 16 -34.57 24.21 -16.71
CA LEU B 16 -34.93 22.82 -16.47
C LEU B 16 -34.55 22.39 -15.05
N THR B 17 -35.55 22.04 -14.24
CA THR B 17 -35.35 21.59 -12.87
C THR B 17 -35.11 20.08 -12.84
N VAL B 18 -33.92 19.68 -12.36
CA VAL B 18 -33.55 18.29 -12.19
C VAL B 18 -33.62 18.01 -10.70
N ASN B 19 -34.65 17.25 -10.27
CA ASN B 19 -34.82 16.88 -8.88
C ASN B 19 -33.85 15.76 -8.57
N THR B 20 -33.13 15.89 -7.43
CA THR B 20 -32.12 14.93 -7.03
C THR B 20 -32.41 14.31 -5.67
N GLY B 21 -31.66 13.24 -5.41
CA GLY B 21 -31.70 12.48 -4.18
C GLY B 21 -30.54 11.51 -4.12
N ILE B 22 -29.90 11.44 -2.94
CA ILE B 22 -28.82 10.51 -2.64
C ILE B 22 -29.29 9.64 -1.45
N TYR B 23 -29.22 8.31 -1.60
CA TYR B 23 -29.56 7.35 -0.55
C TYR B 23 -28.31 6.49 -0.27
N LEU B 24 -27.59 6.75 0.88
CA LEU B 24 -26.35 6.01 1.21
C LEU B 24 -26.61 4.59 1.61
N ILE B 25 -25.94 3.66 0.94
CA ILE B 25 -26.03 2.21 1.18
C ILE B 25 -24.87 1.81 2.12
N GLU B 26 -23.64 2.30 1.82
CA GLU B 26 -22.43 2.01 2.59
CA GLU B 26 -22.42 2.02 2.58
C GLU B 26 -21.54 3.25 2.74
N CYS B 27 -20.83 3.33 3.87
CA CYS B 27 -19.87 4.36 4.21
C CYS B 27 -18.71 3.66 4.79
N TYR B 28 -17.53 3.86 4.21
CA TYR B 28 -16.32 3.17 4.66
C TYR B 28 -15.05 4.00 4.45
N SER B 29 -13.89 3.36 4.64
CA SER B 29 -12.53 3.89 4.47
C SER B 29 -12.37 5.42 4.78
N LEU B 30 -12.91 5.92 5.95
CA LEU B 30 -12.67 7.32 6.29
C LEU B 30 -11.22 7.44 6.72
N ASP B 31 -10.43 8.00 5.83
CA ASP B 31 -8.99 8.23 5.96
C ASP B 31 -8.75 9.67 6.48
N ASP B 32 -8.17 9.76 7.68
CA ASP B 32 -7.87 11.04 8.31
C ASP B 32 -6.72 11.77 7.66
N LYS B 33 -5.63 11.04 7.37
CA LYS B 33 -4.43 11.56 6.71
C LYS B 33 -4.81 12.12 5.34
N ALA B 34 -5.61 11.36 4.56
CA ALA B 34 -6.07 11.75 3.21
C ALA B 34 -7.23 12.75 3.18
N GLU B 35 -7.99 12.85 4.29
CA GLU B 35 -9.20 13.69 4.42
C GLU B 35 -10.28 13.28 3.38
N THR B 36 -10.33 11.95 3.13
CA THR B 36 -11.22 11.26 2.21
C THR B 36 -12.04 10.18 2.90
N PHE B 37 -13.22 9.91 2.33
CA PHE B 37 -14.13 8.84 2.80
C PHE B 37 -14.80 8.25 1.59
N LYS B 38 -15.11 6.97 1.64
CA LYS B 38 -15.78 6.30 0.53
C LYS B 38 -17.26 6.15 0.85
N VAL B 39 -18.07 6.25 -0.21
CA VAL B 39 -19.52 6.14 -0.21
C VAL B 39 -20.00 5.27 -1.38
N ASN B 40 -20.96 4.40 -1.10
CA ASN B 40 -21.65 3.56 -2.07
C ASN B 40 -23.12 3.91 -1.88
N ALA B 41 -23.72 4.59 -2.86
CA ALA B 41 -25.07 5.11 -2.73
C ALA B 41 -25.90 5.03 -3.99
N PHE B 42 -27.17 5.44 -3.85
CA PHE B 42 -28.12 5.55 -4.96
C PHE B 42 -28.24 7.01 -5.29
N LEU B 43 -28.19 7.34 -6.59
CA LEU B 43 -28.41 8.70 -7.08
C LEU B 43 -29.67 8.63 -7.90
N SER B 44 -30.67 9.42 -7.51
CA SER B 44 -31.93 9.48 -8.23
C SER B 44 -32.14 10.85 -8.85
N LEU B 45 -32.48 10.88 -10.15
CA LEU B 45 -32.73 12.12 -10.88
C LEU B 45 -34.11 12.07 -11.52
N SER B 46 -34.77 13.24 -11.62
CA SER B 46 -36.09 13.39 -12.22
C SER B 46 -36.26 14.74 -12.89
N TRP B 47 -36.69 14.73 -14.15
CA TRP B 47 -36.92 15.92 -14.97
C TRP B 47 -38.04 15.61 -15.98
N LYS B 48 -38.65 16.66 -16.56
CA LYS B 48 -39.71 16.50 -17.57
C LYS B 48 -39.10 16.71 -18.97
N ASP B 49 -39.27 15.70 -19.86
CA ASP B 49 -38.87 15.73 -21.27
C ASP B 49 -40.11 15.38 -22.06
N ARG B 50 -40.91 16.42 -22.38
CA ARG B 50 -42.18 16.32 -23.09
C ARG B 50 -42.08 15.63 -24.45
N ARG B 51 -40.87 15.49 -25.03
CA ARG B 51 -40.64 14.81 -26.30
C ARG B 51 -40.81 13.29 -26.14
N LEU B 52 -40.69 12.78 -24.91
CA LEU B 52 -40.82 11.35 -24.61
C LEU B 52 -42.27 10.93 -24.29
N ALA B 53 -43.21 11.91 -24.35
CA ALA B 53 -44.63 11.72 -24.08
C ALA B 53 -45.21 10.65 -24.96
N PHE B 54 -46.11 9.85 -24.39
CA PHE B 54 -46.76 8.73 -25.09
C PHE B 54 -48.20 8.49 -24.61
N ASP B 55 -49.00 7.83 -25.46
CA ASP B 55 -50.36 7.43 -25.11
C ASP B 55 -50.29 5.95 -24.73
N PRO B 56 -50.55 5.61 -23.44
CA PRO B 56 -50.48 4.19 -23.03
C PRO B 56 -51.54 3.29 -23.68
N VAL B 57 -52.54 3.89 -24.36
CA VAL B 57 -53.56 3.14 -25.07
C VAL B 57 -52.86 2.53 -26.31
N ARG B 58 -52.12 3.37 -27.05
CA ARG B 58 -51.36 2.98 -28.25
C ARG B 58 -50.13 2.15 -27.86
N SER B 59 -49.32 2.66 -26.90
CA SER B 59 -48.09 2.00 -26.43
C SER B 59 -48.32 0.64 -25.75
N GLY B 60 -49.49 0.45 -25.15
CA GLY B 60 -49.86 -0.78 -24.46
C GLY B 60 -49.25 -0.92 -23.08
N VAL B 61 -48.45 0.08 -22.67
CA VAL B 61 -47.79 0.11 -21.38
C VAL B 61 -47.91 1.50 -20.74
N ARG B 62 -48.20 1.54 -19.43
CA ARG B 62 -48.41 2.75 -18.62
C ARG B 62 -47.14 3.50 -18.31
N VAL B 63 -45.98 2.83 -18.37
CA VAL B 63 -44.65 3.39 -18.10
C VAL B 63 -43.66 2.82 -19.11
N LYS B 64 -42.88 3.68 -19.76
CA LYS B 64 -41.85 3.23 -20.70
C LYS B 64 -40.50 3.19 -20.02
N THR B 65 -39.73 2.15 -20.30
CA THR B 65 -38.37 1.98 -19.81
C THR B 65 -37.40 2.21 -20.97
N TYR B 66 -36.36 3.02 -20.76
CA TYR B 66 -35.36 3.34 -21.78
C TYR B 66 -33.94 3.02 -21.33
N GLU B 67 -33.05 2.77 -22.31
CA GLU B 67 -31.62 2.56 -22.09
C GLU B 67 -30.99 3.96 -22.03
N PRO B 68 -29.94 4.21 -21.21
CA PRO B 68 -29.38 5.58 -21.10
C PRO B 68 -29.03 6.28 -22.43
N GLU B 69 -28.49 5.51 -23.39
CA GLU B 69 -28.10 5.96 -24.72
C GLU B 69 -29.29 6.40 -25.59
N ALA B 70 -30.46 5.79 -25.37
CA ALA B 70 -31.69 6.09 -26.11
C ALA B 70 -32.23 7.51 -25.93
N ILE B 71 -32.16 8.05 -24.69
CA ILE B 71 -32.69 9.39 -24.39
C ILE B 71 -31.65 10.39 -23.86
N TRP B 72 -32.06 11.67 -23.70
CA TRP B 72 -31.22 12.74 -23.14
C TRP B 72 -31.26 12.64 -21.63
N ILE B 73 -30.05 12.60 -21.01
CA ILE B 73 -29.87 12.54 -19.56
C ILE B 73 -28.97 13.71 -19.14
N PRO B 74 -29.34 14.49 -18.10
CA PRO B 74 -28.50 15.61 -17.68
C PRO B 74 -27.18 15.13 -17.10
N GLU B 75 -26.09 15.79 -17.51
CA GLU B 75 -24.74 15.48 -17.07
C GLU B 75 -24.57 16.01 -15.66
N ILE B 76 -24.88 15.15 -14.67
CA ILE B 76 -24.73 15.44 -13.24
C ILE B 76 -23.36 14.91 -12.84
N ARG B 77 -22.54 15.77 -12.25
CA ARG B 77 -21.20 15.40 -11.80
C ARG B 77 -21.07 15.75 -10.32
N PHE B 78 -20.06 15.15 -9.68
CA PHE B 78 -19.71 15.41 -8.28
C PHE B 78 -18.51 16.33 -8.30
N VAL B 79 -18.57 17.40 -7.48
CA VAL B 79 -17.47 18.38 -7.42
C VAL B 79 -16.23 17.79 -6.75
N ASN B 80 -16.36 17.34 -5.50
CA ASN B 80 -15.25 16.89 -4.66
C ASN B 80 -14.98 15.35 -4.65
N VAL B 81 -14.90 14.76 -5.81
CA VAL B 81 -14.52 13.35 -5.92
C VAL B 81 -13.08 13.25 -6.39
N GLU B 82 -12.37 12.18 -6.02
CA GLU B 82 -11.00 11.97 -6.50
C GLU B 82 -11.08 11.80 -8.04
N ASN B 83 -11.69 10.68 -8.45
CA ASN B 83 -11.92 10.33 -9.85
C ASN B 83 -13.44 10.26 -10.06
N ALA B 84 -13.87 10.30 -11.33
CA ALA B 84 -15.28 10.21 -11.72
C ALA B 84 -15.91 8.93 -11.17
N ARG B 85 -17.09 9.07 -10.52
CA ARG B 85 -17.85 8.00 -9.88
C ARG B 85 -18.05 6.76 -10.77
N ASP B 86 -18.02 5.58 -10.14
CA ASP B 86 -18.26 4.31 -10.77
C ASP B 86 -19.76 4.17 -10.69
N ALA B 87 -20.47 4.34 -11.81
CA ALA B 87 -21.94 4.29 -11.82
C ALA B 87 -22.51 3.17 -12.66
N ASP B 88 -23.65 2.63 -12.20
CA ASP B 88 -24.41 1.60 -12.89
CA ASP B 88 -24.42 1.57 -12.86
C ASP B 88 -25.89 1.97 -12.82
N VAL B 89 -26.50 2.20 -13.98
CA VAL B 89 -27.90 2.58 -14.08
C VAL B 89 -28.79 1.41 -13.65
N VAL B 90 -29.64 1.68 -12.64
CA VAL B 90 -30.59 0.73 -12.06
C VAL B 90 -31.86 0.74 -12.90
N ASP B 91 -32.42 1.95 -13.18
CA ASP B 91 -33.65 2.11 -13.97
C ASP B 91 -33.86 3.54 -14.48
N ILE B 92 -34.49 3.63 -15.67
CA ILE B 92 -34.92 4.87 -16.34
C ILE B 92 -36.37 4.62 -16.74
N SER B 93 -37.31 5.36 -16.13
CA SER B 93 -38.74 5.20 -16.37
C SER B 93 -39.42 6.52 -16.76
N VAL B 94 -40.05 6.52 -17.92
CA VAL B 94 -40.76 7.67 -18.45
C VAL B 94 -42.26 7.39 -18.34
N SER B 95 -43.00 8.38 -17.79
CA SER B 95 -44.45 8.30 -17.68
C SER B 95 -45.12 9.05 -18.87
N PRO B 96 -46.42 8.81 -19.18
CA PRO B 96 -47.04 9.46 -20.37
C PRO B 96 -46.79 10.95 -20.59
N ASP B 97 -46.60 11.74 -19.52
CA ASP B 97 -46.36 13.18 -19.60
C ASP B 97 -44.92 13.54 -20.03
N GLY B 98 -44.01 12.57 -19.89
CA GLY B 98 -42.61 12.74 -20.23
C GLY B 98 -41.72 12.92 -19.02
N THR B 99 -42.23 12.61 -17.80
CA THR B 99 -41.46 12.71 -16.56
C THR B 99 -40.54 11.52 -16.41
N VAL B 100 -39.25 11.76 -16.65
CA VAL B 100 -38.22 10.73 -16.55
C VAL B 100 -37.86 10.54 -15.09
N GLN B 101 -37.75 9.28 -14.64
CA GLN B 101 -37.31 8.88 -13.31
C GLN B 101 -36.10 7.97 -13.47
N TYR B 102 -34.93 8.58 -13.27
CA TYR B 102 -33.62 7.97 -13.39
C TYR B 102 -33.14 7.53 -12.02
N LEU B 103 -32.46 6.37 -11.97
CA LEU B 103 -31.85 5.81 -10.78
C LEU B 103 -30.57 5.06 -11.14
N GLU B 104 -29.50 5.36 -10.41
CA GLU B 104 -28.21 4.73 -10.60
C GLU B 104 -27.59 4.43 -9.26
N ARG B 105 -26.75 3.39 -9.21
CA ARG B 105 -26.02 3.08 -8.00
C ARG B 105 -24.55 3.42 -8.26
N PHE B 106 -23.98 4.27 -7.42
CA PHE B 106 -22.60 4.69 -7.60
C PHE B 106 -21.71 4.41 -6.38
N SER B 107 -20.41 4.54 -6.58
CA SER B 107 -19.38 4.45 -5.54
C SER B 107 -18.34 5.51 -5.89
N ALA B 108 -17.96 6.30 -4.90
CA ALA B 108 -16.97 7.37 -5.10
C ALA B 108 -16.14 7.63 -3.85
N ARG B 109 -14.87 8.09 -4.04
CA ARG B 109 -13.97 8.54 -2.98
C ARG B 109 -14.23 10.07 -2.88
N VAL B 110 -14.58 10.53 -1.72
CA VAL B 110 -14.97 11.92 -1.59
C VAL B 110 -13.95 12.70 -0.78
N LEU B 111 -13.65 13.93 -1.21
CA LEU B 111 -12.71 14.84 -0.55
C LEU B 111 -13.50 15.72 0.46
N SER B 112 -13.26 15.53 1.75
CA SER B 112 -13.94 16.38 2.75
C SER B 112 -12.99 16.78 3.85
N PRO B 113 -12.57 18.06 3.85
CA PRO B 113 -11.63 18.49 4.89
C PRO B 113 -12.13 18.28 6.32
N LEU B 114 -11.21 17.79 7.15
CA LEU B 114 -11.51 17.51 8.54
C LEU B 114 -10.85 18.51 9.48
N ASP B 115 -11.52 18.81 10.60
CA ASP B 115 -11.00 19.70 11.63
C ASP B 115 -10.52 18.88 12.83
N PHE B 116 -9.19 18.68 12.91
CA PHE B 116 -8.56 17.88 13.96
C PHE B 116 -8.33 18.61 15.30
N ARG B 117 -8.68 19.92 15.39
CA ARG B 117 -8.51 20.76 16.59
C ARG B 117 -8.92 20.05 17.90
N ARG B 118 -10.11 19.41 17.94
CA ARG B 118 -10.57 18.71 19.15
C ARG B 118 -10.33 17.19 19.18
N TYR B 119 -9.52 16.66 18.22
CA TYR B 119 -9.20 15.23 18.10
C TYR B 119 -8.62 14.65 19.41
N PRO B 120 -9.03 13.42 19.84
CA PRO B 120 -9.98 12.49 19.19
C PRO B 120 -11.44 12.68 19.67
N PHE B 121 -11.77 13.84 20.27
CA PHE B 121 -13.14 14.17 20.73
C PHE B 121 -13.83 15.13 19.74
N ASP B 122 -13.53 14.94 18.44
CA ASP B 122 -14.01 15.74 17.32
C ASP B 122 -15.23 15.15 16.60
N SER B 123 -15.96 16.04 15.92
CA SER B 123 -17.11 15.76 15.07
C SER B 123 -16.78 16.39 13.71
N GLN B 124 -17.38 15.84 12.64
CA GLN B 124 -17.09 16.29 11.28
C GLN B 124 -18.34 16.37 10.47
N THR B 125 -18.32 17.23 9.44
CA THR B 125 -19.45 17.36 8.53
C THR B 125 -18.89 17.05 7.18
N LEU B 126 -19.25 15.90 6.67
CA LEU B 126 -18.75 15.53 5.34
C LEU B 126 -19.63 16.14 4.29
N HIS B 127 -19.06 16.33 3.09
CA HIS B 127 -19.81 16.94 2.00
C HIS B 127 -19.76 16.13 0.74
N ILE B 128 -20.90 16.10 0.07
CA ILE B 128 -21.08 15.49 -1.23
C ILE B 128 -21.72 16.60 -2.05
N TYR B 129 -20.96 17.18 -2.99
CA TYR B 129 -21.47 18.26 -3.82
C TYR B 129 -21.88 17.78 -5.18
N LEU B 130 -23.16 17.96 -5.51
CA LEU B 130 -23.72 17.62 -6.81
C LEU B 130 -23.70 18.86 -7.66
N ILE B 131 -23.30 18.73 -8.93
CA ILE B 131 -23.27 19.90 -9.82
C ILE B 131 -23.81 19.57 -11.22
N VAL B 132 -24.32 20.60 -11.91
CA VAL B 132 -24.81 20.51 -13.29
C VAL B 132 -24.42 21.78 -14.05
N ARG B 133 -23.84 21.62 -15.23
CA ARG B 133 -23.46 22.75 -16.06
C ARG B 133 -24.52 22.95 -17.15
N SER B 134 -25.04 24.18 -17.24
CA SER B 134 -26.06 24.55 -18.21
C SER B 134 -25.54 24.47 -19.64
N VAL B 135 -26.41 24.08 -20.56
CA VAL B 135 -26.08 23.98 -21.98
C VAL B 135 -26.43 25.29 -22.70
N ASP B 136 -25.98 25.43 -23.96
CA ASP B 136 -26.24 26.61 -24.81
C ASP B 136 -27.73 26.89 -24.89
N THR B 137 -28.48 25.84 -25.27
CA THR B 137 -29.91 25.82 -25.57
C THR B 137 -30.73 26.24 -24.34
N ARG B 138 -30.51 25.60 -23.16
CA ARG B 138 -31.25 25.99 -21.95
C ARG B 138 -30.48 25.73 -20.64
N ASN B 139 -30.82 26.52 -19.61
CA ASN B 139 -30.23 26.48 -18.29
C ASN B 139 -30.81 25.38 -17.44
N ILE B 140 -29.92 24.66 -16.70
CA ILE B 140 -30.31 23.57 -15.82
C ILE B 140 -30.05 23.95 -14.36
N VAL B 141 -31.09 23.79 -13.53
CA VAL B 141 -31.12 24.09 -12.10
C VAL B 141 -31.40 22.79 -11.32
N LEU B 142 -30.69 22.59 -10.19
CA LEU B 142 -30.85 21.42 -9.34
C LEU B 142 -31.87 21.65 -8.21
N ALA B 143 -32.53 20.57 -7.78
CA ALA B 143 -33.52 20.58 -6.70
C ALA B 143 -33.31 19.33 -5.84
N VAL B 144 -33.89 19.33 -4.64
CA VAL B 144 -33.80 18.22 -3.71
C VAL B 144 -35.19 17.65 -3.48
N ASP B 145 -35.38 16.37 -3.81
CA ASP B 145 -36.63 15.67 -3.51
C ASP B 145 -36.31 14.97 -2.18
N LEU B 146 -36.76 15.58 -1.05
CA LEU B 146 -36.46 15.09 0.30
C LEU B 146 -36.95 13.67 0.58
N GLU B 147 -37.98 13.22 -0.15
CA GLU B 147 -38.54 11.87 -0.06
C GLU B 147 -37.52 10.84 -0.56
N LYS B 148 -36.57 11.27 -1.41
CA LYS B 148 -35.57 10.39 -2.00
C LYS B 148 -34.12 10.63 -1.48
N VAL B 149 -33.99 11.30 -0.31
CA VAL B 149 -32.70 11.55 0.37
C VAL B 149 -32.74 10.77 1.69
N GLY B 150 -31.72 9.94 1.91
CA GLY B 150 -31.62 9.14 3.12
C GLY B 150 -30.41 8.24 3.21
N LYS B 151 -30.46 7.28 4.14
CA LYS B 151 -29.39 6.31 4.42
C LYS B 151 -29.93 5.02 5.02
N ASN B 152 -29.24 3.91 4.73
CA ASN B 152 -29.59 2.59 5.25
C ASN B 152 -29.31 2.57 6.76
N ASP B 153 -30.15 1.85 7.54
CA ASP B 153 -30.04 1.76 9.00
C ASP B 153 -28.74 1.04 9.43
N ASP B 154 -28.23 0.16 8.55
CA ASP B 154 -27.01 -0.64 8.71
C ASP B 154 -25.72 0.09 8.29
N VAL B 155 -25.81 1.36 7.80
CA VAL B 155 -24.63 2.15 7.39
C VAL B 155 -23.73 2.35 8.61
N PHE B 156 -22.54 1.74 8.58
CA PHE B 156 -21.57 1.79 9.67
C PHE B 156 -20.22 2.33 9.18
N LEU B 157 -19.76 3.42 9.77
CA LEU B 157 -18.46 3.98 9.44
C LEU B 157 -17.59 3.65 10.65
N THR B 158 -16.67 2.66 10.49
CA THR B 158 -15.76 2.13 11.52
C THR B 158 -15.10 3.24 12.34
N GLY B 159 -15.31 3.21 13.65
CA GLY B 159 -14.77 4.18 14.60
C GLY B 159 -15.43 5.55 14.62
N TRP B 160 -16.64 5.63 14.03
CA TRP B 160 -17.42 6.85 13.91
C TRP B 160 -18.90 6.58 14.15
N ASP B 161 -19.63 7.60 14.61
CA ASP B 161 -21.07 7.55 14.82
C ASP B 161 -21.70 8.46 13.78
N ILE B 162 -22.64 7.93 12.98
CA ILE B 162 -23.31 8.70 11.94
C ILE B 162 -24.54 9.37 12.56
N GLU B 163 -24.48 10.70 12.68
CA GLU B 163 -25.54 11.50 13.28
C GLU B 163 -26.70 11.76 12.36
N SER B 164 -26.44 12.32 11.15
CA SER B 164 -27.47 12.66 10.17
C SER B 164 -26.90 12.77 8.76
N PHE B 165 -27.77 12.56 7.76
CA PHE B 165 -27.42 12.72 6.37
C PHE B 165 -28.52 13.54 5.73
N THR B 166 -28.31 14.87 5.57
CA THR B 166 -29.30 15.82 5.05
C THR B 166 -28.76 16.57 3.82
N ALA B 167 -29.64 17.33 3.13
CA ALA B 167 -29.28 18.11 1.96
C ALA B 167 -29.73 19.56 2.12
N VAL B 168 -28.83 20.49 1.73
CA VAL B 168 -29.12 21.92 1.74
C VAL B 168 -29.96 22.15 0.46
N VAL B 169 -31.29 22.20 0.65
CA VAL B 169 -32.37 22.30 -0.33
C VAL B 169 -32.20 23.42 -1.38
N LYS B 170 -31.60 24.58 -1.00
CA LYS B 170 -31.39 25.72 -1.89
C LYS B 170 -30.06 25.54 -2.65
N PRO B 171 -30.08 25.36 -4.00
CA PRO B 171 -28.81 25.19 -4.74
C PRO B 171 -28.00 26.47 -4.84
N ALA B 172 -26.68 26.32 -4.97
CA ALA B 172 -25.76 27.42 -5.15
C ALA B 172 -25.64 27.64 -6.66
N ASN B 173 -26.41 28.62 -7.19
CA ASN B 173 -26.41 28.97 -8.61
C ASN B 173 -25.38 30.07 -8.83
N PHE B 174 -24.40 29.80 -9.69
CA PHE B 174 -23.28 30.71 -9.98
C PHE B 174 -22.77 30.56 -11.41
N ALA B 175 -22.04 31.58 -11.89
CA ALA B 175 -21.44 31.57 -13.20
C ALA B 175 -20.02 31.01 -13.13
N LEU B 176 -19.64 30.20 -14.12
CA LEU B 176 -18.32 29.59 -14.24
C LEU B 176 -18.02 29.42 -15.71
N GLU B 177 -16.93 30.05 -16.20
CA GLU B 177 -16.50 30.02 -17.61
C GLU B 177 -17.65 30.34 -18.57
N ASP B 178 -18.35 31.47 -18.27
CA ASP B 178 -19.48 32.05 -19.02
C ASP B 178 -20.73 31.14 -19.13
N ARG B 179 -20.92 30.18 -18.19
CA ARG B 179 -22.08 29.29 -18.16
C ARG B 179 -22.59 29.10 -16.74
N LEU B 180 -23.90 28.93 -16.58
CA LEU B 180 -24.53 28.75 -15.27
C LEU B 180 -24.26 27.34 -14.74
N GLU B 181 -23.88 27.29 -13.48
CA GLU B 181 -23.58 26.07 -12.75
C GLU B 181 -24.48 26.04 -11.52
N SER B 182 -25.17 24.91 -11.28
CA SER B 182 -26.06 24.74 -10.13
C SER B 182 -25.49 23.64 -9.24
N LYS B 183 -25.05 24.03 -8.02
CA LYS B 183 -24.42 23.16 -7.01
C LYS B 183 -25.39 22.80 -5.88
N LEU B 184 -25.31 21.56 -5.37
CA LEU B 184 -26.11 21.09 -4.23
C LEU B 184 -25.22 20.49 -3.15
N ASP B 185 -25.53 20.81 -1.88
CA ASP B 185 -24.74 20.34 -0.74
C ASP B 185 -25.41 19.23 0.08
N TYR B 186 -24.87 18.00 -0.03
CA TYR B 186 -25.31 16.86 0.76
C TYR B 186 -24.33 16.74 1.93
N GLN B 187 -24.87 16.92 3.17
CA GLN B 187 -24.06 16.93 4.40
C GLN B 187 -24.26 15.71 5.30
N LEU B 188 -23.18 14.92 5.47
CA LEU B 188 -23.16 13.76 6.34
C LEU B 188 -22.43 14.12 7.64
N ARG B 189 -23.21 14.28 8.74
CA ARG B 189 -22.69 14.60 10.05
C ARG B 189 -22.29 13.35 10.82
N ILE B 190 -21.02 13.28 11.22
CA ILE B 190 -20.44 12.16 11.96
C ILE B 190 -19.67 12.67 13.18
N SER B 191 -19.52 11.82 14.22
CA SER B 191 -18.75 12.13 15.43
C SER B 191 -17.93 10.92 15.82
N ARG B 192 -16.65 11.16 16.11
CA ARG B 192 -15.67 10.13 16.44
C ARG B 192 -15.94 9.39 17.73
N GLN B 193 -15.76 8.05 17.70
CA GLN B 193 -15.88 7.16 18.85
C GLN B 193 -14.50 7.18 19.54
N TYR B 194 -14.38 8.07 20.54
CA TYR B 194 -13.15 8.31 21.29
C TYR B 194 -12.74 7.22 22.31
N PHE B 195 -13.67 6.28 22.64
CA PHE B 195 -13.46 5.20 23.63
C PHE B 195 -12.06 4.59 23.63
N SER B 196 -11.68 3.93 22.52
CA SER B 196 -10.41 3.22 22.33
C SER B 196 -9.15 4.02 22.65
N TYR B 197 -9.16 5.33 22.40
CA TYR B 197 -8.02 6.22 22.68
C TYR B 197 -7.62 6.25 24.15
N ILE B 198 -8.62 6.16 25.05
CA ILE B 198 -8.42 6.17 26.48
C ILE B 198 -7.53 4.97 26.96
N PRO B 199 -7.91 3.67 26.79
CA PRO B 199 -7.00 2.59 27.24
C PRO B 199 -5.79 2.30 26.36
N ASN B 200 -5.73 2.83 25.14
CA ASN B 200 -4.64 2.52 24.21
C ASN B 200 -3.56 3.55 24.11
N ILE B 201 -3.89 4.85 24.31
CA ILE B 201 -2.93 5.94 24.18
C ILE B 201 -2.88 6.82 25.41
N ILE B 202 -4.03 7.42 25.81
CA ILE B 202 -4.11 8.35 26.93
C ILE B 202 -3.60 7.76 28.23
N LEU B 203 -4.27 6.74 28.79
CA LEU B 203 -3.86 6.12 30.06
C LEU B 203 -2.43 5.55 30.00
N PRO B 204 -2.03 4.75 28.96
CA PRO B 204 -0.62 4.30 28.91
C PRO B 204 0.40 5.45 28.94
N MET B 205 0.06 6.56 28.30
CA MET B 205 0.90 7.76 28.26
C MET B 205 0.98 8.47 29.61
N LEU B 206 -0.12 8.49 30.40
CA LEU B 206 -0.14 9.11 31.73
C LEU B 206 0.61 8.25 32.74
N PHE B 207 0.49 6.90 32.63
CA PHE B 207 1.20 5.95 33.48
C PHE B 207 2.70 6.09 33.36
N ILE B 208 3.23 6.19 32.11
CA ILE B 208 4.68 6.36 31.91
C ILE B 208 5.16 7.72 32.45
N LEU B 209 4.29 8.75 32.41
CA LEU B 209 4.59 10.07 32.98
C LEU B 209 4.67 10.00 34.51
N PHE B 210 3.71 9.30 35.16
CA PHE B 210 3.70 9.17 36.62
C PHE B 210 4.85 8.33 37.13
N ILE B 211 5.29 7.33 36.32
CA ILE B 211 6.46 6.49 36.63
C ILE B 211 7.72 7.36 36.69
N SER B 212 7.84 8.34 35.81
CA SER B 212 8.97 9.27 35.81
C SER B 212 9.01 10.10 37.10
N TRP B 213 7.83 10.43 37.68
CA TRP B 213 7.73 11.24 38.91
C TRP B 213 8.10 10.47 40.18
N THR B 214 8.39 9.17 40.06
CA THR B 214 8.83 8.36 41.18
C THR B 214 10.31 8.69 41.48
N ALA B 215 10.98 9.44 40.59
CA ALA B 215 12.36 9.90 40.76
C ALA B 215 12.42 10.99 41.85
N PHE B 216 11.23 11.56 42.21
CA PHE B 216 11.12 12.55 43.28
C PHE B 216 11.11 11.87 44.66
N TRP B 217 11.06 10.53 44.71
CA TRP B 217 11.12 9.75 45.95
C TRP B 217 12.37 8.86 45.98
N SER B 218 13.38 9.24 45.16
CA SER B 218 14.65 8.54 45.05
C SER B 218 15.81 9.52 45.08
N THR B 219 16.89 9.10 45.74
CA THR B 219 18.15 9.84 45.91
C THR B 219 19.25 9.31 44.95
N SER B 220 18.94 8.18 44.25
CA SER B 220 19.84 7.51 43.31
C SER B 220 19.80 8.17 41.93
N TYR B 221 20.80 9.03 41.64
CA TYR B 221 20.90 9.74 40.36
C TYR B 221 20.90 8.79 39.17
N GLU B 222 21.67 7.70 39.27
CA GLU B 222 21.78 6.66 38.24
C GLU B 222 20.40 6.08 37.89
N ALA B 223 19.61 5.73 38.92
CA ALA B 223 18.24 5.20 38.77
C ALA B 223 17.29 6.28 38.28
N ASN B 224 17.45 7.53 38.76
CA ASN B 224 16.62 8.66 38.35
C ASN B 224 16.79 8.95 36.88
N VAL B 225 18.06 8.98 36.40
CA VAL B 225 18.43 9.19 35.00
C VAL B 225 17.68 8.17 34.15
N THR B 226 17.76 6.88 34.55
CA THR B 226 17.10 5.74 33.91
C THR B 226 15.58 5.96 33.87
N LEU B 227 14.96 6.21 35.04
CA LEU B 227 13.53 6.48 35.14
C LEU B 227 13.04 7.57 34.19
N VAL B 228 13.65 8.75 34.21
CA VAL B 228 13.22 9.89 33.40
C VAL B 228 13.55 9.73 31.90
N VAL B 229 14.72 9.19 31.58
CA VAL B 229 15.13 9.02 30.18
C VAL B 229 14.32 7.91 29.49
N SER B 230 14.16 6.74 30.16
CA SER B 230 13.41 5.61 29.61
C SER B 230 11.95 5.96 29.32
N THR B 231 11.28 6.62 30.28
CA THR B 231 9.90 7.04 30.12
C THR B 231 9.78 8.14 29.05
N LEU B 232 10.84 8.95 28.85
CA LEU B 232 10.83 9.95 27.78
C LEU B 232 10.84 9.27 26.42
N ILE B 233 11.65 8.20 26.28
CA ILE B 233 11.72 7.41 25.05
C ILE B 233 10.34 6.79 24.71
N ALA B 234 9.63 6.24 25.73
CA ALA B 234 8.29 5.67 25.58
C ALA B 234 7.30 6.76 25.14
N HIS B 235 7.49 8.01 25.60
CA HIS B 235 6.61 9.12 25.20
C HIS B 235 6.86 9.50 23.74
N ILE B 236 8.13 9.44 23.29
CA ILE B 236 8.51 9.72 21.88
C ILE B 236 7.79 8.69 20.99
N ALA B 237 7.76 7.40 21.41
CA ALA B 237 7.06 6.32 20.72
C ALA B 237 5.55 6.63 20.56
N PHE B 238 4.88 7.08 21.66
CA PHE B 238 3.47 7.47 21.63
C PHE B 238 3.25 8.67 20.75
N ASN B 239 4.16 9.67 20.79
CA ASN B 239 4.08 10.86 19.93
C ASN B 239 4.12 10.41 18.45
N ILE B 240 5.14 9.57 18.07
CA ILE B 240 5.26 9.02 16.71
C ILE B 240 3.99 8.28 16.30
N LEU B 241 3.52 7.33 17.12
CA LEU B 241 2.29 6.56 16.87
C LEU B 241 1.11 7.47 16.55
N VAL B 242 0.86 8.47 17.41
CA VAL B 242 -0.25 9.41 17.21
C VAL B 242 -0.11 10.22 15.91
N GLU B 243 1.04 10.92 15.72
CA GLU B 243 1.28 11.77 14.55
C GLU B 243 1.28 10.99 13.21
N THR B 244 1.63 9.68 13.21
CA THR B 244 1.60 8.88 11.97
C THR B 244 0.16 8.70 11.42
N ASN B 245 -0.86 8.53 12.29
CA ASN B 245 -2.26 8.38 11.89
C ASN B 245 -3.04 9.74 11.77
N LEU B 246 -2.30 10.84 11.56
CA LEU B 246 -2.87 12.19 11.44
C LEU B 246 -2.16 13.04 10.40
N PRO B 247 -2.89 13.91 9.65
CA PRO B 247 -2.20 14.80 8.70
C PRO B 247 -1.53 15.98 9.41
N LYS B 248 -0.52 16.56 8.75
CA LYS B 248 0.21 17.72 9.25
C LYS B 248 -0.69 18.95 9.15
N THR B 249 -1.17 19.42 10.31
CA THR B 249 -2.09 20.58 10.42
C THR B 249 -1.36 21.91 10.61
N PRO B 250 -1.83 23.00 9.96
CA PRO B 250 -1.19 24.33 10.18
C PRO B 250 -1.63 25.00 11.48
N TYR B 251 -2.41 24.28 12.29
CA TYR B 251 -2.97 24.69 13.58
C TYR B 251 -2.61 23.68 14.66
N MET B 252 -2.78 24.07 15.92
CA MET B 252 -2.51 23.18 17.04
C MET B 252 -3.76 22.37 17.36
N THR B 253 -3.58 21.06 17.56
CA THR B 253 -4.66 20.15 17.94
C THR B 253 -4.61 19.93 19.44
N TYR B 254 -5.70 19.38 20.03
CA TYR B 254 -5.80 19.12 21.46
C TYR B 254 -4.77 18.08 21.93
N THR B 255 -4.73 16.92 21.23
CA THR B 255 -3.79 15.85 21.50
C THR B 255 -2.34 16.33 21.25
N GLY B 256 -2.16 17.16 20.23
CA GLY B 256 -0.87 17.73 19.88
C GLY B 256 -0.29 18.60 20.97
N ALA B 257 -1.15 19.46 21.58
CA ALA B 257 -0.80 20.38 22.66
C ALA B 257 -0.38 19.60 23.92
N ILE B 258 -1.18 18.58 24.32
CA ILE B 258 -0.92 17.71 25.48
C ILE B 258 0.39 16.98 25.31
N ILE B 259 0.56 16.26 24.17
CA ILE B 259 1.79 15.52 23.84
C ILE B 259 3.00 16.43 23.95
N PHE B 260 2.92 17.65 23.36
CA PHE B 260 3.99 18.65 23.40
C PHE B 260 4.30 19.10 24.82
N MET B 261 3.26 19.55 25.56
CA MET B 261 3.35 20.02 26.95
C MET B 261 4.04 18.96 27.84
N ILE B 262 3.72 17.67 27.65
CA ILE B 262 4.33 16.57 28.40
C ILE B 262 5.86 16.53 28.20
N TYR B 263 6.38 16.88 26.99
CA TYR B 263 7.85 16.95 26.75
C TYR B 263 8.51 17.95 27.71
N LEU B 264 7.81 19.05 28.04
CA LEU B 264 8.32 20.07 28.96
C LEU B 264 8.45 19.52 30.37
N PHE B 265 7.48 18.69 30.80
CA PHE B 265 7.50 18.04 32.12
C PHE B 265 8.68 17.10 32.23
N TYR B 266 9.01 16.36 31.14
CA TYR B 266 10.17 15.47 31.09
C TYR B 266 11.46 16.27 31.16
N PHE B 267 11.51 17.41 30.44
CA PHE B 267 12.67 18.29 30.41
C PHE B 267 12.94 18.85 31.80
N VAL B 268 11.90 19.36 32.47
CA VAL B 268 12.02 19.92 33.82
C VAL B 268 12.40 18.81 34.84
N ALA B 269 11.85 17.58 34.70
CA ALA B 269 12.21 16.45 35.56
C ALA B 269 13.71 16.13 35.45
N VAL B 270 14.27 16.14 34.21
CA VAL B 270 15.71 15.93 33.98
C VAL B 270 16.48 17.03 34.75
N ILE B 271 16.07 18.31 34.58
CA ILE B 271 16.68 19.45 35.26
C ILE B 271 16.65 19.22 36.79
N GLU B 272 15.49 18.84 37.37
CA GLU B 272 15.35 18.59 38.81
C GLU B 272 16.30 17.51 39.29
N VAL B 273 16.28 16.34 38.63
CA VAL B 273 17.14 15.18 38.89
C VAL B 273 18.64 15.58 38.88
N THR B 274 19.03 16.43 37.90
CA THR B 274 20.38 16.98 37.73
C THR B 274 20.74 17.92 38.91
N VAL B 275 19.83 18.89 39.22
CA VAL B 275 19.97 19.87 40.31
C VAL B 275 20.18 19.14 41.63
N GLN B 276 19.31 18.16 41.95
CA GLN B 276 19.39 17.33 43.16
C GLN B 276 20.79 16.71 43.31
N HIS B 277 21.32 16.06 42.25
CA HIS B 277 22.64 15.42 42.25
C HIS B 277 23.79 16.40 42.47
N TYR B 278 23.76 17.57 41.79
CA TYR B 278 24.79 18.60 41.91
C TYR B 278 24.92 19.06 43.37
N LEU B 279 23.77 19.27 44.05
CA LEU B 279 23.71 19.69 45.45
C LEU B 279 24.22 18.62 46.40
N LYS B 280 23.81 17.34 46.20
CA LYS B 280 24.25 16.21 47.03
CA LYS B 280 24.26 16.19 47.01
C LYS B 280 25.78 16.07 46.95
N VAL B 281 26.36 16.19 45.73
CA VAL B 281 27.81 16.14 45.50
C VAL B 281 28.50 17.33 46.20
N GLU B 282 27.90 18.54 46.13
CA GLU B 282 28.38 19.78 46.74
C GLU B 282 28.18 19.81 48.28
N SER B 283 27.72 18.69 48.86
CA SER B 283 27.46 18.50 50.29
C SER B 283 26.39 19.49 50.81
N GLN B 284 25.30 19.61 50.04
CA GLN B 284 24.14 20.44 50.37
C GLN B 284 22.85 19.59 50.21
N PRO B 285 22.72 18.42 50.90
CA PRO B 285 21.51 17.60 50.70
C PRO B 285 20.22 18.19 51.25
N ALA B 286 20.32 19.11 52.25
CA ALA B 286 19.18 19.78 52.85
C ALA B 286 18.44 20.66 51.83
N ARG B 287 19.18 21.34 50.94
CA ARG B 287 18.63 22.22 49.89
C ARG B 287 18.03 21.37 48.78
N ALA B 288 18.71 20.25 48.44
CA ALA B 288 18.28 19.27 47.46
C ALA B 288 16.97 18.63 47.94
N ALA B 289 16.87 18.36 49.26
CA ALA B 289 15.68 17.78 49.89
C ALA B 289 14.47 18.71 49.78
N SER B 290 14.70 20.04 49.88
CA SER B 290 13.65 21.07 49.78
C SER B 290 13.07 21.10 48.37
N ILE B 291 13.95 21.12 47.34
CA ILE B 291 13.56 21.15 45.92
C ILE B 291 12.80 19.87 45.55
N THR B 292 13.32 18.70 45.97
CA THR B 292 12.71 17.39 45.70
C THR B 292 11.33 17.29 46.35
N ARG B 293 11.19 17.77 47.60
CA ARG B 293 9.91 17.77 48.32
C ARG B 293 8.88 18.67 47.62
N ALA B 294 9.34 19.82 47.07
CA ALA B 294 8.50 20.78 46.35
C ALA B 294 7.97 20.17 45.06
N SER B 295 8.88 19.55 44.27
CA SER B 295 8.61 18.89 42.98
C SER B 295 7.51 17.85 43.09
N ARG B 296 7.50 17.08 44.20
CA ARG B 296 6.49 16.06 44.55
C ARG B 296 5.05 16.56 44.45
N ILE B 297 4.83 17.84 44.87
CA ILE B 297 3.55 18.53 44.85
C ILE B 297 3.41 19.34 43.55
N ALA B 298 4.43 20.16 43.22
CA ALA B 298 4.46 21.03 42.05
C ALA B 298 4.10 20.34 40.74
N PHE B 299 4.86 19.28 40.36
CA PHE B 299 4.65 18.52 39.12
C PHE B 299 3.20 18.05 38.92
N PRO B 300 2.54 17.30 39.85
CA PRO B 300 1.12 16.93 39.62
C PRO B 300 0.18 18.14 39.55
N VAL B 301 0.38 19.15 40.42
CA VAL B 301 -0.44 20.37 40.49
C VAL B 301 -0.38 21.16 39.16
N VAL B 302 0.84 21.47 38.69
CA VAL B 302 1.06 22.19 37.44
C VAL B 302 0.51 21.36 36.26
N PHE B 303 0.67 20.03 36.30
CA PHE B 303 0.14 19.16 35.26
C PHE B 303 -1.38 19.24 35.19
N LEU B 304 -2.04 19.12 36.35
CA LEU B 304 -3.48 19.20 36.49
C LEU B 304 -4.03 20.56 36.04
N LEU B 305 -3.38 21.67 36.46
CA LEU B 305 -3.80 23.02 36.07
C LEU B 305 -3.64 23.28 34.59
N ALA B 306 -2.47 22.89 34.01
CA ALA B 306 -2.17 23.04 32.59
C ALA B 306 -3.22 22.34 31.74
N ASN B 307 -3.59 21.10 32.11
CA ASN B 307 -4.62 20.30 31.44
C ASN B 307 -6.00 20.95 31.50
N ILE B 308 -6.36 21.56 32.67
CA ILE B 308 -7.63 22.28 32.84
C ILE B 308 -7.63 23.45 31.84
N ILE B 309 -6.52 24.22 31.79
CA ILE B 309 -6.33 25.36 30.87
C ILE B 309 -6.50 24.91 29.40
N LEU B 310 -5.82 23.82 29.00
CA LEU B 310 -5.90 23.28 27.64
C LEU B 310 -7.30 22.83 27.24
N ALA B 311 -7.96 22.02 28.09
CA ALA B 311 -9.32 21.54 27.88
C ALA B 311 -10.28 22.72 27.76
N PHE B 312 -10.04 23.79 28.55
CA PHE B 312 -10.85 24.99 28.50
C PHE B 312 -10.67 25.72 27.18
N LEU B 313 -9.40 25.86 26.71
CA LEU B 313 -9.10 26.56 25.44
C LEU B 313 -9.70 25.84 24.24
N PHE B 314 -9.60 24.50 24.20
CA PHE B 314 -10.10 23.72 23.06
C PHE B 314 -11.60 23.45 23.07
N PHE B 315 -12.17 22.96 24.18
CA PHE B 315 -13.57 22.54 24.23
C PHE B 315 -14.58 23.59 24.76
N VAL C 5 -36.25 -5.08 -23.99
CA VAL C 5 -36.83 -6.23 -23.28
C VAL C 5 -37.45 -5.81 -21.94
N SER C 6 -38.70 -6.23 -21.73
CA SER C 6 -39.49 -5.94 -20.52
C SER C 6 -39.56 -7.20 -19.61
N PRO C 7 -40.02 -7.11 -18.33
CA PRO C 7 -40.06 -8.33 -17.49
C PRO C 7 -41.16 -9.31 -17.91
N PRO C 8 -41.12 -10.61 -17.47
CA PRO C 8 -42.17 -11.55 -17.86
C PRO C 8 -43.54 -11.15 -17.31
N PRO C 9 -44.61 -11.22 -18.12
CA PRO C 9 -45.94 -10.81 -17.61
C PRO C 9 -46.54 -11.85 -16.66
N PRO C 10 -47.29 -11.43 -15.62
CA PRO C 10 -47.87 -12.41 -14.68
C PRO C 10 -49.12 -13.11 -15.22
N ILE C 11 -49.31 -14.39 -14.83
CA ILE C 11 -50.49 -15.18 -15.22
C ILE C 11 -51.74 -14.64 -14.51
N ALA C 12 -51.57 -14.25 -13.22
CA ALA C 12 -52.63 -13.66 -12.39
C ALA C 12 -52.18 -12.28 -11.88
N ASP C 13 -51.65 -12.21 -10.64
CA ASP C 13 -51.16 -10.98 -10.02
C ASP C 13 -49.94 -11.28 -9.12
N GLU C 14 -49.46 -12.54 -9.16
CA GLU C 14 -48.34 -13.06 -8.38
C GLU C 14 -47.00 -12.36 -8.68
N PRO C 15 -46.07 -12.24 -7.69
CA PRO C 15 -44.78 -11.64 -8.01
C PRO C 15 -43.86 -12.65 -8.69
N LEU C 16 -42.80 -12.16 -9.36
CA LEU C 16 -41.84 -13.03 -10.04
C LEU C 16 -40.80 -13.55 -9.05
N THR C 17 -40.76 -14.88 -8.84
CA THR C 17 -39.80 -15.51 -7.95
C THR C 17 -38.50 -15.83 -8.69
N VAL C 18 -37.40 -15.22 -8.24
CA VAL C 18 -36.07 -15.45 -8.79
C VAL C 18 -35.35 -16.32 -7.77
N ASN C 19 -35.15 -17.60 -8.11
CA ASN C 19 -34.43 -18.55 -7.24
C ASN C 19 -32.94 -18.27 -7.38
N THR C 20 -32.26 -18.18 -6.23
CA THR C 20 -30.83 -17.85 -6.17
C THR C 20 -29.97 -18.92 -5.48
N GLY C 21 -28.65 -18.79 -5.61
CA GLY C 21 -27.68 -19.69 -5.01
C GLY C 21 -26.24 -19.35 -5.30
N ILE C 22 -25.48 -19.00 -4.25
CA ILE C 22 -24.05 -18.67 -4.32
C ILE C 22 -23.21 -19.91 -4.00
N TYR C 23 -22.20 -20.21 -4.84
CA TYR C 23 -21.27 -21.31 -4.63
C TYR C 23 -19.86 -20.70 -4.59
N LEU C 24 -19.25 -20.60 -3.36
CA LEU C 24 -17.91 -20.01 -3.19
C LEU C 24 -16.83 -20.89 -3.71
N ILE C 25 -15.99 -20.33 -4.59
CA ILE C 25 -14.82 -20.99 -5.19
C ILE C 25 -13.57 -20.63 -4.37
N GLU C 26 -13.42 -19.32 -4.01
CA GLU C 26 -12.31 -18.75 -3.26
C GLU C 26 -12.78 -17.76 -2.20
N CYS C 27 -12.09 -17.74 -1.05
CA CYS C 27 -12.28 -16.83 0.07
C CYS C 27 -10.92 -16.39 0.46
N TYR C 28 -10.66 -15.11 0.39
CA TYR C 28 -9.35 -14.57 0.69
C TYR C 28 -9.45 -13.18 1.27
N SER C 29 -8.28 -12.62 1.63
CA SER C 29 -8.07 -11.29 2.15
C SER C 29 -9.10 -10.83 3.22
N LEU C 30 -9.22 -11.57 4.36
CA LEU C 30 -10.08 -11.08 5.44
C LEU C 30 -9.25 -10.04 6.20
N ASP C 31 -9.54 -8.76 5.95
CA ASP C 31 -8.89 -7.62 6.57
C ASP C 31 -9.69 -7.25 7.83
N ASP C 32 -9.08 -7.37 8.99
CA ASP C 32 -9.71 -7.06 10.27
C ASP C 32 -9.92 -5.55 10.47
N LYS C 33 -8.87 -4.76 10.18
CA LYS C 33 -8.91 -3.30 10.28
C LYS C 33 -10.01 -2.73 9.38
N ALA C 34 -10.09 -3.21 8.12
CA ALA C 34 -11.08 -2.78 7.13
C ALA C 34 -12.46 -3.40 7.28
N GLU C 35 -12.55 -4.58 7.98
CA GLU C 35 -13.77 -5.36 8.17
C GLU C 35 -14.34 -5.79 6.81
N THR C 36 -13.43 -6.16 5.89
CA THR C 36 -13.75 -6.64 4.55
C THR C 36 -13.10 -8.00 4.26
N PHE C 37 -13.64 -8.70 3.23
CA PHE C 37 -13.15 -9.97 2.69
C PHE C 37 -13.41 -10.01 1.19
N LYS C 38 -12.59 -10.77 0.48
CA LYS C 38 -12.74 -10.92 -0.96
C LYS C 38 -13.24 -12.32 -1.21
N VAL C 39 -14.22 -12.42 -2.11
CA VAL C 39 -14.88 -13.65 -2.49
C VAL C 39 -14.85 -13.79 -4.03
N ASN C 40 -14.69 -15.03 -4.53
CA ASN C 40 -14.75 -15.41 -5.94
C ASN C 40 -15.72 -16.59 -5.96
N ALA C 41 -16.93 -16.39 -6.51
CA ALA C 41 -18.00 -17.39 -6.47
C ALA C 41 -18.84 -17.45 -7.71
N PHE C 42 -19.76 -18.42 -7.74
CA PHE C 42 -20.75 -18.63 -8.79
C PHE C 42 -22.08 -18.09 -8.29
N LEU C 43 -22.77 -17.30 -9.11
CA LEU C 43 -24.11 -16.81 -8.81
C LEU C 43 -24.99 -17.49 -9.78
N SER C 44 -26.00 -18.19 -9.27
CA SER C 44 -26.95 -18.90 -10.09
C SER C 44 -28.33 -18.28 -9.89
N LEU C 45 -29.04 -17.97 -11.00
CA LEU C 45 -30.40 -17.42 -10.97
C LEU C 45 -31.33 -18.25 -11.83
N SER C 46 -32.60 -18.36 -11.42
CA SER C 46 -33.63 -19.11 -12.14
C SER C 46 -35.00 -18.49 -11.96
N TRP C 47 -35.69 -18.23 -13.07
CA TRP C 47 -37.03 -17.64 -13.10
C TRP C 47 -37.78 -18.18 -14.31
N LYS C 48 -39.13 -18.10 -14.27
CA LYS C 48 -39.97 -18.52 -15.40
C LYS C 48 -40.39 -17.33 -16.27
N ASP C 49 -40.09 -17.43 -17.57
CA ASP C 49 -40.47 -16.45 -18.59
C ASP C 49 -41.23 -17.22 -19.67
N ARG C 50 -42.57 -17.19 -19.60
CA ARG C 50 -43.46 -17.91 -20.52
C ARG C 50 -43.31 -17.50 -21.99
N ARG C 51 -42.83 -16.28 -22.26
CA ARG C 51 -42.57 -15.75 -23.61
C ARG C 51 -41.45 -16.55 -24.29
N LEU C 52 -40.57 -17.18 -23.49
CA LEU C 52 -39.43 -17.99 -23.94
C LEU C 52 -39.76 -19.48 -24.05
N ALA C 53 -41.01 -19.89 -23.67
CA ALA C 53 -41.50 -21.27 -23.75
C ALA C 53 -41.52 -21.78 -25.19
N PHE C 54 -41.35 -23.10 -25.37
CA PHE C 54 -41.31 -23.77 -26.67
C PHE C 54 -41.71 -25.24 -26.58
N ASP C 55 -42.07 -25.85 -27.74
CA ASP C 55 -42.41 -27.27 -27.82
C ASP C 55 -41.12 -28.05 -28.14
N PRO C 56 -40.67 -28.98 -27.26
CA PRO C 56 -39.41 -29.71 -27.54
C PRO C 56 -39.49 -30.68 -28.72
N VAL C 57 -40.68 -31.26 -28.99
CA VAL C 57 -40.89 -32.18 -30.12
C VAL C 57 -40.84 -31.44 -31.47
N ARG C 58 -41.38 -30.19 -31.51
CA ARG C 58 -41.39 -29.35 -32.71
C ARG C 58 -40.02 -28.70 -32.96
N SER C 59 -39.37 -28.22 -31.88
CA SER C 59 -38.06 -27.57 -31.96
C SER C 59 -36.88 -28.55 -32.05
N GLY C 60 -37.14 -29.84 -31.83
CA GLY C 60 -36.14 -30.90 -31.87
C GLY C 60 -35.15 -30.89 -30.71
N VAL C 61 -34.88 -29.68 -30.15
CA VAL C 61 -33.99 -29.40 -29.01
C VAL C 61 -34.74 -29.34 -27.68
N ARG C 62 -34.10 -29.81 -26.60
CA ARG C 62 -34.68 -29.84 -25.25
C ARG C 62 -34.34 -28.60 -24.46
N VAL C 63 -33.24 -27.92 -24.82
CA VAL C 63 -32.73 -26.73 -24.15
C VAL C 63 -32.29 -25.71 -25.21
N LYS C 64 -32.55 -24.42 -24.93
CA LYS C 64 -32.16 -23.29 -25.80
C LYS C 64 -31.20 -22.39 -25.03
N THR C 65 -30.02 -22.11 -25.60
CA THR C 65 -28.99 -21.24 -25.03
C THR C 65 -29.12 -19.82 -25.60
N TYR C 66 -29.09 -18.79 -24.74
CA TYR C 66 -29.21 -17.38 -25.15
C TYR C 66 -28.05 -16.54 -24.65
N GLU C 67 -27.77 -15.43 -25.36
CA GLU C 67 -26.76 -14.44 -24.96
C GLU C 67 -27.48 -13.48 -23.98
N PRO C 68 -26.79 -12.91 -22.95
CA PRO C 68 -27.50 -12.05 -21.97
C PRO C 68 -28.35 -10.90 -22.57
N GLU C 69 -27.85 -10.29 -23.65
CA GLU C 69 -28.50 -9.20 -24.38
C GLU C 69 -29.79 -9.62 -25.09
N ALA C 70 -29.87 -10.88 -25.52
CA ALA C 70 -31.03 -11.44 -26.21
C ALA C 70 -32.31 -11.50 -25.37
N ILE C 71 -32.20 -11.83 -24.07
CA ILE C 71 -33.38 -11.98 -23.19
C ILE C 71 -33.37 -11.02 -21.97
N TRP C 72 -34.49 -10.99 -21.24
CA TRP C 72 -34.66 -10.20 -20.02
C TRP C 72 -34.03 -10.96 -18.86
N ILE C 73 -33.15 -10.28 -18.11
CA ILE C 73 -32.46 -10.82 -16.93
C ILE C 73 -32.70 -9.89 -15.73
N PRO C 74 -33.11 -10.44 -14.56
CA PRO C 74 -33.37 -9.56 -13.40
C PRO C 74 -32.08 -8.95 -12.88
N GLU C 75 -32.14 -7.64 -12.57
CA GLU C 75 -31.00 -6.90 -12.03
C GLU C 75 -30.79 -7.26 -10.56
N ILE C 76 -29.94 -8.27 -10.33
CA ILE C 76 -29.58 -8.73 -8.98
C ILE C 76 -28.31 -8.00 -8.59
N ARG C 77 -28.32 -7.34 -7.42
CA ARG C 77 -27.17 -6.60 -6.91
C ARG C 77 -26.82 -7.10 -5.50
N PHE C 78 -25.60 -6.78 -5.03
CA PHE C 78 -25.12 -7.10 -3.69
C PHE C 78 -25.21 -5.83 -2.89
N VAL C 79 -25.76 -5.92 -1.67
CA VAL C 79 -25.92 -4.75 -0.79
C VAL C 79 -24.56 -4.25 -0.25
N ASN C 80 -23.82 -5.13 0.46
CA ASN C 80 -22.58 -4.80 1.14
C ASN C 80 -21.27 -5.00 0.34
N VAL C 81 -21.20 -4.49 -0.88
CA VAL C 81 -19.97 -4.57 -1.66
C VAL C 81 -19.33 -3.19 -1.77
N GLU C 82 -17.98 -3.13 -1.83
CA GLU C 82 -17.23 -1.89 -2.00
C GLU C 82 -17.64 -1.27 -3.36
N ASN C 83 -17.31 -2.00 -4.45
CA ASN C 83 -17.67 -1.63 -5.80
C ASN C 83 -18.49 -2.78 -6.39
N ALA C 84 -19.25 -2.50 -7.46
CA ALA C 84 -20.06 -3.47 -8.18
C ALA C 84 -19.20 -4.65 -8.63
N ARG C 85 -19.69 -5.88 -8.35
CA ARG C 85 -19.04 -7.16 -8.67
C ARG C 85 -18.55 -7.27 -10.13
N ASP C 86 -17.39 -7.92 -10.30
CA ASP C 86 -16.79 -8.21 -11.59
C ASP C 86 -17.46 -9.53 -11.97
N ALA C 87 -18.40 -9.49 -12.93
CA ALA C 87 -19.12 -10.69 -13.34
C ALA C 87 -18.87 -11.10 -14.78
N ASP C 88 -18.88 -12.43 -15.02
CA ASP C 88 -18.72 -13.07 -16.32
C ASP C 88 -19.77 -14.16 -16.45
N VAL C 89 -20.70 -14.02 -17.41
CA VAL C 89 -21.77 -14.98 -17.62
C VAL C 89 -21.18 -16.30 -18.15
N VAL C 90 -21.44 -17.39 -17.41
CA VAL C 90 -20.98 -18.75 -17.71
C VAL C 90 -21.96 -19.40 -18.67
N ASP C 91 -23.28 -19.35 -18.37
CA ASP C 91 -24.34 -19.93 -19.19
C ASP C 91 -25.75 -19.42 -18.86
N ILE C 92 -26.61 -19.37 -19.89
CA ILE C 92 -28.03 -19.01 -19.86
C ILE C 92 -28.74 -20.11 -20.65
N SER C 93 -29.58 -20.91 -19.98
CA SER C 93 -30.29 -22.03 -20.58
C SER C 93 -31.80 -22.00 -20.33
N VAL C 94 -32.61 -22.15 -21.39
CA VAL C 94 -34.08 -22.12 -21.30
C VAL C 94 -34.65 -23.52 -21.52
N SER C 95 -35.52 -23.96 -20.61
CA SER C 95 -36.21 -25.25 -20.66
C SER C 95 -37.53 -25.08 -21.50
N PRO C 96 -38.20 -26.16 -21.98
CA PRO C 96 -39.42 -25.97 -22.79
C PRO C 96 -40.49 -25.09 -22.17
N ASP C 97 -40.76 -25.23 -20.86
CA ASP C 97 -41.78 -24.43 -20.15
C ASP C 97 -41.43 -22.93 -20.00
N GLY C 98 -40.18 -22.57 -20.29
CA GLY C 98 -39.71 -21.20 -20.20
C GLY C 98 -38.94 -20.87 -18.93
N THR C 99 -38.44 -21.90 -18.23
CA THR C 99 -37.62 -21.70 -17.02
C THR C 99 -36.19 -21.40 -17.43
N VAL C 100 -35.74 -20.19 -17.15
CA VAL C 100 -34.39 -19.72 -17.49
C VAL C 100 -33.45 -20.14 -16.37
N GLN C 101 -32.27 -20.68 -16.73
CA GLN C 101 -31.21 -21.06 -15.79
C GLN C 101 -29.93 -20.30 -16.12
N TYR C 102 -29.73 -19.21 -15.36
CA TYR C 102 -28.63 -18.28 -15.49
C TYR C 102 -27.53 -18.69 -14.52
N LEU C 103 -26.25 -18.52 -14.96
CA LEU C 103 -25.06 -18.77 -14.17
C LEU C 103 -23.96 -17.80 -14.56
N GLU C 104 -23.36 -17.17 -13.55
CA GLU C 104 -22.26 -16.23 -13.74
C GLU C 104 -21.22 -16.48 -12.68
N ARG C 105 -19.96 -16.16 -13.00
CA ARG C 105 -18.89 -16.26 -12.04
C ARG C 105 -18.46 -14.82 -11.70
N PHE C 106 -18.50 -14.48 -10.41
CA PHE C 106 -18.18 -13.14 -9.96
C PHE C 106 -17.06 -13.11 -8.91
N SER C 107 -16.51 -11.92 -8.69
CA SER C 107 -15.53 -11.61 -7.66
C SER C 107 -15.92 -10.27 -7.08
N ALA C 108 -15.98 -10.17 -5.75
CA ALA C 108 -16.36 -8.95 -5.07
C ALA C 108 -15.65 -8.77 -3.73
N ARG C 109 -15.44 -7.52 -3.30
CA ARG C 109 -14.90 -7.18 -1.98
C ARG C 109 -16.13 -6.85 -1.14
N VAL C 110 -16.40 -7.69 -0.14
CA VAL C 110 -17.56 -7.61 0.73
C VAL C 110 -17.21 -6.87 2.04
N LEU C 111 -18.08 -5.96 2.45
CA LEU C 111 -18.02 -5.19 3.69
C LEU C 111 -18.87 -5.96 4.72
N SER C 112 -18.24 -6.59 5.70
CA SER C 112 -19.01 -7.28 6.74
C SER C 112 -18.39 -7.03 8.13
N PRO C 113 -19.15 -6.35 9.05
CA PRO C 113 -18.63 -6.03 10.38
C PRO C 113 -18.24 -7.23 11.25
N LEU C 114 -17.12 -7.06 11.98
CA LEU C 114 -16.59 -8.08 12.86
C LEU C 114 -16.72 -7.70 14.32
N ASP C 115 -16.90 -8.72 15.19
CA ASP C 115 -16.98 -8.53 16.65
C ASP C 115 -15.67 -8.98 17.31
N PHE C 116 -14.83 -8.00 17.66
CA PHE C 116 -13.51 -8.25 18.24
C PHE C 116 -13.49 -8.50 19.76
N ARG C 117 -14.67 -8.43 20.43
CA ARG C 117 -14.83 -8.64 21.87
C ARG C 117 -14.03 -9.84 22.42
N ARG C 118 -14.08 -11.01 21.77
CA ARG C 118 -13.35 -12.19 22.24
C ARG C 118 -12.02 -12.45 21.52
N TYR C 119 -11.52 -11.49 20.72
CA TYR C 119 -10.28 -11.63 19.95
C TYR C 119 -9.08 -12.03 20.84
N PRO C 120 -8.19 -12.96 20.40
CA PRO C 120 -8.18 -13.70 19.14
C PRO C 120 -8.90 -15.06 19.20
N PHE C 121 -9.81 -15.22 20.20
CA PHE C 121 -10.62 -16.44 20.42
C PHE C 121 -12.06 -16.20 19.93
N ASP C 122 -12.17 -15.38 18.89
CA ASP C 122 -13.43 -14.98 18.28
C ASP C 122 -13.85 -15.81 17.08
N SER C 123 -15.17 -15.81 16.86
CA SER C 123 -15.86 -16.42 15.73
C SER C 123 -16.66 -15.31 15.08
N GLN C 124 -16.85 -15.40 13.77
CA GLN C 124 -17.55 -14.36 13.03
C GLN C 124 -18.59 -14.98 12.13
N THR C 125 -19.64 -14.20 11.83
CA THR C 125 -20.66 -14.57 10.85
C THR C 125 -20.56 -13.52 9.77
N LEU C 126 -19.90 -13.86 8.66
CA LEU C 126 -19.78 -12.96 7.51
C LEU C 126 -21.12 -12.96 6.71
N HIS C 127 -21.46 -11.83 6.10
CA HIS C 127 -22.72 -11.72 5.34
C HIS C 127 -22.54 -11.34 3.89
N ILE C 128 -23.36 -11.93 3.04
CA ILE C 128 -23.42 -11.61 1.63
C ILE C 128 -24.91 -11.37 1.39
N TYR C 129 -25.28 -10.11 1.18
CA TYR C 129 -26.68 -9.75 0.96
C TYR C 129 -27.00 -9.58 -0.51
N LEU C 130 -27.93 -10.39 -1.00
CA LEU C 130 -28.43 -10.33 -2.38
C LEU C 130 -29.69 -9.49 -2.38
N ILE C 131 -29.83 -8.59 -3.35
CA ILE C 131 -31.02 -7.75 -3.42
C ILE C 131 -31.55 -7.61 -4.86
N VAL C 132 -32.87 -7.36 -4.99
CA VAL C 132 -33.54 -7.12 -6.27
C VAL C 132 -34.59 -6.02 -6.09
N ARG C 133 -34.59 -5.04 -7.00
CA ARG C 133 -35.56 -3.96 -6.95
C ARG C 133 -36.66 -4.23 -7.97
N SER C 134 -37.91 -4.19 -7.50
CA SER C 134 -39.09 -4.43 -8.33
C SER C 134 -39.26 -3.37 -9.40
N VAL C 135 -39.77 -3.78 -10.56
CA VAL C 135 -40.03 -2.88 -11.68
C VAL C 135 -41.47 -2.37 -11.60
N ASP C 136 -41.81 -1.34 -12.39
CA ASP C 136 -43.15 -0.76 -12.37
C ASP C 136 -44.23 -1.75 -12.83
N THR C 137 -43.89 -2.58 -13.83
CA THR C 137 -44.80 -3.58 -14.43
C THR C 137 -45.11 -4.70 -13.40
N ARG C 138 -44.07 -5.32 -12.78
CA ARG C 138 -44.33 -6.36 -11.77
C ARG C 138 -43.24 -6.46 -10.68
N ASN C 139 -43.65 -6.97 -9.51
CA ASN C 139 -42.81 -7.13 -8.34
C ASN C 139 -41.97 -8.38 -8.40
N ILE C 140 -40.69 -8.25 -7.98
CA ILE C 140 -39.73 -9.35 -7.98
C ILE C 140 -39.36 -9.72 -6.54
N VAL C 141 -39.48 -11.02 -6.22
CA VAL C 141 -39.21 -11.63 -4.92
C VAL C 141 -38.08 -12.66 -5.07
N LEU C 142 -37.14 -12.69 -4.11
CA LEU C 142 -36.03 -13.63 -4.12
C LEU C 142 -36.33 -14.93 -3.35
N ALA C 143 -35.69 -16.03 -3.76
CA ALA C 143 -35.82 -17.35 -3.16
C ALA C 143 -34.45 -18.00 -3.12
N VAL C 144 -34.31 -19.07 -2.31
CA VAL C 144 -33.06 -19.78 -2.16
C VAL C 144 -33.23 -21.20 -2.66
N ASP C 145 -32.45 -21.60 -3.68
CA ASP C 145 -32.43 -22.98 -4.16
C ASP C 145 -31.25 -23.59 -3.40
N LEU C 146 -31.53 -24.30 -2.31
CA LEU C 146 -30.51 -24.90 -1.41
C LEU C 146 -29.57 -25.86 -2.12
N GLU C 147 -30.04 -26.49 -3.22
CA GLU C 147 -29.25 -27.41 -4.05
C GLU C 147 -28.10 -26.67 -4.75
N LYS C 148 -28.25 -25.33 -4.93
CA LYS C 148 -27.27 -24.50 -5.64
C LYS C 148 -26.53 -23.52 -4.71
N VAL C 149 -26.56 -23.79 -3.39
CA VAL C 149 -25.83 -23.06 -2.34
C VAL C 149 -24.73 -24.02 -1.85
N GLY C 150 -23.51 -23.50 -1.73
CA GLY C 150 -22.39 -24.31 -1.30
C GLY C 150 -21.07 -23.61 -1.38
N LYS C 151 -19.98 -24.38 -1.21
CA LYS C 151 -18.58 -23.94 -1.23
C LYS C 151 -17.64 -25.10 -1.62
N ASN C 152 -16.52 -24.76 -2.27
CA ASN C 152 -15.50 -25.72 -2.66
C ASN C 152 -14.80 -26.24 -1.40
N ASP C 153 -14.42 -27.54 -1.39
CA ASP C 153 -13.75 -28.19 -0.24
C ASP C 153 -12.37 -27.58 0.06
N ASP C 154 -11.73 -27.02 -0.99
CA ASP C 154 -10.43 -26.38 -0.95
C ASP C 154 -10.47 -24.88 -0.56
N VAL C 155 -11.68 -24.30 -0.31
CA VAL C 155 -11.83 -22.90 0.11
C VAL C 155 -11.10 -22.71 1.45
N PHE C 156 -10.02 -21.92 1.41
CA PHE C 156 -9.17 -21.66 2.56
C PHE C 156 -9.07 -20.16 2.82
N LEU C 157 -9.47 -19.74 4.02
CA LEU C 157 -9.35 -18.35 4.42
C LEU C 157 -8.21 -18.37 5.46
N THR C 158 -7.02 -17.87 5.05
CA THR C 158 -5.78 -17.85 5.85
C THR C 158 -6.02 -17.35 7.28
N GLY C 159 -5.64 -18.18 8.26
CA GLY C 159 -5.77 -17.89 9.68
C GLY C 159 -7.18 -18.02 10.24
N TRP C 160 -8.07 -18.68 9.49
CA TRP C 160 -9.48 -18.88 9.84
C TRP C 160 -9.94 -20.27 9.47
N ASP C 161 -10.94 -20.77 10.19
CA ASP C 161 -11.58 -22.06 9.94
C ASP C 161 -12.99 -21.78 9.44
N ILE C 162 -13.34 -22.29 8.25
CA ILE C 162 -14.66 -22.08 7.67
C ILE C 162 -15.60 -23.17 8.19
N GLU C 163 -16.57 -22.77 9.02
CA GLU C 163 -17.52 -23.68 9.63
C GLU C 163 -18.66 -24.08 8.71
N SER C 164 -19.39 -23.09 8.14
CA SER C 164 -20.54 -23.30 7.26
C SER C 164 -20.87 -22.11 6.39
N PHE C 165 -21.53 -22.36 5.26
CA PHE C 165 -22.05 -21.31 4.38
C PHE C 165 -23.49 -21.70 4.07
N THR C 166 -24.42 -21.00 4.75
CA THR C 166 -25.86 -21.24 4.61
C THR C 166 -26.57 -19.95 4.21
N ALA C 167 -27.85 -20.07 3.84
CA ALA C 167 -28.68 -18.93 3.44
C ALA C 167 -29.97 -18.90 4.24
N VAL C 168 -30.36 -17.69 4.71
CA VAL C 168 -31.61 -17.46 5.43
C VAL C 168 -32.67 -17.44 4.32
N VAL C 169 -33.35 -18.59 4.15
CA VAL C 169 -34.33 -18.94 3.10
C VAL C 169 -35.48 -17.93 2.93
N LYS C 170 -35.92 -17.26 4.03
CA LYS C 170 -36.99 -16.26 3.99
C LYS C 170 -36.42 -14.85 3.66
N PRO C 171 -36.76 -14.27 2.48
CA PRO C 171 -36.22 -12.95 2.14
C PRO C 171 -36.81 -11.82 2.96
N ALA C 172 -36.05 -10.73 3.11
CA ALA C 172 -36.47 -9.52 3.79
C ALA C 172 -37.12 -8.62 2.72
N ASN C 173 -38.46 -8.66 2.64
CA ASN C 173 -39.24 -7.87 1.68
C ASN C 173 -39.63 -6.56 2.34
N PHE C 174 -39.21 -5.43 1.75
CA PHE C 174 -39.43 -4.09 2.29
C PHE C 174 -39.56 -3.04 1.19
N ALA C 175 -40.15 -1.90 1.54
CA ALA C 175 -40.29 -0.76 0.64
C ALA C 175 -39.08 0.16 0.76
N LEU C 176 -38.63 0.68 -0.39
CA LEU C 176 -37.52 1.62 -0.49
C LEU C 176 -37.79 2.51 -1.69
N GLU C 177 -37.91 3.84 -1.43
CA GLU C 177 -38.17 4.88 -2.43
CA GLU C 177 -38.18 4.89 -2.42
C GLU C 177 -39.36 4.48 -3.33
N ASP C 178 -40.49 4.13 -2.68
CA ASP C 178 -41.79 3.73 -3.26
C ASP C 178 -41.75 2.47 -4.16
N ARG C 179 -40.76 1.58 -3.98
CA ARG C 179 -40.65 0.33 -4.73
C ARG C 179 -40.26 -0.83 -3.82
N LEU C 180 -40.77 -2.03 -4.11
CA LEU C 180 -40.48 -3.22 -3.32
C LEU C 180 -39.06 -3.72 -3.58
N GLU C 181 -38.36 -4.04 -2.51
CA GLU C 181 -37.01 -4.56 -2.53
C GLU C 181 -37.02 -5.88 -1.78
N SER C 182 -36.41 -6.92 -2.36
CA SER C 182 -36.33 -8.25 -1.75
C SER C 182 -34.87 -8.59 -1.47
N LYS C 183 -34.52 -8.70 -0.18
CA LYS C 183 -33.15 -8.96 0.30
C LYS C 183 -32.98 -10.41 0.77
N LEU C 184 -31.80 -11.00 0.53
CA LEU C 184 -31.46 -12.36 0.97
C LEU C 184 -30.16 -12.37 1.74
N ASP C 185 -30.12 -13.14 2.85
CA ASP C 185 -28.93 -13.22 3.71
C ASP C 185 -28.15 -14.52 3.61
N TYR C 186 -26.96 -14.45 2.99
CA TYR C 186 -26.06 -15.58 2.87
C TYR C 186 -25.04 -15.40 3.98
N GLN C 187 -24.99 -16.37 4.89
CA GLN C 187 -24.12 -16.33 6.07
C GLN C 187 -22.98 -17.32 6.05
N LEU C 188 -21.74 -16.79 6.04
CA LEU C 188 -20.52 -17.57 6.09
C LEU C 188 -19.96 -17.53 7.52
N ARG C 189 -20.09 -18.66 8.24
CA ARG C 189 -19.60 -18.80 9.61
C ARG C 189 -18.17 -19.26 9.63
N ILE C 190 -17.31 -18.44 10.25
CA ILE C 190 -15.86 -18.70 10.38
C ILE C 190 -15.43 -18.54 11.84
N SER C 191 -14.32 -19.20 12.23
CA SER C 191 -13.74 -19.07 13.57
C SER C 191 -12.23 -18.96 13.44
N ARG C 192 -11.65 -17.99 14.14
CA ARG C 192 -10.23 -17.68 14.10
C ARG C 192 -9.33 -18.78 14.66
N GLN C 193 -8.21 -19.03 13.96
CA GLN C 193 -7.18 -20.00 14.36
C GLN C 193 -6.24 -19.24 15.31
N TYR C 194 -6.52 -19.36 16.61
CA TYR C 194 -5.82 -18.65 17.68
C TYR C 194 -4.42 -19.20 18.01
N PHE C 195 -4.05 -20.40 17.52
CA PHE C 195 -2.77 -21.07 17.79
C PHE C 195 -1.56 -20.12 17.84
N SER C 196 -1.22 -19.48 16.71
CA SER C 196 -0.08 -18.59 16.53
C SER C 196 0.06 -17.48 17.57
N TYR C 197 -1.07 -16.94 18.07
CA TYR C 197 -1.06 -15.87 19.08
C TYR C 197 -0.38 -16.28 20.37
N ILE C 198 -0.50 -17.56 20.75
CA ILE C 198 0.09 -18.12 21.96
C ILE C 198 1.64 -18.01 21.93
N PRO C 199 2.41 -18.63 20.99
CA PRO C 199 3.88 -18.47 21.04
C PRO C 199 4.44 -17.14 20.53
N ASN C 200 3.62 -16.31 19.86
CA ASN C 200 4.09 -15.06 19.27
C ASN C 200 3.79 -13.81 20.07
N ILE C 201 2.65 -13.76 20.76
CA ILE C 201 2.25 -12.57 21.52
C ILE C 201 1.99 -12.88 23.01
N ILE C 202 1.11 -13.86 23.32
CA ILE C 202 0.73 -14.18 24.70
C ILE C 202 1.92 -14.59 25.56
N LEU C 203 2.57 -15.72 25.26
CA LEU C 203 3.70 -16.20 26.06
C LEU C 203 4.86 -15.18 26.11
N PRO C 204 5.34 -14.56 24.98
CA PRO C 204 6.37 -13.50 25.13
C PRO C 204 5.94 -12.38 26.08
N MET C 205 4.65 -11.96 26.02
CA MET C 205 4.10 -10.93 26.87
C MET C 205 4.10 -11.32 28.35
N LEU C 206 3.81 -12.61 28.67
CA LEU C 206 3.80 -13.08 30.06
C LEU C 206 5.20 -13.25 30.61
N PHE C 207 6.17 -13.71 29.78
CA PHE C 207 7.56 -13.87 30.14
C PHE C 207 8.18 -12.54 30.55
N ILE C 208 7.95 -11.47 29.78
CA ILE C 208 8.49 -10.15 30.11
C ILE C 208 7.88 -9.65 31.42
N LEU C 209 6.60 -9.95 31.67
CA LEU C 209 5.91 -9.59 32.92
C LEU C 209 6.53 -10.32 34.12
N PHE C 210 6.81 -11.64 34.00
CA PHE C 210 7.41 -12.42 35.07
C PHE C 210 8.83 -12.00 35.36
N ILE C 211 9.56 -11.53 34.31
CA ILE C 211 10.93 -11.01 34.43
C ILE C 211 10.91 -9.75 35.31
N SER C 212 9.87 -8.91 35.18
CA SER C 212 9.71 -7.71 36.01
C SER C 212 9.52 -8.07 37.48
N TRP C 213 8.89 -9.22 37.77
CA TRP C 213 8.64 -9.69 39.15
C TRP C 213 9.88 -10.27 39.86
N THR C 214 11.02 -10.40 39.13
CA THR C 214 12.27 -10.86 39.73
C THR C 214 12.87 -9.71 40.57
N ALA C 215 12.32 -8.47 40.43
CA ALA C 215 12.73 -7.30 41.21
C ALA C 215 12.28 -7.46 42.69
N PHE C 216 11.35 -8.41 42.93
CA PHE C 216 10.87 -8.73 44.27
C PHE C 216 11.86 -9.64 44.99
N TRP C 217 12.89 -10.12 44.27
CA TRP C 217 13.97 -10.96 44.80
C TRP C 217 15.33 -10.24 44.76
N SER C 218 15.28 -8.90 44.63
CA SER C 218 16.44 -8.03 44.54
C SER C 218 16.28 -6.80 45.43
N THR C 219 17.39 -6.38 46.05
CA THR C 219 17.52 -5.23 46.94
C THR C 219 18.16 -4.02 46.21
N SER C 220 18.66 -4.26 44.97
CA SER C 220 19.32 -3.27 44.13
C SER C 220 18.31 -2.41 43.38
N TYR C 221 18.04 -1.18 43.89
CA TYR C 221 17.10 -0.24 43.29
C TYR C 221 17.44 0.07 41.83
N GLU C 222 18.74 0.29 41.53
CA GLU C 222 19.23 0.58 40.19
C GLU C 222 18.82 -0.55 39.22
N ALA C 223 19.09 -1.80 39.62
CA ALA C 223 18.75 -3.00 38.83
C ALA C 223 17.24 -3.21 38.74
N ASN C 224 16.52 -2.92 39.83
CA ASN C 224 15.06 -3.04 39.87
C ASN C 224 14.42 -2.05 38.92
N VAL C 225 14.88 -0.78 38.93
CA VAL C 225 14.42 0.27 38.04
C VAL C 225 14.55 -0.23 36.59
N THR C 226 15.75 -0.76 36.25
CA THR C 226 16.08 -1.30 34.93
C THR C 226 15.12 -2.45 34.57
N LEU C 227 15.00 -3.46 35.46
CA LEU C 227 14.08 -4.59 35.25
C LEU C 227 12.66 -4.16 34.94
N VAL C 228 12.05 -3.31 35.77
CA VAL C 228 10.66 -2.90 35.62
C VAL C 228 10.43 -1.93 34.44
N VAL C 229 11.35 -0.99 34.22
CA VAL C 229 11.21 -0.02 33.14
C VAL C 229 11.45 -0.66 31.78
N SER C 230 12.51 -1.48 31.62
CA SER C 230 12.80 -2.14 30.36
C SER C 230 11.67 -3.05 29.90
N THR C 231 11.19 -3.92 30.81
CA THR C 231 10.07 -4.81 30.51
C THR C 231 8.80 -4.02 30.19
N LEU C 232 8.60 -2.82 30.81
CA LEU C 232 7.44 -1.97 30.51
C LEU C 232 7.52 -1.48 29.07
N ILE C 233 8.72 -1.10 28.60
CA ILE C 233 8.95 -0.66 27.22
C ILE C 233 8.59 -1.79 26.24
N ALA C 234 9.04 -3.05 26.53
CA ALA C 234 8.74 -4.23 25.72
C ALA C 234 7.24 -4.48 25.67
N HIS C 235 6.50 -4.19 26.77
CA HIS C 235 5.05 -4.34 26.80
C HIS C 235 4.37 -3.30 25.91
N ILE C 236 4.90 -2.05 25.90
CA ILE C 236 4.39 -0.97 25.03
C ILE C 236 4.53 -1.41 23.56
N ALA C 237 5.69 -2.03 23.20
CA ALA C 237 5.94 -2.57 21.86
C ALA C 237 4.88 -3.60 21.45
N PHE C 238 4.56 -4.55 22.35
CA PHE C 238 3.54 -5.55 22.08
C PHE C 238 2.18 -4.90 21.97
N ASN C 239 1.84 -3.95 22.88
CA ASN C 239 0.57 -3.23 22.82
C ASN C 239 0.42 -2.58 21.42
N ILE C 240 1.47 -1.85 20.95
CA ILE C 240 1.49 -1.22 19.61
C ILE C 240 1.29 -2.28 18.52
N LEU C 241 2.09 -3.37 18.53
CA LEU C 241 1.97 -4.47 17.55
C LEU C 241 0.55 -4.99 17.47
N VAL C 242 -0.09 -5.31 18.62
CA VAL C 242 -1.46 -5.81 18.67
C VAL C 242 -2.46 -4.78 18.10
N GLU C 243 -2.49 -3.54 18.64
CA GLU C 243 -3.44 -2.51 18.23
C GLU C 243 -3.29 -2.10 16.76
N THR C 244 -2.08 -2.23 16.15
CA THR C 244 -1.91 -1.89 14.73
C THR C 244 -2.68 -2.82 13.79
N ASN C 245 -2.79 -4.13 14.11
CA ASN C 245 -3.53 -5.12 13.31
C ASN C 245 -5.03 -5.26 13.72
N LEU C 246 -5.60 -4.21 14.36
CA LEU C 246 -6.99 -4.19 14.81
C LEU C 246 -7.64 -2.83 14.66
N PRO C 247 -8.96 -2.78 14.32
CA PRO C 247 -9.63 -1.47 14.25
C PRO C 247 -9.97 -0.92 15.64
N LYS C 248 -10.17 0.41 15.70
CA LYS C 248 -10.54 1.11 16.92
C LYS C 248 -12.02 0.80 17.23
N THR C 249 -12.24 0.00 18.29
CA THR C 249 -13.57 -0.46 18.72
C THR C 249 -14.24 0.44 19.78
N PRO C 250 -15.57 0.67 19.69
CA PRO C 250 -16.25 1.47 20.74
C PRO C 250 -16.55 0.66 22.02
N TYR C 251 -15.99 -0.56 22.10
CA TYR C 251 -16.17 -1.52 23.19
C TYR C 251 -14.82 -2.10 23.61
N MET C 252 -14.75 -2.67 24.81
CA MET C 252 -13.49 -3.27 25.29
C MET C 252 -13.38 -4.69 24.72
N THR C 253 -12.19 -5.04 24.24
CA THR C 253 -11.90 -6.38 23.71
C THR C 253 -11.18 -7.17 24.80
N TYR C 254 -11.09 -8.51 24.65
CA TYR C 254 -10.45 -9.40 25.62
C TYR C 254 -8.95 -9.14 25.73
N THR C 255 -8.26 -9.10 24.59
CA THR C 255 -6.82 -8.81 24.50
C THR C 255 -6.56 -7.38 24.96
N GLY C 256 -7.47 -6.48 24.63
CA GLY C 256 -7.44 -5.09 25.03
C GLY C 256 -7.48 -4.86 26.52
N ALA C 257 -8.33 -5.62 27.23
CA ALA C 257 -8.48 -5.58 28.68
C ALA C 257 -7.23 -6.10 29.40
N ILE C 258 -6.69 -7.26 28.94
CA ILE C 258 -5.49 -7.90 29.47
C ILE C 258 -4.30 -6.97 29.33
N ILE C 259 -4.05 -6.49 28.08
CA ILE C 259 -2.94 -5.58 27.79
C ILE C 259 -2.99 -4.35 28.70
N PHE C 260 -4.19 -3.75 28.86
CA PHE C 260 -4.42 -2.59 29.73
C PHE C 260 -4.12 -2.90 31.20
N MET C 261 -4.75 -3.97 31.73
CA MET C 261 -4.60 -4.43 33.10
C MET C 261 -3.11 -4.66 33.45
N ILE C 262 -2.32 -5.23 32.50
CA ILE C 262 -0.88 -5.46 32.69
C ILE C 262 -0.13 -4.14 32.95
N TYR C 263 -0.55 -3.01 32.33
CA TYR C 263 0.07 -1.69 32.59
C TYR C 263 -0.04 -1.33 34.08
N LEU C 264 -1.15 -1.69 34.73
CA LEU C 264 -1.38 -1.43 36.15
C LEU C 264 -0.39 -2.20 37.02
N PHE C 265 -0.09 -3.46 36.65
CA PHE C 265 0.87 -4.32 37.34
C PHE C 265 2.26 -3.72 37.28
N TYR C 266 2.65 -3.14 36.11
CA TYR C 266 3.93 -2.46 35.93
C TYR C 266 3.98 -1.21 36.78
N PHE C 267 2.88 -0.44 36.81
CA PHE C 267 2.77 0.78 37.60
C PHE C 267 2.94 0.48 39.08
N VAL C 268 2.22 -0.52 39.59
CA VAL C 268 2.31 -0.93 41.00
C VAL C 268 3.72 -1.49 41.33
N ALA C 269 4.36 -2.26 40.41
CA ALA C 269 5.73 -2.76 40.59
C ALA C 269 6.72 -1.60 40.77
N VAL C 270 6.59 -0.52 39.94
CA VAL C 270 7.42 0.68 40.07
C VAL C 270 7.21 1.27 41.48
N ILE C 271 5.92 1.42 41.91
CA ILE C 271 5.58 1.93 43.24
C ILE C 271 6.26 1.08 44.33
N GLU C 272 6.15 -0.28 44.25
CA GLU C 272 6.77 -1.20 45.22
C GLU C 272 8.29 -1.01 45.30
N VAL C 273 8.98 -1.06 44.14
CA VAL C 273 10.42 -0.86 43.97
C VAL C 273 10.87 0.49 44.60
N THR C 274 10.06 1.56 44.39
CA THR C 274 10.27 2.91 44.94
C THR C 274 10.10 2.88 46.48
N VAL C 275 8.99 2.28 46.99
CA VAL C 275 8.67 2.15 48.43
C VAL C 275 9.80 1.43 49.14
N GLN C 276 10.24 0.27 48.62
CA GLN C 276 11.35 -0.51 49.16
C GLN C 276 12.62 0.36 49.33
N HIS C 277 13.03 1.12 48.29
CA HIS C 277 14.20 1.99 48.33
C HIS C 277 14.08 3.12 49.36
N TYR C 278 12.91 3.79 49.43
CA TYR C 278 12.66 4.88 50.39
C TYR C 278 12.88 4.40 51.83
N LEU C 279 12.36 3.18 52.14
CA LEU C 279 12.51 2.55 53.46
C LEU C 279 13.95 2.19 53.79
N LYS C 280 14.68 1.55 52.82
CA LYS C 280 16.09 1.18 52.99
CA LYS C 280 16.10 1.17 52.97
C LYS C 280 16.94 2.42 53.29
N VAL C 281 16.70 3.52 52.56
CA VAL C 281 17.39 4.81 52.75
C VAL C 281 17.05 5.38 54.16
N GLU C 282 15.78 5.27 54.59
CA GLU C 282 15.26 5.74 55.88
C GLU C 282 15.66 4.83 57.04
N SER C 283 16.54 3.83 56.76
CA SER C 283 17.06 2.85 57.73
C SER C 283 15.93 2.01 58.36
N GLN C 284 15.00 1.56 57.51
CA GLN C 284 13.87 0.69 57.88
C GLN C 284 13.84 -0.53 56.93
N PRO C 285 14.92 -1.34 56.80
CA PRO C 285 14.88 -2.48 55.86
C PRO C 285 13.95 -3.63 56.25
N ALA C 286 13.63 -3.75 57.55
CA ALA C 286 12.73 -4.78 58.08
C ALA C 286 11.30 -4.60 57.53
N ARG C 287 10.83 -3.34 57.42
CA ARG C 287 9.51 -3.00 56.90
C ARG C 287 9.47 -3.19 55.39
N ALA C 288 10.57 -2.81 54.71
CA ALA C 288 10.77 -2.97 53.28
C ALA C 288 10.78 -4.46 52.94
N ALA C 289 11.39 -5.29 53.80
CA ALA C 289 11.46 -6.75 53.66
C ALA C 289 10.07 -7.38 53.72
N SER C 290 9.17 -6.84 54.58
CA SER C 290 7.80 -7.30 54.76
C SER C 290 6.98 -7.06 53.51
N ILE C 291 7.06 -5.83 52.95
CA ILE C 291 6.34 -5.41 51.74
C ILE C 291 6.82 -6.22 50.53
N THR C 292 8.15 -6.39 50.37
CA THR C 292 8.75 -7.15 49.27
C THR C 292 8.33 -8.62 49.33
N ARG C 293 8.32 -9.22 50.55
CA ARG C 293 7.89 -10.61 50.74
C ARG C 293 6.40 -10.79 50.39
N ALA C 294 5.56 -9.78 50.70
CA ALA C 294 4.12 -9.78 50.41
C ALA C 294 3.88 -9.73 48.91
N SER C 295 4.57 -8.81 48.22
CA SER C 295 4.49 -8.58 46.77
C SER C 295 4.76 -9.86 45.97
N ARG C 296 5.73 -10.67 46.42
CA ARG C 296 6.13 -11.97 45.85
C ARG C 296 4.95 -12.92 45.65
N ILE C 297 3.98 -12.91 46.60
CA ILE C 297 2.77 -13.71 46.60
C ILE C 297 1.62 -12.91 45.96
N ALA C 298 1.41 -11.66 46.42
CA ALA C 298 0.33 -10.79 45.97
C ALA C 298 0.25 -10.62 44.45
N PHE C 299 1.35 -10.18 43.79
CA PHE C 299 1.42 -9.97 42.35
C PHE C 299 0.96 -11.18 41.53
N PRO C 300 1.52 -12.41 41.67
CA PRO C 300 0.99 -13.55 40.88
C PRO C 300 -0.48 -13.89 41.20
N VAL C 301 -0.86 -13.85 42.50
CA VAL C 301 -2.23 -14.16 42.97
C VAL C 301 -3.26 -13.21 42.35
N VAL C 302 -3.03 -11.88 42.49
CA VAL C 302 -3.91 -10.85 41.94
C VAL C 302 -3.94 -10.96 40.41
N PHE C 303 -2.79 -11.27 39.78
CA PHE C 303 -2.74 -11.45 38.32
C PHE C 303 -3.61 -12.63 37.88
N LEU C 304 -3.47 -13.78 38.56
CA LEU C 304 -4.22 -14.99 38.29
C LEU C 304 -5.73 -14.77 38.50
N LEU C 305 -6.13 -14.11 39.61
CA LEU C 305 -7.54 -13.82 39.91
C LEU C 305 -8.16 -12.87 38.91
N ALA C 306 -7.45 -11.76 38.58
CA ALA C 306 -7.89 -10.76 37.62
C ALA C 306 -8.17 -11.39 36.25
N ASN C 307 -7.26 -12.29 35.79
CA ASN C 307 -7.40 -13.02 34.53
C ASN C 307 -8.60 -13.97 34.55
N ILE C 308 -8.87 -14.64 35.69
CA ILE C 308 -10.04 -15.52 35.86
C ILE C 308 -11.29 -14.65 35.69
N ILE C 309 -11.34 -13.48 36.37
CA ILE C 309 -12.44 -12.52 36.29
C ILE C 309 -12.69 -12.07 34.84
N LEU C 310 -11.63 -11.67 34.12
CA LEU C 310 -11.70 -11.23 32.72
C LEU C 310 -12.21 -12.31 31.78
N ALA C 311 -11.63 -13.52 31.85
CA ALA C 311 -12.03 -14.68 31.04
C ALA C 311 -13.50 -15.01 31.31
N PHE C 312 -13.95 -14.84 32.56
CA PHE C 312 -15.33 -15.09 32.92
C PHE C 312 -16.24 -14.05 32.30
N LEU C 313 -15.88 -12.76 32.37
CA LEU C 313 -16.67 -11.67 31.80
C LEU C 313 -16.78 -11.77 30.28
N PHE C 314 -15.70 -12.18 29.61
CA PHE C 314 -15.68 -12.28 28.15
C PHE C 314 -16.09 -13.64 27.57
N PHE C 315 -16.27 -14.72 28.37
CA PHE C 315 -16.60 -16.02 27.78
C PHE C 315 -17.72 -16.81 28.48
N VAL D 5 -23.06 -18.61 -32.16
CA VAL D 5 -22.20 -19.78 -32.39
C VAL D 5 -22.39 -20.83 -31.29
N SER D 6 -22.65 -22.08 -31.71
CA SER D 6 -22.86 -23.23 -30.82
C SER D 6 -21.60 -24.14 -30.80
N PRO D 7 -21.45 -25.13 -29.87
CA PRO D 7 -20.23 -25.96 -29.89
C PRO D 7 -20.17 -26.94 -31.07
N PRO D 8 -18.99 -27.51 -31.43
CA PRO D 8 -18.93 -28.45 -32.56
C PRO D 8 -19.76 -29.70 -32.30
N PRO D 9 -20.56 -30.17 -33.28
CA PRO D 9 -21.38 -31.38 -33.05
C PRO D 9 -20.55 -32.65 -33.05
N PRO D 10 -20.90 -33.66 -32.22
CA PRO D 10 -20.10 -34.90 -32.20
C PRO D 10 -20.36 -35.83 -33.36
N ILE D 11 -19.33 -36.56 -33.82
CA ILE D 11 -19.46 -37.54 -34.91
C ILE D 11 -20.26 -38.76 -34.42
N ALA D 12 -20.03 -39.17 -33.15
CA ALA D 12 -20.74 -40.27 -32.49
C ALA D 12 -21.39 -39.75 -31.20
N ASP D 13 -20.74 -39.94 -30.04
CA ASP D 13 -21.22 -39.50 -28.72
C ASP D 13 -20.03 -39.12 -27.83
N GLU D 14 -18.83 -39.05 -28.43
CA GLU D 14 -17.57 -38.71 -27.76
C GLU D 14 -17.56 -37.26 -27.20
N PRO D 15 -16.83 -36.98 -26.10
CA PRO D 15 -16.76 -35.59 -25.62
C PRO D 15 -15.75 -34.79 -26.43
N LEU D 16 -15.83 -33.45 -26.38
CA LEU D 16 -14.89 -32.61 -27.11
C LEU D 16 -13.60 -32.42 -26.29
N THR D 17 -12.47 -32.91 -26.83
CA THR D 17 -11.18 -32.79 -26.19
C THR D 17 -10.52 -31.47 -26.58
N VAL D 18 -10.28 -30.61 -25.59
CA VAL D 18 -9.58 -29.33 -25.77
C VAL D 18 -8.17 -29.54 -25.22
N ASN D 19 -7.19 -29.61 -26.12
CA ASN D 19 -5.79 -29.78 -25.75
C ASN D 19 -5.27 -28.43 -25.26
N THR D 20 -4.59 -28.43 -24.11
CA THR D 20 -4.07 -27.22 -23.49
C THR D 20 -2.56 -27.22 -23.31
N GLY D 21 -2.02 -26.01 -23.13
CA GLY D 21 -0.61 -25.75 -22.90
C GLY D 21 -0.41 -24.39 -22.27
N ILE D 22 0.42 -24.33 -21.22
CA ILE D 22 0.79 -23.07 -20.58
C ILE D 22 2.30 -22.93 -20.75
N TYR D 23 2.75 -21.75 -21.24
CA TYR D 23 4.17 -21.44 -21.40
C TYR D 23 4.44 -20.15 -20.62
N LEU D 24 5.10 -20.26 -19.44
CA LEU D 24 5.39 -19.12 -18.58
C LEU D 24 6.43 -18.20 -19.17
N ILE D 25 6.11 -16.90 -19.22
CA ILE D 25 7.00 -15.84 -19.72
C ILE D 25 7.65 -15.15 -18.51
N GLU D 26 6.82 -14.83 -17.48
CA GLU D 26 7.27 -14.15 -16.25
CA GLU D 26 7.25 -14.15 -16.24
C GLU D 26 6.57 -14.72 -15.01
N CYS D 27 7.29 -14.71 -13.89
CA CYS D 27 6.84 -15.14 -12.56
C CYS D 27 7.34 -14.10 -11.63
N TYR D 28 6.44 -13.45 -10.92
CA TYR D 28 6.82 -12.38 -10.02
C TYR D 28 5.88 -12.31 -8.84
N SER D 29 6.13 -11.35 -7.94
CA SER D 29 5.35 -11.03 -6.75
C SER D 29 4.82 -12.26 -5.97
N LEU D 30 5.73 -13.17 -5.51
CA LEU D 30 5.27 -14.27 -4.66
C LEU D 30 5.15 -13.68 -3.25
N ASP D 31 3.92 -13.38 -2.82
CA ASP D 31 3.60 -12.81 -1.52
C ASP D 31 3.34 -13.95 -0.55
N ASP D 32 4.18 -14.09 0.48
CA ASP D 32 4.05 -15.13 1.49
C ASP D 32 2.85 -14.94 2.40
N LYS D 33 2.65 -13.69 2.90
CA LYS D 33 1.53 -13.33 3.75
C LYS D 33 0.20 -13.58 3.04
N ALA D 34 0.10 -13.17 1.75
CA ALA D 34 -1.10 -13.34 0.93
C ALA D 34 -1.26 -14.73 0.31
N GLU D 35 -0.17 -15.52 0.22
CA GLU D 35 -0.12 -16.84 -0.41
C GLU D 35 -0.53 -16.78 -1.88
N THR D 36 -0.11 -15.70 -2.59
CA THR D 36 -0.37 -15.45 -4.00
C THR D 36 0.94 -15.20 -4.75
N PHE D 37 0.86 -15.21 -6.09
CA PHE D 37 1.96 -14.90 -7.00
C PHE D 37 1.34 -14.45 -8.30
N LYS D 38 2.05 -13.63 -9.04
CA LYS D 38 1.56 -13.16 -10.33
C LYS D 38 2.28 -13.92 -11.43
N VAL D 39 1.54 -14.24 -12.49
CA VAL D 39 2.07 -14.98 -13.62
C VAL D 39 1.71 -14.26 -14.94
N ASN D 40 2.63 -14.28 -15.91
CA ASN D 40 2.40 -13.73 -17.24
C ASN D 40 2.83 -14.86 -18.18
N ALA D 41 1.86 -15.47 -18.87
CA ALA D 41 2.11 -16.64 -19.69
C ALA D 41 1.33 -16.69 -20.98
N PHE D 42 1.60 -17.73 -21.79
CA PHE D 42 0.89 -18.04 -23.01
C PHE D 42 -0.04 -19.19 -22.70
N LEU D 43 -1.30 -19.11 -23.14
CA LEU D 43 -2.25 -20.20 -23.02
C LEU D 43 -2.56 -20.62 -24.44
N SER D 44 -2.32 -21.90 -24.73
CA SER D 44 -2.59 -22.44 -26.05
C SER D 44 -3.70 -23.50 -25.97
N LEU D 45 -4.72 -23.36 -26.84
CA LEU D 45 -5.84 -24.30 -26.90
C LEU D 45 -5.95 -24.86 -28.31
N SER D 46 -6.39 -26.14 -28.42
CA SER D 46 -6.59 -26.82 -29.70
C SER D 46 -7.74 -27.83 -29.62
N TRP D 47 -8.67 -27.74 -30.56
CA TRP D 47 -9.84 -28.62 -30.66
C TRP D 47 -10.22 -28.76 -32.13
N LYS D 48 -10.97 -29.83 -32.47
CA LYS D 48 -11.44 -30.03 -33.85
C LYS D 48 -12.89 -29.59 -33.99
N ASP D 49 -13.14 -28.68 -34.95
CA ASP D 49 -14.46 -28.18 -35.33
C ASP D 49 -14.62 -28.47 -36.83
N ARG D 50 -15.32 -29.58 -37.15
CA ARG D 50 -15.54 -30.04 -38.52
C ARG D 50 -16.29 -29.04 -39.41
N ARG D 51 -17.10 -28.14 -38.79
CA ARG D 51 -17.85 -27.09 -39.50
C ARG D 51 -16.90 -26.07 -40.15
N LEU D 52 -15.65 -25.99 -39.61
CA LEU D 52 -14.59 -25.09 -40.07
C LEU D 52 -13.63 -25.73 -41.08
N ALA D 53 -13.79 -27.05 -41.36
CA ALA D 53 -12.98 -27.80 -42.33
C ALA D 53 -13.13 -27.24 -43.76
N PHE D 54 -12.09 -27.40 -44.59
CA PHE D 54 -12.04 -26.90 -45.97
C PHE D 54 -11.06 -27.70 -46.85
N ASP D 55 -11.24 -27.60 -48.19
CA ASP D 55 -10.37 -28.26 -49.17
C ASP D 55 -9.23 -27.27 -49.53
N PRO D 56 -7.95 -27.63 -49.26
CA PRO D 56 -6.85 -26.68 -49.55
C PRO D 56 -6.61 -26.39 -51.03
N VAL D 57 -7.06 -27.30 -51.90
CA VAL D 57 -6.95 -27.22 -53.37
C VAL D 57 -7.87 -26.10 -53.91
N ARG D 58 -9.17 -26.14 -53.54
CA ARG D 58 -10.19 -25.16 -53.94
C ARG D 58 -9.98 -23.80 -53.28
N SER D 59 -9.69 -23.79 -51.98
CA SER D 59 -9.47 -22.59 -51.18
C SER D 59 -8.13 -21.89 -51.51
N GLY D 60 -7.16 -22.66 -52.00
CA GLY D 60 -5.84 -22.15 -52.36
C GLY D 60 -4.93 -21.87 -51.18
N VAL D 61 -5.48 -21.90 -49.96
CA VAL D 61 -4.75 -21.64 -48.71
C VAL D 61 -4.67 -22.89 -47.84
N ARG D 62 -3.49 -23.12 -47.24
CA ARG D 62 -3.20 -24.27 -46.37
C ARG D 62 -3.67 -24.07 -44.91
N VAL D 63 -4.06 -22.82 -44.57
CA VAL D 63 -4.51 -22.40 -43.24
C VAL D 63 -5.50 -21.21 -43.37
N LYS D 64 -6.35 -21.01 -42.35
CA LYS D 64 -7.32 -19.92 -42.29
C LYS D 64 -7.27 -19.26 -40.91
N THR D 65 -7.09 -17.94 -40.87
CA THR D 65 -7.02 -17.14 -39.63
C THR D 65 -8.39 -16.52 -39.36
N TYR D 66 -8.87 -16.62 -38.11
CA TYR D 66 -10.17 -16.08 -37.69
C TYR D 66 -10.06 -15.15 -36.50
N GLU D 67 -11.03 -14.22 -36.38
CA GLU D 67 -11.15 -13.32 -35.24
C GLU D 67 -11.92 -14.10 -34.16
N PRO D 68 -11.65 -13.90 -32.84
CA PRO D 68 -12.35 -14.70 -31.81
C PRO D 68 -13.88 -14.73 -31.90
N GLU D 69 -14.48 -13.59 -32.26
CA GLU D 69 -15.93 -13.40 -32.42
C GLU D 69 -16.51 -14.20 -33.57
N ALA D 70 -15.73 -14.43 -34.63
CA ALA D 70 -16.14 -15.17 -35.83
C ALA D 70 -16.47 -16.65 -35.58
N ILE D 71 -15.70 -17.34 -34.71
CA ILE D 71 -15.91 -18.77 -34.45
C ILE D 71 -16.23 -19.10 -32.98
N TRP D 72 -16.58 -20.38 -32.72
CA TRP D 72 -16.84 -20.90 -31.37
C TRP D 72 -15.51 -21.21 -30.69
N ILE D 73 -15.32 -20.66 -29.47
CA ILE D 73 -14.13 -20.87 -28.65
C ILE D 73 -14.56 -21.39 -27.27
N PRO D 74 -13.93 -22.49 -26.75
CA PRO D 74 -14.35 -23.01 -25.44
C PRO D 74 -14.00 -22.05 -24.32
N GLU D 75 -14.95 -21.84 -23.39
CA GLU D 75 -14.77 -20.95 -22.24
C GLU D 75 -13.89 -21.65 -21.21
N ILE D 76 -12.57 -21.40 -21.31
CA ILE D 76 -11.57 -21.94 -20.39
C ILE D 76 -11.35 -20.88 -19.32
N ARG D 77 -11.47 -21.26 -18.05
CA ARG D 77 -11.28 -20.37 -16.92
C ARG D 77 -10.23 -20.96 -15.96
N PHE D 78 -9.69 -20.12 -15.06
CA PHE D 78 -8.74 -20.51 -14.03
C PHE D 78 -9.51 -20.61 -12.73
N VAL D 79 -9.29 -21.69 -11.98
CA VAL D 79 -9.99 -21.91 -10.71
C VAL D 79 -9.49 -20.96 -9.61
N ASN D 80 -8.18 -21.03 -9.32
CA ASN D 80 -7.53 -20.32 -8.21
C ASN D 80 -6.95 -18.94 -8.55
N VAL D 81 -7.74 -18.07 -9.19
CA VAL D 81 -7.34 -16.69 -9.49
C VAL D 81 -8.13 -15.71 -8.63
N GLU D 82 -7.51 -14.56 -8.27
CA GLU D 82 -8.15 -13.48 -7.51
C GLU D 82 -9.30 -12.93 -8.37
N ASN D 83 -8.93 -12.36 -9.53
CA ASN D 83 -9.88 -11.85 -10.52
C ASN D 83 -9.61 -12.57 -11.84
N ALA D 84 -10.59 -12.55 -12.76
CA ALA D 84 -10.50 -13.16 -14.09
C ALA D 84 -9.29 -12.61 -14.85
N ARG D 85 -8.48 -13.52 -15.44
CA ARG D 85 -7.26 -13.22 -16.19
C ARG D 85 -7.41 -12.13 -17.25
N ASP D 86 -6.35 -11.32 -17.39
CA ASP D 86 -6.23 -10.27 -18.39
C ASP D 86 -5.68 -11.00 -19.59
N ALA D 87 -6.51 -11.22 -20.63
CA ALA D 87 -6.08 -11.97 -21.81
C ALA D 87 -6.13 -11.17 -23.10
N ASP D 88 -5.18 -11.48 -24.01
CA ASP D 88 -5.08 -10.89 -25.33
CA ASP D 88 -5.03 -10.88 -25.33
C ASP D 88 -4.76 -11.99 -26.33
N VAL D 89 -5.67 -12.20 -27.29
CA VAL D 89 -5.53 -13.25 -28.31
C VAL D 89 -4.38 -12.90 -29.25
N VAL D 90 -3.41 -13.82 -29.34
CA VAL D 90 -2.21 -13.71 -30.18
C VAL D 90 -2.57 -14.21 -31.60
N ASP D 91 -3.18 -15.42 -31.70
CA ASP D 91 -3.55 -16.03 -32.98
C ASP D 91 -4.57 -17.16 -32.85
N ILE D 92 -5.43 -17.30 -33.89
CA ILE D 92 -6.43 -18.35 -34.08
C ILE D 92 -6.23 -18.85 -35.51
N SER D 93 -5.80 -20.12 -35.67
CA SER D 93 -5.52 -20.72 -36.97
C SER D 93 -6.23 -22.05 -37.20
N VAL D 94 -6.92 -22.19 -38.34
CA VAL D 94 -7.66 -23.40 -38.69
C VAL D 94 -6.97 -24.18 -39.83
N SER D 95 -6.78 -25.49 -39.63
CA SER D 95 -6.18 -26.42 -40.59
C SER D 95 -7.27 -26.99 -41.53
N PRO D 96 -6.94 -27.63 -42.69
CA PRO D 96 -7.99 -28.15 -43.59
C PRO D 96 -9.01 -29.10 -42.94
N ASP D 97 -8.61 -29.89 -41.93
CA ASP D 97 -9.51 -30.84 -41.25
C ASP D 97 -10.46 -30.17 -40.24
N GLY D 98 -10.15 -28.92 -39.89
CA GLY D 98 -10.95 -28.14 -38.95
C GLY D 98 -10.33 -28.02 -37.57
N THR D 99 -9.05 -28.42 -37.42
CA THR D 99 -8.35 -28.31 -36.13
C THR D 99 -7.96 -26.86 -35.88
N VAL D 100 -8.60 -26.26 -34.87
CA VAL D 100 -8.37 -24.88 -34.46
C VAL D 100 -7.16 -24.83 -33.53
N GLN D 101 -6.26 -23.86 -33.76
CA GLN D 101 -5.08 -23.61 -32.94
C GLN D 101 -5.12 -22.19 -32.41
N TYR D 102 -5.59 -22.07 -31.17
CA TYR D 102 -5.76 -20.84 -30.42
C TYR D 102 -4.55 -20.57 -29.56
N LEU D 103 -4.18 -19.29 -29.44
CA LEU D 103 -3.08 -18.80 -28.60
C LEU D 103 -3.41 -17.42 -28.07
N GLU D 104 -3.24 -17.26 -26.75
CA GLU D 104 -3.48 -16.01 -26.06
C GLU D 104 -2.38 -15.78 -25.06
N ARG D 105 -2.11 -14.51 -24.76
CA ARG D 105 -1.14 -14.16 -23.73
C ARG D 105 -1.93 -13.58 -22.55
N PHE D 106 -1.77 -14.17 -21.37
CA PHE D 106 -2.50 -13.71 -20.19
C PHE D 106 -1.60 -13.32 -19.03
N SER D 107 -2.19 -12.68 -18.03
CA SER D 107 -1.58 -12.32 -16.76
C SER D 107 -2.65 -12.52 -15.67
N ALA D 108 -2.29 -13.19 -14.57
CA ALA D 108 -3.23 -13.44 -13.49
C ALA D 108 -2.53 -13.50 -12.14
N ARG D 109 -3.28 -13.15 -11.07
CA ARG D 109 -2.81 -13.27 -9.68
C ARG D 109 -3.40 -14.58 -9.20
N VAL D 110 -2.51 -15.55 -8.97
CA VAL D 110 -2.85 -16.92 -8.60
C VAL D 110 -2.74 -17.14 -7.10
N LEU D 111 -3.83 -17.62 -6.48
CA LEU D 111 -3.98 -17.98 -5.07
C LEU D 111 -3.44 -19.40 -4.92
N SER D 112 -2.39 -19.60 -4.14
CA SER D 112 -1.85 -20.95 -3.96
C SER D 112 -1.25 -21.10 -2.56
N PRO D 113 -1.85 -21.96 -1.71
CA PRO D 113 -1.35 -22.11 -0.34
C PRO D 113 0.08 -22.59 -0.17
N LEU D 114 0.78 -21.98 0.79
CA LEU D 114 2.16 -22.31 1.09
C LEU D 114 2.33 -23.01 2.42
N ASP D 115 3.33 -23.91 2.51
CA ASP D 115 3.64 -24.65 3.74
C ASP D 115 4.91 -24.07 4.39
N PHE D 116 4.72 -23.27 5.44
CA PHE D 116 5.82 -22.59 6.11
C PHE D 116 6.53 -23.42 7.19
N ARG D 117 6.14 -24.69 7.39
CA ARG D 117 6.73 -25.60 8.38
C ARG D 117 8.26 -25.61 8.40
N ARG D 118 8.93 -25.70 7.24
CA ARG D 118 10.40 -25.73 7.18
C ARG D 118 11.05 -24.38 6.82
N TYR D 119 10.27 -23.28 6.87
CA TYR D 119 10.73 -21.93 6.54
C TYR D 119 11.96 -21.52 7.38
N PRO D 120 12.98 -20.83 6.78
CA PRO D 120 13.11 -20.41 5.38
C PRO D 120 13.87 -21.41 4.47
N PHE D 121 13.87 -22.71 4.85
CA PHE D 121 14.53 -23.78 4.08
C PHE D 121 13.48 -24.65 3.36
N ASP D 122 12.29 -24.06 3.13
CA ASP D 122 11.12 -24.67 2.51
C ASP D 122 11.13 -24.67 1.00
N SER D 123 10.39 -25.63 0.44
CA SER D 123 10.13 -25.80 -0.99
C SER D 123 8.62 -25.80 -1.13
N GLN D 124 8.14 -25.31 -2.27
CA GLN D 124 6.70 -25.20 -2.52
C GLN D 124 6.33 -25.74 -3.89
N THR D 125 5.06 -26.17 -4.01
CA THR D 125 4.49 -26.59 -5.28
C THR D 125 3.35 -25.64 -5.53
N LEU D 126 3.56 -24.66 -6.41
CA LEU D 126 2.54 -23.71 -6.80
C LEU D 126 1.60 -24.37 -7.82
N HIS D 127 0.30 -23.98 -7.82
CA HIS D 127 -0.69 -24.58 -8.72
C HIS D 127 -1.41 -23.58 -9.59
N ILE D 128 -1.66 -23.98 -10.82
CA ILE D 128 -2.45 -23.23 -11.78
C ILE D 128 -3.48 -24.23 -12.26
N TYR D 129 -4.74 -24.04 -11.85
CA TYR D 129 -5.83 -24.94 -12.24
C TYR D 129 -6.64 -24.41 -13.39
N LEU D 130 -6.64 -25.15 -14.50
CA LEU D 130 -7.42 -24.84 -15.69
C LEU D 130 -8.74 -25.58 -15.60
N ILE D 131 -9.84 -24.93 -15.95
CA ILE D 131 -11.14 -25.59 -15.88
C ILE D 131 -12.03 -25.25 -17.11
N VAL D 132 -12.95 -26.16 -17.47
CA VAL D 132 -13.93 -25.97 -18.54
C VAL D 132 -15.27 -26.56 -18.11
N ARG D 133 -16.35 -25.81 -18.32
CA ARG D 133 -17.68 -26.29 -17.96
C ARG D 133 -18.38 -26.80 -19.21
N SER D 134 -18.89 -28.05 -19.15
CA SER D 134 -19.60 -28.71 -20.25
C SER D 134 -20.92 -28.02 -20.53
N VAL D 135 -21.27 -27.91 -21.82
CA VAL D 135 -22.52 -27.29 -22.28
C VAL D 135 -23.62 -28.35 -22.36
N ASP D 136 -24.89 -27.93 -22.52
CA ASP D 136 -26.02 -28.87 -22.61
C ASP D 136 -25.94 -29.78 -23.83
N THR D 137 -25.47 -29.23 -24.97
CA THR D 137 -25.33 -29.93 -26.25
C THR D 137 -24.26 -31.03 -26.15
N ARG D 138 -23.03 -30.71 -25.68
CA ARG D 138 -22.00 -31.74 -25.54
C ARG D 138 -20.99 -31.45 -24.41
N ASN D 139 -20.39 -32.54 -23.89
CA ASN D 139 -19.43 -32.48 -22.80
CA ASN D 139 -19.41 -32.59 -22.81
C ASN D 139 -18.02 -32.15 -23.30
N ILE D 140 -17.33 -31.27 -22.54
CA ILE D 140 -15.98 -30.81 -22.86
C ILE D 140 -15.00 -31.32 -21.81
N VAL D 141 -13.94 -31.99 -22.31
CA VAL D 141 -12.87 -32.61 -21.53
C VAL D 141 -11.54 -31.95 -21.88
N LEU D 142 -10.70 -31.69 -20.87
CA LEU D 142 -9.38 -31.08 -21.06
C LEU D 142 -8.28 -32.13 -21.24
N ALA D 143 -7.23 -31.74 -21.98
CA ALA D 143 -6.05 -32.57 -22.26
C ALA D 143 -4.80 -31.70 -22.17
N VAL D 144 -3.63 -32.33 -22.05
CA VAL D 144 -2.36 -31.61 -21.97
C VAL D 144 -1.51 -31.98 -23.19
N ASP D 145 -1.14 -30.97 -23.99
CA ASP D 145 -0.22 -31.17 -25.11
C ASP D 145 1.13 -30.80 -24.51
N LEU D 146 1.91 -31.82 -24.10
CA LEU D 146 3.21 -31.66 -23.43
C LEU D 146 4.24 -30.87 -24.24
N GLU D 147 4.10 -30.88 -25.57
CA GLU D 147 4.95 -30.13 -26.51
C GLU D 147 4.74 -28.62 -26.34
N LYS D 148 3.56 -28.21 -25.80
CA LYS D 148 3.20 -26.81 -25.62
C LYS D 148 3.14 -26.35 -24.14
N VAL D 149 3.80 -27.11 -23.24
CA VAL D 149 3.93 -26.80 -21.81
C VAL D 149 5.43 -26.53 -21.56
N GLY D 150 5.72 -25.34 -21.03
CA GLY D 150 7.09 -24.94 -20.74
C GLY D 150 7.19 -23.62 -20.03
N LYS D 151 8.42 -23.09 -19.97
CA LYS D 151 8.76 -21.81 -19.33
C LYS D 151 10.01 -21.21 -19.97
N ASN D 152 10.10 -19.88 -19.96
CA ASN D 152 11.24 -19.15 -20.49
C ASN D 152 12.45 -19.38 -19.55
N ASP D 153 13.67 -19.48 -20.11
CA ASP D 153 14.90 -19.72 -19.35
C ASP D 153 15.24 -18.57 -18.39
N ASP D 154 14.76 -17.36 -18.75
CA ASP D 154 14.94 -16.11 -18.01
C ASP D 154 13.87 -15.88 -16.91
N VAL D 155 12.89 -16.82 -16.73
CA VAL D 155 11.84 -16.71 -15.69
C VAL D 155 12.53 -16.73 -14.32
N PHE D 156 12.47 -15.59 -13.62
CA PHE D 156 13.09 -15.40 -12.32
C PHE D 156 12.06 -14.99 -11.28
N LEU D 157 11.93 -15.78 -10.22
CA LEU D 157 11.05 -15.46 -9.11
C LEU D 157 11.99 -15.06 -7.98
N THR D 158 12.04 -13.73 -7.68
CA THR D 158 12.92 -13.10 -6.68
C THR D 158 12.92 -13.85 -5.36
N GLY D 159 14.11 -14.28 -4.93
CA GLY D 159 14.32 -15.03 -3.69
C GLY D 159 13.89 -16.48 -3.70
N TRP D 160 13.69 -17.05 -4.90
CA TRP D 160 13.25 -18.42 -5.14
C TRP D 160 13.98 -19.04 -6.32
N ASP D 161 14.11 -20.36 -6.30
CA ASP D 161 14.71 -21.15 -7.38
C ASP D 161 13.59 -21.95 -8.03
N ILE D 162 13.42 -21.80 -9.34
CA ILE D 162 12.38 -22.51 -10.08
C ILE D 162 12.93 -23.87 -10.52
N GLU D 163 12.41 -24.94 -9.92
CA GLU D 163 12.84 -26.31 -10.21
C GLU D 163 12.25 -26.89 -11.47
N SER D 164 10.90 -26.88 -11.60
CA SER D 164 10.17 -27.43 -12.75
C SER D 164 8.77 -26.87 -12.90
N PHE D 165 8.23 -26.92 -14.13
CA PHE D 165 6.86 -26.53 -14.42
C PHE D 165 6.29 -27.63 -15.29
N THR D 166 5.49 -28.51 -14.67
CA THR D 166 4.87 -29.65 -15.34
C THR D 166 3.34 -29.65 -15.18
N ALA D 167 2.65 -30.54 -15.89
CA ALA D 167 1.20 -30.67 -15.83
C ALA D 167 0.78 -32.10 -15.53
N VAL D 168 -0.22 -32.26 -14.64
CA VAL D 168 -0.82 -33.56 -14.31
C VAL D 168 -1.78 -33.84 -15.48
N VAL D 169 -1.29 -34.67 -16.44
CA VAL D 169 -1.90 -35.03 -17.72
C VAL D 169 -3.36 -35.54 -17.64
N LYS D 170 -3.74 -36.23 -16.54
CA LYS D 170 -5.09 -36.76 -16.36
C LYS D 170 -6.00 -35.70 -15.69
N PRO D 171 -7.04 -35.21 -16.40
CA PRO D 171 -7.91 -34.19 -15.79
C PRO D 171 -8.85 -34.73 -14.71
N ALA D 172 -9.21 -33.86 -13.76
CA ALA D 172 -10.15 -34.16 -12.70
C ALA D 172 -11.55 -33.85 -13.22
N ASN D 173 -12.27 -34.89 -13.69
CA ASN D 173 -13.63 -34.75 -14.22
C ASN D 173 -14.64 -34.95 -13.08
N PHE D 174 -15.48 -33.95 -12.81
CA PHE D 174 -16.46 -33.95 -11.71
C PHE D 174 -17.71 -33.13 -12.03
N ALA D 175 -18.79 -33.34 -11.28
CA ALA D 175 -20.04 -32.59 -11.46
C ALA D 175 -20.07 -31.39 -10.52
N LEU D 176 -20.61 -30.28 -11.01
CA LEU D 176 -20.76 -29.04 -10.25
C LEU D 176 -21.97 -28.29 -10.77
N GLU D 177 -22.96 -28.03 -9.89
CA GLU D 177 -24.23 -27.36 -10.22
C GLU D 177 -24.92 -28.02 -11.44
N ASP D 178 -25.00 -29.36 -11.41
CA ASP D 178 -25.60 -30.28 -12.40
C ASP D 178 -25.00 -30.15 -13.84
N ARG D 179 -23.68 -29.93 -13.93
CA ARG D 179 -22.94 -29.87 -15.18
C ARG D 179 -21.51 -30.35 -14.95
N LEU D 180 -21.00 -31.13 -15.89
CA LEU D 180 -19.65 -31.68 -15.86
C LEU D 180 -18.59 -30.57 -16.01
N GLU D 181 -17.55 -30.70 -15.20
CA GLU D 181 -16.44 -29.78 -15.13
C GLU D 181 -15.15 -30.59 -15.25
N SER D 182 -14.23 -30.16 -16.12
CA SER D 182 -12.95 -30.84 -16.34
C SER D 182 -11.81 -29.91 -15.90
N LYS D 183 -11.11 -30.30 -14.82
CA LYS D 183 -10.02 -29.55 -14.19
C LYS D 183 -8.64 -30.11 -14.55
N LEU D 184 -7.64 -29.23 -14.74
CA LEU D 184 -6.25 -29.60 -15.03
C LEU D 184 -5.30 -28.94 -14.05
N ASP D 185 -4.30 -29.70 -13.59
CA ASP D 185 -3.31 -29.21 -12.61
C ASP D 185 -1.94 -28.93 -13.20
N TYR D 186 -1.58 -27.63 -13.30
CA TYR D 186 -0.27 -27.16 -13.73
C TYR D 186 0.51 -26.86 -12.47
N GLN D 187 1.60 -27.60 -12.26
CA GLN D 187 2.43 -27.49 -11.05
C GLN D 187 3.80 -26.88 -11.26
N LEU D 188 4.02 -25.72 -10.60
CA LEU D 188 5.29 -25.01 -10.62
C LEU D 188 6.04 -25.27 -9.30
N ARG D 189 7.10 -26.09 -9.37
CA ARG D 189 7.92 -26.45 -8.22
C ARG D 189 9.05 -25.44 -8.02
N ILE D 190 9.05 -24.80 -6.84
CA ILE D 190 10.04 -23.79 -6.45
C ILE D 190 10.64 -24.13 -5.07
N SER D 191 11.86 -23.63 -4.81
CA SER D 191 12.52 -23.78 -3.51
C SER D 191 13.17 -22.47 -3.13
N ARG D 192 12.95 -22.06 -1.88
CA ARG D 192 13.41 -20.79 -1.32
C ARG D 192 14.93 -20.67 -1.22
N GLN D 193 15.45 -19.48 -1.58
CA GLN D 193 16.86 -19.13 -1.49
C GLN D 193 17.06 -18.61 -0.06
N TYR D 194 17.46 -19.54 0.83
CA TYR D 194 17.66 -19.29 2.26
C TYR D 194 18.91 -18.48 2.63
N PHE D 195 19.87 -18.29 1.68
CA PHE D 195 21.14 -17.59 1.89
C PHE D 195 21.05 -16.37 2.80
N SER D 196 20.32 -15.33 2.37
CA SER D 196 20.15 -14.04 3.04
C SER D 196 19.71 -14.12 4.50
N TYR D 197 18.89 -15.11 4.86
CA TYR D 197 18.40 -15.29 6.24
C TYR D 197 19.53 -15.52 7.25
N ILE D 198 20.60 -16.21 6.82
CA ILE D 198 21.77 -16.52 7.63
C ILE D 198 22.48 -15.22 8.11
N PRO D 199 23.03 -14.31 7.26
CA PRO D 199 23.67 -13.11 7.80
C PRO D 199 22.74 -11.99 8.29
N ASN D 200 21.45 -12.05 7.97
CA ASN D 200 20.51 -10.98 8.33
C ASN D 200 19.68 -11.24 9.57
N ILE D 201 19.27 -12.51 9.80
CA ILE D 201 18.41 -12.86 10.92
C ILE D 201 19.05 -13.90 11.86
N ILE D 202 19.47 -15.08 11.32
CA ILE D 202 19.99 -16.19 12.12
C ILE D 202 21.23 -15.78 12.92
N LEU D 203 22.35 -15.46 12.26
CA LEU D 203 23.59 -15.10 12.94
C LEU D 203 23.41 -13.89 13.88
N PRO D 204 22.78 -12.75 13.48
CA PRO D 204 22.55 -11.67 14.46
C PRO D 204 21.82 -12.15 15.71
N MET D 205 20.75 -12.96 15.53
CA MET D 205 19.96 -13.53 16.61
C MET D 205 20.77 -14.42 17.54
N LEU D 206 21.75 -15.18 17.01
CA LEU D 206 22.61 -16.05 17.83
C LEU D 206 23.65 -15.24 18.59
N PHE D 207 24.22 -14.20 17.94
CA PHE D 207 25.19 -13.30 18.55
C PHE D 207 24.63 -12.59 19.76
N ILE D 208 23.40 -12.04 19.66
CA ILE D 208 22.75 -11.36 20.79
C ILE D 208 22.50 -12.35 21.93
N LEU D 209 22.15 -13.62 21.60
CA LEU D 209 21.95 -14.69 22.58
C LEU D 209 23.27 -15.03 23.33
N PHE D 210 24.39 -15.15 22.58
CA PHE D 210 25.68 -15.44 23.19
C PHE D 210 26.18 -14.29 24.04
N ILE D 211 25.84 -13.04 23.68
CA ILE D 211 26.18 -11.84 24.45
C ILE D 211 25.49 -11.91 25.83
N SER D 212 24.24 -12.41 25.88
CA SER D 212 23.51 -12.58 27.13
C SER D 212 24.21 -13.60 28.07
N TRP D 213 24.89 -14.61 27.50
CA TRP D 213 25.59 -15.65 28.25
C TRP D 213 26.93 -15.17 28.86
N THR D 214 27.37 -13.93 28.56
CA THR D 214 28.58 -13.38 29.17
C THR D 214 28.29 -12.99 30.62
N ALA D 215 26.98 -12.95 31.01
CA ALA D 215 26.54 -12.66 32.38
C ALA D 215 26.94 -13.81 33.33
N PHE D 216 27.34 -14.97 32.76
CA PHE D 216 27.82 -16.11 33.53
C PHE D 216 29.30 -15.96 33.92
N TRP D 217 30.00 -14.94 33.37
CA TRP D 217 31.38 -14.60 33.74
C TRP D 217 31.43 -13.23 34.42
N SER D 218 30.30 -12.82 35.00
CA SER D 218 30.17 -11.56 35.71
C SER D 218 29.43 -11.74 37.02
N THR D 219 29.89 -11.02 38.05
CA THR D 219 29.34 -11.00 39.41
C THR D 219 28.49 -9.74 39.65
N SER D 220 28.49 -8.80 38.67
CA SER D 220 27.77 -7.53 38.73
C SER D 220 26.31 -7.71 38.30
N TYR D 221 25.39 -7.79 39.28
CA TYR D 221 23.95 -7.95 39.03
C TYR D 221 23.39 -6.86 38.14
N GLU D 222 23.78 -5.60 38.39
CA GLU D 222 23.35 -4.43 37.61
C GLU D 222 23.71 -4.62 36.13
N ALA D 223 24.98 -5.01 35.86
CA ALA D 223 25.46 -5.26 34.50
C ALA D 223 24.81 -6.49 33.88
N ASN D 224 24.58 -7.54 34.69
CA ASN D 224 23.93 -8.76 34.24
C ASN D 224 22.49 -8.50 33.83
N VAL D 225 21.75 -7.72 34.64
CA VAL D 225 20.37 -7.32 34.38
C VAL D 225 20.33 -6.63 33.00
N THR D 226 21.25 -5.66 32.78
CA THR D 226 21.41 -4.92 31.53
C THR D 226 21.67 -5.87 30.37
N LEU D 227 22.71 -6.73 30.50
CA LEU D 227 23.06 -7.72 29.46
C LEU D 227 21.88 -8.57 29.03
N VAL D 228 21.19 -9.22 29.99
CA VAL D 228 20.09 -10.14 29.68
C VAL D 228 18.80 -9.42 29.20
N VAL D 229 18.47 -8.28 29.80
CA VAL D 229 17.26 -7.56 29.43
C VAL D 229 17.40 -6.88 28.06
N SER D 230 18.53 -6.20 27.81
CA SER D 230 18.75 -5.52 26.53
C SER D 230 18.73 -6.49 25.37
N THR D 231 19.49 -7.60 25.48
CA THR D 231 19.52 -8.64 24.44
C THR D 231 18.14 -9.26 24.24
N LEU D 232 17.31 -9.37 25.32
CA LEU D 232 15.94 -9.89 25.20
C LEU D 232 15.10 -8.95 24.33
N ILE D 233 15.24 -7.63 24.53
CA ILE D 233 14.54 -6.63 23.74
C ILE D 233 14.90 -6.74 22.25
N ALA D 234 16.21 -6.93 21.94
CA ALA D 234 16.71 -7.13 20.57
C ALA D 234 16.12 -8.42 19.97
N HIS D 235 15.90 -9.46 20.79
CA HIS D 235 15.28 -10.70 20.31
C HIS D 235 13.79 -10.48 19.96
N ILE D 236 13.09 -9.66 20.77
CA ILE D 236 11.68 -9.31 20.52
C ILE D 236 11.60 -8.60 19.16
N ALA D 237 12.55 -7.69 18.86
CA ALA D 237 12.64 -6.98 17.57
C ALA D 237 12.77 -7.99 16.40
N PHE D 238 13.64 -9.00 16.53
CA PHE D 238 13.84 -10.06 15.54
C PHE D 238 12.63 -10.95 15.40
N ASN D 239 11.92 -11.22 16.49
CA ASN D 239 10.67 -12.00 16.46
C ASN D 239 9.63 -11.19 15.65
N ILE D 240 9.44 -9.87 15.97
CA ILE D 240 8.51 -8.99 15.25
C ILE D 240 8.86 -8.92 13.75
N LEU D 241 10.14 -8.65 13.42
CA LEU D 241 10.61 -8.60 12.02
C LEU D 241 10.24 -9.86 11.25
N VAL D 242 10.55 -11.05 11.83
CA VAL D 242 10.25 -12.33 11.19
C VAL D 242 8.74 -12.53 10.99
N GLU D 243 7.94 -12.42 12.09
CA GLU D 243 6.48 -12.64 12.06
CA GLU D 243 6.49 -12.65 12.03
C GLU D 243 5.74 -11.66 11.14
N THR D 244 6.27 -10.42 10.93
CA THR D 244 5.60 -9.47 10.04
C THR D 244 5.61 -9.92 8.57
N ASN D 245 6.70 -10.57 8.09
CA ASN D 245 6.81 -11.08 6.70
C ASN D 245 6.28 -12.54 6.54
N LEU D 246 5.38 -12.99 7.44
CA LEU D 246 4.80 -14.33 7.42
C LEU D 246 3.34 -14.35 7.84
N PRO D 247 2.50 -15.24 7.23
CA PRO D 247 1.10 -15.32 7.67
C PRO D 247 0.97 -16.14 8.97
N LYS D 248 -0.14 -15.92 9.68
CA LYS D 248 -0.45 -16.60 10.93
C LYS D 248 -0.85 -18.06 10.60
N THR D 249 0.03 -19.00 10.93
CA THR D 249 -0.15 -20.44 10.68
C THR D 249 -0.79 -21.19 11.86
N PRO D 250 -1.71 -22.15 11.59
CA PRO D 250 -2.30 -22.92 12.71
C PRO D 250 -1.39 -24.06 13.20
N TYR D 251 -0.16 -24.11 12.68
CA TYR D 251 0.88 -25.09 12.96
C TYR D 251 2.16 -24.36 13.36
N MET D 252 3.10 -25.11 13.97
CA MET D 252 4.39 -24.55 14.37
C MET D 252 5.36 -24.65 13.20
N THR D 253 6.09 -23.56 12.96
CA THR D 253 7.12 -23.48 11.92
C THR D 253 8.49 -23.70 12.55
N TYR D 254 9.52 -23.98 11.74
CA TYR D 254 10.87 -24.23 12.21
C TYR D 254 11.48 -23.00 12.87
N THR D 255 11.43 -21.85 12.17
CA THR D 255 11.92 -20.56 12.67
C THR D 255 11.10 -20.12 13.89
N GLY D 256 9.80 -20.40 13.86
CA GLY D 256 8.90 -20.07 14.95
C GLY D 256 9.27 -20.74 16.24
N ALA D 257 9.57 -22.08 16.16
CA ALA D 257 9.97 -22.95 17.27
C ALA D 257 11.26 -22.47 17.90
N ILE D 258 12.29 -22.17 17.06
CA ILE D 258 13.60 -21.66 17.49
C ILE D 258 13.44 -20.33 18.21
N ILE D 259 12.76 -19.35 17.57
CA ILE D 259 12.48 -18.02 18.13
C ILE D 259 11.82 -18.16 19.50
N PHE D 260 10.79 -19.04 19.61
CA PHE D 260 10.07 -19.29 20.85
C PHE D 260 10.98 -19.89 21.93
N MET D 261 11.68 -21.00 21.60
CA MET D 261 12.60 -21.69 22.48
C MET D 261 13.65 -20.73 23.06
N ILE D 262 14.18 -19.80 22.23
CA ILE D 262 15.15 -18.79 22.65
C ILE D 262 14.59 -17.90 23.78
N TYR D 263 13.27 -17.59 23.79
CA TYR D 263 12.65 -16.82 24.88
C TYR D 263 12.82 -17.53 26.23
N LEU D 264 12.78 -18.89 26.23
CA LEU D 264 12.94 -19.68 27.43
C LEU D 264 14.35 -19.55 27.99
N PHE D 265 15.37 -19.51 27.09
CA PHE D 265 16.77 -19.35 27.46
C PHE D 265 16.99 -18.00 28.13
N TYR D 266 16.32 -16.94 27.63
CA TYR D 266 16.38 -15.60 28.22
C TYR D 266 15.73 -15.60 29.59
N PHE D 267 14.57 -16.28 29.71
CA PHE D 267 13.84 -16.38 30.96
C PHE D 267 14.67 -17.07 32.02
N VAL D 268 15.27 -18.23 31.68
CA VAL D 268 16.11 -18.99 32.60
C VAL D 268 17.39 -18.18 32.97
N ALA D 269 18.00 -17.44 32.00
CA ALA D 269 19.17 -16.58 32.28
C ALA D 269 18.81 -15.51 33.32
N VAL D 270 17.62 -14.87 33.21
CA VAL D 270 17.14 -13.89 34.19
C VAL D 270 17.05 -14.59 35.56
N ILE D 271 16.43 -15.79 35.62
CA ILE D 271 16.32 -16.59 36.85
C ILE D 271 17.70 -16.84 37.45
N GLU D 272 18.69 -17.31 36.64
CA GLU D 272 20.06 -17.58 37.09
C GLU D 272 20.71 -16.33 37.69
N VAL D 273 20.69 -15.22 36.94
CA VAL D 273 21.22 -13.91 37.33
C VAL D 273 20.61 -13.44 38.68
N THR D 274 19.29 -13.66 38.85
CA THR D 274 18.53 -13.35 40.08
C THR D 274 18.99 -14.25 41.25
N VAL D 275 19.06 -15.58 41.01
CA VAL D 275 19.50 -16.61 41.98
C VAL D 275 20.89 -16.26 42.50
N GLN D 276 21.85 -16.01 41.58
CA GLN D 276 23.22 -15.63 41.90
C GLN D 276 23.26 -14.43 42.87
N HIS D 277 22.51 -13.34 42.57
CA HIS D 277 22.44 -12.14 43.41
C HIS D 277 21.88 -12.40 44.79
N TYR D 278 20.77 -13.17 44.88
CA TYR D 278 20.11 -13.49 46.15
C TYR D 278 21.10 -14.19 47.10
N LEU D 279 21.88 -15.14 46.55
CA LEU D 279 22.89 -15.91 47.30
C LEU D 279 24.04 -15.03 47.77
N LYS D 280 24.59 -14.16 46.88
CA LYS D 280 25.68 -13.24 47.22
CA LYS D 280 25.67 -13.22 47.20
C LYS D 280 25.27 -12.31 48.37
N VAL D 281 24.02 -11.77 48.31
CA VAL D 281 23.46 -10.91 49.35
C VAL D 281 23.30 -11.71 50.68
N GLU D 282 22.85 -12.98 50.59
CA GLU D 282 22.66 -13.91 51.73
C GLU D 282 23.98 -14.46 52.28
N SER D 283 25.12 -13.94 51.78
CA SER D 283 26.48 -14.33 52.16
C SER D 283 26.77 -15.82 51.88
N GLN D 284 26.35 -16.27 50.70
CA GLN D 284 26.55 -17.63 50.20
C GLN D 284 27.18 -17.58 48.78
N PRO D 285 28.33 -16.89 48.55
CA PRO D 285 28.88 -16.79 47.19
C PRO D 285 29.44 -18.09 46.62
N ALA D 286 29.82 -19.05 47.48
CA ALA D 286 30.34 -20.35 47.08
C ALA D 286 29.27 -21.16 46.32
N ARG D 287 28.01 -21.09 46.78
CA ARG D 287 26.87 -21.79 46.17
C ARG D 287 26.49 -21.12 44.86
N ALA D 288 26.52 -19.78 44.84
CA ALA D 288 26.27 -18.94 43.68
C ALA D 288 27.32 -19.23 42.61
N ALA D 289 28.59 -19.41 43.04
CA ALA D 289 29.72 -19.74 42.15
C ALA D 289 29.52 -21.08 41.47
N SER D 290 28.94 -22.08 42.18
CA SER D 290 28.67 -23.43 41.67
C SER D 290 27.63 -23.39 40.57
N ILE D 291 26.51 -22.67 40.81
CA ILE D 291 25.40 -22.51 39.87
C ILE D 291 25.88 -21.76 38.61
N THR D 292 26.63 -20.67 38.79
CA THR D 292 27.16 -19.85 37.68
C THR D 292 28.14 -20.66 36.83
N ARG D 293 29.02 -21.46 37.47
CA ARG D 293 29.96 -22.33 36.76
C ARG D 293 29.25 -23.41 35.94
N ALA D 294 28.13 -23.95 36.48
CA ALA D 294 27.30 -24.97 35.83
C ALA D 294 26.61 -24.40 34.59
N SER D 295 25.99 -23.20 34.73
CA SER D 295 25.28 -22.47 33.69
C SER D 295 26.15 -22.25 32.45
N ARG D 296 27.45 -21.95 32.65
CA ARG D 296 28.47 -21.74 31.61
C ARG D 296 28.57 -22.88 30.61
N ILE D 297 28.35 -24.13 31.09
CA ILE D 297 28.36 -25.35 30.30
C ILE D 297 26.92 -25.72 29.90
N ALA D 298 25.99 -25.75 30.88
CA ALA D 298 24.59 -26.11 30.69
C ALA D 298 23.90 -25.37 29.55
N PHE D 299 23.87 -24.01 29.58
CA PHE D 299 23.23 -23.17 28.57
C PHE D 299 23.67 -23.50 27.13
N PRO D 300 24.99 -23.49 26.74
CA PRO D 300 25.33 -23.88 25.36
C PRO D 300 24.96 -25.33 25.01
N VAL D 301 25.19 -26.29 25.95
CA VAL D 301 24.88 -27.71 25.76
C VAL D 301 23.38 -27.95 25.50
N VAL D 302 22.50 -27.43 26.38
CA VAL D 302 21.06 -27.54 26.26
C VAL D 302 20.59 -26.84 24.97
N PHE D 303 21.21 -25.69 24.62
CA PHE D 303 20.87 -24.98 23.39
C PHE D 303 21.19 -25.84 22.15
N LEU D 304 22.39 -26.41 22.12
CA LEU D 304 22.86 -27.28 21.04
C LEU D 304 22.00 -28.53 20.91
N LEU D 305 21.66 -29.20 22.04
CA LEU D 305 20.81 -30.41 22.03
C LEU D 305 19.39 -30.11 21.57
N ALA D 306 18.79 -29.02 22.10
CA ALA D 306 17.43 -28.58 21.75
C ALA D 306 17.31 -28.33 20.24
N ASN D 307 18.32 -27.65 19.66
CA ASN D 307 18.40 -27.38 18.23
C ASN D 307 18.52 -28.65 17.39
N ILE D 308 19.30 -29.65 17.86
CA ILE D 308 19.44 -30.95 17.19
C ILE D 308 18.05 -31.61 17.16
N ILE D 309 17.35 -31.63 18.32
CA ILE D 309 15.99 -32.18 18.46
C ILE D 309 15.02 -31.50 17.49
N LEU D 310 15.01 -30.15 17.43
CA LEU D 310 14.14 -29.37 16.54
C LEU D 310 14.39 -29.64 15.06
N ALA D 311 15.67 -29.59 14.63
CA ALA D 311 16.08 -29.87 13.25
C ALA D 311 15.68 -31.29 12.87
N PHE D 312 15.75 -32.22 13.82
CA PHE D 312 15.35 -33.59 13.59
C PHE D 312 13.84 -33.70 13.38
N LEU D 313 13.05 -33.02 14.24
CA LEU D 313 11.58 -33.04 14.16
C LEU D 313 11.07 -32.41 12.88
N PHE D 314 11.73 -31.34 12.41
CA PHE D 314 11.32 -30.61 11.22
C PHE D 314 11.95 -31.09 9.91
N PHE D 315 13.07 -31.85 9.93
CA PHE D 315 13.72 -32.25 8.68
C PHE D 315 14.07 -33.74 8.59
N VAL E 5 -8.35 -8.04 -42.22
CA VAL E 5 -7.07 -7.62 -42.78
C VAL E 5 -5.97 -8.65 -42.50
N SER E 6 -5.25 -9.04 -43.56
CA SER E 6 -4.16 -10.01 -43.55
C SER E 6 -2.79 -9.30 -43.65
N PRO E 7 -1.63 -9.95 -43.39
CA PRO E 7 -0.34 -9.23 -43.49
C PRO E 7 0.07 -8.89 -44.93
N PRO E 8 1.01 -7.95 -45.17
CA PRO E 8 1.40 -7.63 -46.55
C PRO E 8 2.03 -8.82 -47.26
N PRO E 9 1.68 -9.11 -48.52
CA PRO E 9 2.27 -10.27 -49.21
C PRO E 9 3.71 -10.02 -49.65
N PRO E 10 4.60 -11.04 -49.62
CA PRO E 10 5.99 -10.81 -50.03
C PRO E 10 6.19 -10.76 -51.54
N ILE E 11 7.15 -9.92 -52.00
CA ILE E 11 7.49 -9.80 -53.41
C ILE E 11 8.18 -11.07 -53.91
N ALA E 12 9.05 -11.65 -53.05
CA ALA E 12 9.78 -12.90 -53.31
C ALA E 12 9.45 -13.92 -52.20
N ASP E 13 10.34 -14.03 -51.19
CA ASP E 13 10.18 -14.94 -50.05
C ASP E 13 10.76 -14.31 -48.77
N GLU E 14 11.17 -13.03 -48.87
CA GLU E 14 11.77 -12.23 -47.80
C GLU E 14 10.83 -12.02 -46.58
N PRO E 15 11.36 -11.90 -45.35
CA PRO E 15 10.48 -11.63 -44.21
C PRO E 15 10.11 -10.14 -44.14
N LEU E 16 9.04 -9.81 -43.40
CA LEU E 16 8.61 -8.42 -43.26
C LEU E 16 9.41 -7.74 -42.15
N THR E 17 10.18 -6.69 -42.52
CA THR E 17 10.99 -5.93 -41.57
C THR E 17 10.16 -4.79 -40.97
N VAL E 18 9.94 -4.84 -39.66
CA VAL E 18 9.24 -3.79 -38.91
C VAL E 18 10.31 -3.00 -38.17
N ASN E 19 10.57 -1.77 -38.63
CA ASN E 19 11.53 -0.88 -38.01
C ASN E 19 10.90 -0.29 -36.76
N THR E 20 11.65 -0.32 -35.64
CA THR E 20 11.16 0.15 -34.35
C THR E 20 11.99 1.29 -33.75
N GLY E 21 11.40 1.95 -32.75
CA GLY E 21 12.00 3.06 -32.03
C GLY E 21 11.24 3.41 -30.75
N ILE E 22 11.96 3.51 -29.62
CA ILE E 22 11.37 3.89 -28.33
C ILE E 22 11.97 5.23 -27.93
N TYR E 23 11.11 6.22 -27.63
CA TYR E 23 11.54 7.54 -27.18
C TYR E 23 10.94 7.77 -25.82
N LEU E 24 11.78 7.68 -24.76
CA LEU E 24 11.37 7.84 -23.37
C LEU E 24 10.94 9.25 -23.04
N ILE E 25 9.73 9.41 -22.49
CA ILE E 25 9.18 10.71 -22.07
C ILE E 25 9.38 10.84 -20.55
N GLU E 26 9.05 9.76 -19.79
CA GLU E 26 9.16 9.72 -18.33
CA GLU E 26 9.16 9.71 -18.33
C GLU E 26 9.69 8.37 -17.83
N CYS E 27 10.43 8.39 -16.73
CA CYS E 27 11.01 7.25 -16.04
C CYS E 27 10.76 7.50 -14.60
N TYR E 28 10.03 6.61 -13.97
CA TYR E 28 9.67 6.78 -12.57
C TYR E 28 9.55 5.44 -11.87
N SER E 29 9.25 5.48 -10.57
CA SER E 29 9.01 4.36 -9.68
C SER E 29 9.99 3.16 -9.86
N LEU E 30 11.32 3.40 -9.72
CA LEU E 30 12.25 2.27 -9.75
C LEU E 30 12.21 1.64 -8.36
N ASP E 31 11.51 0.52 -8.24
CA ASP E 31 11.34 -0.24 -7.01
C ASP E 31 12.45 -1.30 -6.94
N ASP E 32 13.34 -1.19 -5.94
CA ASP E 32 14.45 -2.12 -5.74
C ASP E 32 13.99 -3.49 -5.27
N LYS E 33 13.09 -3.51 -4.26
CA LYS E 33 12.51 -4.73 -3.71
C LYS E 33 11.79 -5.52 -4.81
N ALA E 34 10.97 -4.83 -5.63
CA ALA E 34 10.19 -5.43 -6.72
C ALA E 34 10.98 -5.69 -8.00
N GLU E 35 12.13 -4.98 -8.19
CA GLU E 35 12.99 -5.04 -9.38
C GLU E 35 12.20 -4.62 -10.63
N THR E 36 11.33 -3.60 -10.46
CA THR E 36 10.50 -3.01 -11.50
C THR E 36 10.72 -1.50 -11.59
N PHE E 37 10.38 -0.92 -12.76
CA PHE E 37 10.41 0.52 -13.04
C PHE E 37 9.27 0.86 -13.99
N LYS E 38 8.72 2.06 -13.87
CA LYS E 38 7.65 2.48 -14.75
C LYS E 38 8.19 3.42 -15.81
N VAL E 39 7.68 3.25 -17.02
CA VAL E 39 8.09 4.04 -18.17
C VAL E 39 6.87 4.61 -18.88
N ASN E 40 7.02 5.78 -19.48
CA ASN E 40 6.00 6.43 -20.32
C ASN E 40 6.78 6.89 -21.55
N ALA E 41 6.52 6.25 -22.70
CA ALA E 41 7.30 6.51 -23.90
C ALA E 41 6.50 6.50 -25.19
N PHE E 42 7.20 6.80 -26.29
CA PHE E 42 6.66 6.75 -27.65
C PHE E 42 7.20 5.47 -28.27
N LEU E 43 6.33 4.72 -28.95
CA LEU E 43 6.72 3.54 -29.71
C LEU E 43 6.41 3.86 -31.14
N SER E 44 7.43 3.80 -31.99
CA SER E 44 7.27 4.07 -33.40
C SER E 44 7.57 2.81 -34.22
N LEU E 45 6.66 2.47 -35.14
CA LEU E 45 6.80 1.31 -36.02
C LEU E 45 6.71 1.76 -37.46
N SER E 46 7.43 1.08 -38.37
CA SER E 46 7.45 1.36 -39.80
C SER E 46 7.69 0.08 -40.61
N TRP E 47 6.81 -0.17 -41.59
CA TRP E 47 6.87 -1.34 -42.46
C TRP E 47 6.29 -0.96 -43.81
N LYS E 48 6.63 -1.75 -44.85
CA LYS E 48 6.12 -1.53 -46.20
C LYS E 48 4.94 -2.47 -46.50
N ASP E 49 3.81 -1.88 -46.89
CA ASP E 49 2.59 -2.58 -47.31
C ASP E 49 2.24 -2.04 -48.70
N ARG E 50 2.64 -2.79 -49.75
CA ARG E 50 2.43 -2.43 -51.16
C ARG E 50 0.95 -2.25 -51.54
N ARG E 51 0.03 -2.92 -50.82
CA ARG E 51 -1.42 -2.84 -51.03
C ARG E 51 -1.93 -1.41 -50.74
N LEU E 52 -1.18 -0.67 -49.91
CA LEU E 52 -1.48 0.71 -49.49
C LEU E 52 -0.80 1.80 -50.36
N ALA E 53 0.06 1.39 -51.33
CA ALA E 53 0.77 2.30 -52.24
C ALA E 53 -0.20 3.07 -53.14
N PHE E 54 0.20 4.30 -53.55
CA PHE E 54 -0.61 5.20 -54.38
C PHE E 54 0.24 6.19 -55.19
N ASP E 55 -0.36 6.88 -56.18
CA ASP E 55 0.35 7.90 -56.96
C ASP E 55 0.13 9.29 -56.32
N PRO E 56 1.20 10.07 -56.04
CA PRO E 56 0.98 11.40 -55.44
C PRO E 56 0.55 12.49 -56.45
N VAL E 57 0.77 12.25 -57.76
CA VAL E 57 0.39 13.17 -58.84
C VAL E 57 -1.14 13.16 -59.01
N ARG E 58 -1.73 11.94 -59.11
CA ARG E 58 -3.18 11.72 -59.27
C ARG E 58 -3.96 11.90 -57.97
N SER E 59 -3.41 11.43 -56.83
CA SER E 59 -4.09 11.56 -55.54
C SER E 59 -3.98 12.99 -54.96
N GLY E 60 -3.11 13.82 -55.53
CA GLY E 60 -2.89 15.20 -55.10
C GLY E 60 -2.22 15.34 -53.75
N VAL E 61 -2.36 14.30 -52.88
CA VAL E 61 -1.81 14.19 -51.53
C VAL E 61 -0.50 13.43 -51.50
N ARG E 62 0.43 13.89 -50.65
CA ARG E 62 1.74 13.27 -50.45
C ARG E 62 1.66 12.13 -49.42
N VAL E 63 0.79 12.28 -48.41
CA VAL E 63 0.62 11.30 -47.34
C VAL E 63 -0.88 11.01 -47.08
N LYS E 64 -1.20 9.76 -46.70
CA LYS E 64 -2.56 9.30 -46.37
C LYS E 64 -2.59 8.84 -44.90
N THR E 65 -3.52 9.39 -44.11
CA THR E 65 -3.72 9.06 -42.68
C THR E 65 -4.81 8.01 -42.53
N TYR E 66 -4.57 6.96 -41.75
CA TYR E 66 -5.52 5.87 -41.51
C TYR E 66 -5.79 5.64 -40.03
N GLU E 67 -6.98 5.09 -39.72
CA GLU E 67 -7.36 4.71 -38.36
C GLU E 67 -6.79 3.30 -38.14
N PRO E 68 -6.37 2.90 -36.91
CA PRO E 68 -5.76 1.57 -36.72
C PRO E 68 -6.57 0.37 -37.27
N GLU E 69 -7.90 0.43 -37.13
CA GLU E 69 -8.86 -0.58 -37.59
C GLU E 69 -8.91 -0.70 -39.11
N ALA E 70 -8.66 0.39 -39.84
CA ALA E 70 -8.68 0.43 -41.29
C ALA E 70 -7.61 -0.43 -41.97
N ILE E 71 -6.39 -0.47 -41.41
CA ILE E 71 -5.27 -1.21 -42.03
C ILE E 71 -4.68 -2.32 -41.11
N TRP E 72 -3.76 -3.14 -41.68
CA TRP E 72 -3.05 -4.19 -40.96
C TRP E 72 -1.89 -3.58 -40.19
N ILE E 73 -1.80 -3.88 -38.89
CA ILE E 73 -0.75 -3.41 -37.99
C ILE E 73 -0.09 -4.62 -37.30
N PRO E 74 1.26 -4.71 -37.30
CA PRO E 74 1.91 -5.86 -36.65
C PRO E 74 1.73 -5.85 -35.15
N GLU E 75 1.43 -7.02 -34.57
CA GLU E 75 1.23 -7.20 -33.13
C GLU E 75 2.58 -7.21 -32.42
N ILE E 76 3.01 -6.02 -31.99
CA ILE E 76 4.26 -5.83 -31.27
C ILE E 76 3.92 -5.86 -29.78
N ARG E 77 4.61 -6.73 -29.02
CA ARG E 77 4.40 -6.86 -27.59
C ARG E 77 5.72 -6.69 -26.85
N PHE E 78 5.64 -6.44 -25.54
CA PHE E 78 6.79 -6.31 -24.65
C PHE E 78 6.91 -7.62 -23.89
N VAL E 79 8.13 -8.16 -23.81
CA VAL E 79 8.37 -9.44 -23.13
C VAL E 79 8.24 -9.30 -21.60
N ASN E 80 9.04 -8.41 -21.01
CA ASN E 80 9.15 -8.21 -19.57
C ASN E 80 8.24 -7.11 -18.98
N VAL E 81 6.94 -7.17 -19.25
CA VAL E 81 6.00 -6.24 -18.63
C VAL E 81 5.11 -7.00 -17.64
N GLU E 82 4.65 -6.31 -16.57
CA GLU E 82 3.74 -6.90 -15.57
C GLU E 82 2.42 -7.23 -16.30
N ASN E 83 1.75 -6.20 -16.79
CA ASN E 83 0.52 -6.32 -17.57
C ASN E 83 0.76 -5.64 -18.92
N ALA E 84 -0.09 -5.94 -19.91
CA ALA E 84 -0.02 -5.38 -21.26
C ALA E 84 -0.07 -3.85 -21.19
N ARG E 85 0.85 -3.19 -21.94
CA ARG E 85 0.99 -1.74 -22.02
C ARG E 85 -0.31 -0.98 -22.33
N ASP E 86 -0.44 0.20 -21.70
CA ASP E 86 -1.55 1.11 -21.90
C ASP E 86 -1.10 1.94 -23.09
N ALA E 87 -1.69 1.72 -24.27
CA ALA E 87 -1.28 2.42 -25.48
C ALA E 87 -2.38 3.30 -26.07
N ASP E 88 -1.96 4.41 -26.69
CA ASP E 88 -2.82 5.38 -27.38
C ASP E 88 -2.14 5.76 -28.69
N VAL E 89 -2.78 5.44 -29.83
CA VAL E 89 -2.22 5.73 -31.14
C VAL E 89 -2.22 7.24 -31.39
N VAL E 90 -1.03 7.77 -31.67
CA VAL E 90 -0.77 9.19 -31.94
C VAL E 90 -1.03 9.47 -33.42
N ASP E 91 -0.44 8.65 -34.33
CA ASP E 91 -0.59 8.81 -35.78
C ASP E 91 -0.18 7.57 -36.58
N ILE E 92 -0.86 7.37 -37.73
CA ILE E 92 -0.60 6.33 -38.74
C ILE E 92 -0.59 7.07 -40.07
N SER E 93 0.58 7.09 -40.75
CA SER E 93 0.77 7.79 -42.01
C SER E 93 1.38 6.91 -43.11
N VAL E 94 0.76 6.91 -44.30
CA VAL E 94 1.22 6.09 -45.44
C VAL E 94 1.82 6.99 -46.53
N SER E 95 3.03 6.63 -47.00
CA SER E 95 3.75 7.32 -48.08
C SER E 95 3.35 6.69 -49.43
N PRO E 96 3.58 7.38 -50.60
CA PRO E 96 3.15 6.82 -51.88
C PRO E 96 3.64 5.40 -52.20
N ASP E 97 4.82 5.01 -51.70
CA ASP E 97 5.35 3.66 -51.93
C ASP E 97 4.69 2.59 -51.06
N GLY E 98 3.93 3.03 -50.06
CA GLY E 98 3.21 2.14 -49.16
C GLY E 98 3.90 1.92 -47.83
N THR E 99 4.89 2.78 -47.49
CA THR E 99 5.59 2.70 -46.21
C THR E 99 4.72 3.34 -45.13
N VAL E 100 4.28 2.52 -44.18
CA VAL E 100 3.42 2.93 -43.07
C VAL E 100 4.31 3.46 -41.96
N GLN E 101 3.93 4.59 -41.35
CA GLN E 101 4.62 5.20 -40.22
C GLN E 101 3.65 5.34 -39.05
N TYR E 102 3.74 4.37 -38.14
CA TYR E 102 2.92 4.22 -36.95
C TYR E 102 3.62 4.85 -35.77
N LEU E 103 2.84 5.51 -34.89
CA LEU E 103 3.32 6.12 -33.65
C LEU E 103 2.24 6.01 -32.58
N GLU E 104 2.64 5.53 -31.41
CA GLU E 104 1.77 5.38 -30.25
C GLU E 104 2.50 5.84 -29.01
N ARG E 105 1.74 6.32 -28.02
CA ARG E 105 2.32 6.69 -26.74
C ARG E 105 1.85 5.64 -25.72
N PHE E 106 2.80 5.00 -25.04
CA PHE E 106 2.47 3.95 -24.08
C PHE E 106 3.03 4.21 -22.69
N SER E 107 2.55 3.44 -21.71
CA SER E 107 3.01 3.41 -20.34
C SER E 107 2.99 1.95 -19.90
N ALA E 108 4.07 1.49 -19.27
CA ALA E 108 4.16 0.10 -18.83
C ALA E 108 5.03 -0.04 -17.59
N ARG E 109 4.73 -1.06 -16.75
CA ARG E 109 5.53 -1.41 -15.59
C ARG E 109 6.44 -2.54 -16.09
N VAL E 110 7.74 -2.24 -16.17
CA VAL E 110 8.76 -3.15 -16.70
C VAL E 110 9.42 -3.94 -15.55
N LEU E 111 9.58 -5.26 -15.75
CA LEU E 111 10.25 -6.20 -14.84
C LEU E 111 11.70 -6.28 -15.32
N SER E 112 12.66 -5.73 -14.56
CA SER E 112 14.07 -5.85 -14.96
C SER E 112 14.98 -6.09 -13.75
N PRO E 113 15.64 -7.29 -13.69
CA PRO E 113 16.50 -7.63 -12.53
C PRO E 113 17.67 -6.69 -12.25
N LEU E 114 17.91 -6.45 -10.97
CA LEU E 114 18.98 -5.57 -10.50
C LEU E 114 20.07 -6.35 -9.78
N ASP E 115 21.34 -5.88 -9.90
CA ASP E 115 22.49 -6.47 -9.23
C ASP E 115 22.91 -5.59 -8.04
N PHE E 116 22.52 -6.03 -6.83
CA PHE E 116 22.78 -5.29 -5.60
C PHE E 116 24.18 -5.51 -4.99
N ARG E 117 25.03 -6.35 -5.61
CA ARG E 117 26.39 -6.65 -5.15
C ARG E 117 27.19 -5.42 -4.70
N ARG E 118 27.20 -4.33 -5.46
CA ARG E 118 27.95 -3.11 -5.10
C ARG E 118 27.10 -2.00 -4.45
N TYR E 119 25.85 -2.32 -4.05
CA TYR E 119 24.92 -1.35 -3.43
C TYR E 119 25.53 -0.65 -2.19
N PRO E 120 25.34 0.68 -2.00
CA PRO E 120 24.61 1.63 -2.85
C PRO E 120 25.48 2.34 -3.90
N PHE E 121 26.66 1.78 -4.22
CA PHE E 121 27.61 2.30 -5.22
C PHE E 121 27.48 1.47 -6.53
N ASP E 122 26.25 1.00 -6.81
CA ASP E 122 25.90 0.17 -7.96
C ASP E 122 25.37 0.96 -9.18
N SER E 123 25.51 0.34 -10.35
CA SER E 123 25.02 0.79 -11.64
C SER E 123 24.20 -0.37 -12.17
N GLN E 124 23.18 -0.04 -12.98
CA GLN E 124 22.26 -1.04 -13.51
C GLN E 124 22.04 -0.83 -14.99
N THR E 125 21.71 -1.91 -15.69
CA THR E 125 21.32 -1.86 -17.09
C THR E 125 19.90 -2.39 -17.11
N LEU E 126 18.94 -1.48 -17.23
CA LEU E 126 17.52 -1.84 -17.31
C LEU E 126 17.22 -2.31 -18.75
N HIS E 127 16.27 -3.24 -18.91
CA HIS E 127 15.92 -3.78 -20.23
C HIS E 127 14.46 -3.62 -20.59
N ILE E 128 14.23 -3.31 -21.86
CA ILE E 128 12.89 -3.23 -22.44
C ILE E 128 13.00 -4.11 -23.67
N TYR E 129 12.34 -5.28 -23.63
CA TYR E 129 12.37 -6.23 -24.73
C TYR E 129 11.14 -6.13 -25.60
N LEU E 130 11.35 -5.81 -26.88
CA LEU E 130 10.28 -5.74 -27.89
C LEU E 130 10.24 -7.07 -28.60
N ILE E 131 9.04 -7.60 -28.85
CA ILE E 131 8.93 -8.89 -29.55
C ILE E 131 7.79 -8.88 -30.58
N VAL E 132 7.92 -9.73 -31.61
CA VAL E 132 6.91 -9.92 -32.64
C VAL E 132 6.84 -11.41 -33.01
N ARG E 133 5.62 -11.95 -33.06
CA ARG E 133 5.42 -13.34 -33.42
C ARG E 133 4.98 -13.41 -34.87
N SER E 134 5.69 -14.23 -35.67
CA SER E 134 5.41 -14.42 -37.08
C SER E 134 4.06 -15.08 -37.30
N VAL E 135 3.39 -14.69 -38.39
CA VAL E 135 2.10 -15.25 -38.77
C VAL E 135 2.32 -16.43 -39.72
N ASP E 136 1.28 -17.24 -39.97
CA ASP E 136 1.43 -18.41 -40.84
C ASP E 136 1.74 -18.03 -42.29
N THR E 137 1.17 -16.91 -42.77
CA THR E 137 1.34 -16.39 -44.13
C THR E 137 2.80 -15.93 -44.35
N ARG E 138 3.35 -15.06 -43.46
CA ARG E 138 4.74 -14.63 -43.60
C ARG E 138 5.43 -14.29 -42.26
N ASN E 139 6.76 -14.42 -42.25
CA ASN E 139 7.61 -14.18 -41.09
C ASN E 139 7.91 -12.70 -40.89
N ILE E 140 7.87 -12.25 -39.63
CA ILE E 140 8.11 -10.87 -39.25
C ILE E 140 9.40 -10.76 -38.44
N VAL E 141 10.30 -9.87 -38.88
CA VAL E 141 11.61 -9.60 -38.28
C VAL E 141 11.65 -8.12 -37.81
N LEU E 142 12.24 -7.88 -36.64
CA LEU E 142 12.37 -6.53 -36.08
C LEU E 142 13.69 -5.86 -36.45
N ALA E 143 13.66 -4.51 -36.51
CA ALA E 143 14.81 -3.67 -36.82
C ALA E 143 14.78 -2.44 -35.92
N VAL E 144 15.92 -1.73 -35.82
CA VAL E 144 16.03 -0.52 -35.01
C VAL E 144 16.32 0.67 -35.92
N ASP E 145 15.43 1.67 -35.91
CA ASP E 145 15.66 2.92 -36.63
C ASP E 145 16.25 3.84 -35.56
N LEU E 146 17.59 3.97 -35.55
CA LEU E 146 18.34 4.74 -34.54
C LEU E 146 17.94 6.21 -34.47
N GLU E 147 17.42 6.76 -35.57
CA GLU E 147 16.92 8.13 -35.67
C GLU E 147 15.68 8.33 -34.77
N LYS E 148 14.96 7.22 -34.46
CA LYS E 148 13.73 7.26 -33.67
C LYS E 148 13.86 6.60 -32.28
N VAL E 149 15.10 6.44 -31.78
CA VAL E 149 15.43 5.92 -30.44
C VAL E 149 16.07 7.08 -29.67
N GLY E 150 15.52 7.39 -28.50
CA GLY E 150 16.00 8.48 -27.67
C GLY E 150 15.27 8.63 -26.36
N LYS E 151 15.52 9.76 -25.68
CA LYS E 151 14.93 10.12 -24.38
CA LYS E 151 14.92 10.13 -24.38
C LYS E 151 14.86 11.65 -24.20
N ASN E 152 13.84 12.12 -23.45
CA ASN E 152 13.66 13.54 -23.17
C ASN E 152 14.78 13.98 -22.20
N ASP E 153 15.26 15.23 -22.35
CA ASP E 153 16.34 15.80 -21.53
C ASP E 153 15.93 15.95 -20.06
N ASP E 154 14.61 16.08 -19.82
CA ASP E 154 13.97 16.23 -18.51
C ASP E 154 13.65 14.89 -17.82
N VAL E 155 13.95 13.72 -18.46
CA VAL E 155 13.70 12.39 -17.88
C VAL E 155 14.56 12.26 -16.60
N PHE E 156 13.88 12.20 -15.45
CA PHE E 156 14.50 12.11 -14.15
C PHE E 156 14.00 10.87 -13.40
N LEU E 157 14.92 9.99 -13.02
CA LEU E 157 14.59 8.82 -12.22
C LEU E 157 15.17 9.15 -10.84
N THR E 158 14.28 9.47 -9.88
CA THR E 158 14.60 9.87 -8.49
C THR E 158 15.64 8.94 -7.84
N GLY E 159 16.75 9.55 -7.40
CA GLY E 159 17.87 8.87 -6.75
C GLY E 159 18.78 8.07 -7.68
N TRP E 160 18.69 8.35 -8.99
CA TRP E 160 19.44 7.68 -10.05
C TRP E 160 19.89 8.67 -11.11
N ASP E 161 21.00 8.35 -11.78
CA ASP E 161 21.54 9.13 -12.88
C ASP E 161 21.37 8.30 -14.14
N ILE E 162 20.70 8.87 -15.16
CA ILE E 162 20.46 8.17 -16.42
C ILE E 162 21.66 8.43 -17.35
N GLU E 163 22.45 7.38 -17.61
CA GLU E 163 23.64 7.46 -18.43
C GLU E 163 23.35 7.43 -19.93
N SER E 164 22.62 6.41 -20.40
CA SER E 164 22.28 6.22 -21.82
C SER E 164 21.06 5.34 -22.04
N PHE E 165 20.40 5.52 -23.19
CA PHE E 165 19.27 4.68 -23.63
C PHE E 165 19.55 4.29 -25.06
N THR E 166 20.07 3.08 -25.26
CA THR E 166 20.44 2.56 -26.58
C THR E 166 19.71 1.26 -26.88
N ALA E 167 19.81 0.78 -28.13
CA ALA E 167 19.19 -0.45 -28.58
C ALA E 167 20.20 -1.36 -29.25
N VAL E 168 20.15 -2.66 -28.91
CA VAL E 168 20.99 -3.69 -29.52
C VAL E 168 20.33 -3.97 -30.88
N VAL E 169 20.89 -3.34 -31.93
CA VAL E 169 20.44 -3.28 -33.33
C VAL E 169 20.13 -4.66 -33.96
N LYS E 170 20.88 -5.72 -33.58
CA LYS E 170 20.68 -7.07 -34.10
C LYS E 170 19.62 -7.83 -33.28
N PRO E 171 18.44 -8.16 -33.90
CA PRO E 171 17.40 -8.87 -33.13
C PRO E 171 17.74 -10.33 -32.83
N ALA E 172 17.17 -10.85 -31.74
CA ALA E 172 17.31 -12.24 -31.33
C ALA E 172 16.18 -13.01 -32.00
N ASN E 173 16.48 -13.65 -33.15
CA ASN E 173 15.52 -14.44 -33.91
C ASN E 173 15.59 -15.89 -33.43
N PHE E 174 14.46 -16.42 -32.94
CA PHE E 174 14.35 -17.77 -32.39
C PHE E 174 12.97 -18.38 -32.59
N ALA E 175 12.89 -19.72 -32.47
CA ALA E 175 11.64 -20.45 -32.58
C ALA E 175 11.00 -20.59 -31.20
N LEU E 176 9.67 -20.46 -31.16
CA LEU E 176 8.86 -20.59 -29.94
C LEU E 176 7.49 -21.10 -30.35
N GLU E 177 7.12 -22.29 -29.82
CA GLU E 177 5.84 -22.96 -30.12
C GLU E 177 5.59 -23.07 -31.63
N ASP E 178 6.61 -23.57 -32.35
CA ASP E 178 6.64 -23.81 -33.81
C ASP E 178 6.45 -22.54 -34.68
N ARG E 179 6.76 -21.34 -34.15
CA ARG E 179 6.67 -20.06 -34.89
C ARG E 179 7.87 -19.17 -34.60
N LEU E 180 8.32 -18.41 -35.61
CA LEU E 180 9.46 -17.50 -35.45
C LEU E 180 9.09 -16.29 -34.62
N GLU E 181 9.97 -15.97 -33.67
CA GLU E 181 9.82 -14.83 -32.79
C GLU E 181 11.07 -13.96 -32.94
N SER E 182 10.89 -12.64 -33.11
CA SER E 182 12.00 -11.69 -33.26
C SER E 182 12.00 -10.72 -32.08
N LYS E 183 13.04 -10.80 -31.23
CA LYS E 183 13.21 -10.02 -30.01
C LYS E 183 14.22 -8.89 -30.18
N LEU E 184 13.97 -7.73 -29.55
CA LEU E 184 14.87 -6.57 -29.58
C LEU E 184 15.17 -6.10 -28.17
N ASP E 185 16.45 -5.73 -27.91
CA ASP E 185 16.88 -5.29 -26.58
C ASP E 185 17.16 -3.80 -26.47
N TYR E 186 16.28 -3.08 -25.76
CA TYR E 186 16.43 -1.66 -25.47
C TYR E 186 17.01 -1.57 -24.08
N GLN E 187 18.23 -1.02 -23.98
CA GLN E 187 18.98 -0.93 -22.73
C GLN E 187 19.10 0.47 -22.18
N LEU E 188 18.54 0.68 -20.97
CA LEU E 188 18.62 1.92 -20.23
C LEU E 188 19.67 1.80 -19.11
N ARG E 189 20.82 2.44 -19.31
CA ARG E 189 21.92 2.43 -18.35
C ARG E 189 21.78 3.55 -17.33
N ILE E 190 21.70 3.16 -16.05
CA ILE E 190 21.54 4.08 -14.93
C ILE E 190 22.59 3.77 -13.84
N SER E 191 22.92 4.77 -13.01
CA SER E 191 23.83 4.61 -11.88
C SER E 191 23.27 5.35 -10.68
N ARG E 192 23.27 4.66 -9.52
CA ARG E 192 22.72 5.16 -8.27
C ARG E 192 23.45 6.36 -7.71
N GLN E 193 22.67 7.35 -7.21
CA GLN E 193 23.17 8.55 -6.54
C GLN E 193 23.37 8.16 -5.06
N TYR E 194 24.62 7.75 -4.74
CA TYR E 194 25.00 7.25 -3.42
C TYR E 194 25.16 8.33 -2.33
N PHE E 195 25.20 9.64 -2.70
CA PHE E 195 25.38 10.77 -1.77
C PHE E 195 24.67 10.60 -0.43
N SER E 196 23.33 10.58 -0.43
CA SER E 196 22.45 10.49 0.74
C SER E 196 22.80 9.38 1.72
N TYR E 197 23.29 8.22 1.24
CA TYR E 197 23.65 7.08 2.09
C TYR E 197 24.76 7.41 3.09
N ILE E 198 25.69 8.29 2.70
CA ILE E 198 26.81 8.71 3.53
C ILE E 198 26.32 9.44 4.82
N PRO E 199 25.59 10.59 4.79
CA PRO E 199 25.16 11.20 6.06
C PRO E 199 23.95 10.54 6.76
N ASN E 200 23.24 9.63 6.08
CA ASN E 200 22.04 9.03 6.65
C ASN E 200 22.22 7.65 7.25
N ILE E 201 23.10 6.83 6.65
CA ILE E 201 23.32 5.46 7.09
C ILE E 201 24.77 5.18 7.47
N ILE E 202 25.74 5.42 6.54
CA ILE E 202 27.15 5.11 6.74
C ILE E 202 27.75 5.82 7.95
N LEU E 203 27.85 7.16 7.93
CA LEU E 203 28.43 7.92 9.04
C LEU E 203 27.69 7.68 10.38
N PRO E 204 26.33 7.75 10.48
CA PRO E 204 25.68 7.40 11.77
C PRO E 204 26.07 6.02 12.28
N MET E 205 26.15 5.01 11.38
CA MET E 205 26.56 3.65 11.71
C MET E 205 27.99 3.56 12.23
N LEU E 206 28.94 4.37 11.67
CA LEU E 206 30.34 4.38 12.10
C LEU E 206 30.50 5.08 13.44
N PHE E 207 29.74 6.18 13.66
CA PHE E 207 29.75 6.93 14.91
C PHE E 207 29.32 6.08 16.07
N ILE E 208 28.22 5.30 15.94
CA ILE E 208 27.75 4.41 17.00
C ILE E 208 28.80 3.33 17.29
N LEU E 209 29.51 2.84 16.24
CA LEU E 209 30.59 1.85 16.38
C LEU E 209 31.76 2.43 17.17
N PHE E 210 32.19 3.67 16.86
CA PHE E 210 33.30 4.32 17.55
C PHE E 210 32.95 4.64 18.99
N ILE E 211 31.65 4.91 19.28
CA ILE E 211 31.14 5.17 20.63
C ILE E 211 31.33 3.91 21.48
N SER E 212 31.12 2.73 20.89
CA SER E 212 31.32 1.45 21.57
C SER E 212 32.79 1.24 21.97
N TRP E 213 33.74 1.77 21.17
CA TRP E 213 35.18 1.64 21.42
C TRP E 213 35.72 2.58 22.53
N THR E 214 34.85 3.46 23.08
CA THR E 214 35.23 4.32 24.20
C THR E 214 35.24 3.48 25.50
N ALA E 215 34.74 2.23 25.43
CA ALA E 215 34.75 1.29 26.56
C ALA E 215 36.18 0.77 26.80
N PHE E 216 37.08 1.01 25.82
CA PHE E 216 38.50 0.65 25.92
C PHE E 216 39.28 1.70 26.72
N TRP E 217 38.62 2.81 27.12
CA TRP E 217 39.17 3.88 27.93
C TRP E 217 38.37 4.04 29.23
N SER E 218 37.69 2.94 29.62
CA SER E 218 36.88 2.87 30.83
C SER E 218 37.11 1.55 31.55
N THR E 219 37.14 1.62 32.89
CA THR E 219 37.32 0.49 33.81
C THR E 219 35.98 0.07 34.45
N SER E 220 34.91 0.86 34.18
CA SER E 220 33.55 0.64 34.69
C SER E 220 32.80 -0.37 33.85
N TYR E 221 32.73 -1.63 34.32
CA TYR E 221 32.04 -2.72 33.62
C TYR E 221 30.58 -2.39 33.35
N GLU E 222 29.88 -1.81 34.34
CA GLU E 222 28.48 -1.40 34.23
C GLU E 222 28.29 -0.44 33.06
N ALA E 223 29.15 0.60 32.99
CA ALA E 223 29.11 1.60 31.93
C ALA E 223 29.52 1.00 30.58
N ASN E 224 30.52 0.09 30.59
CA ASN E 224 30.99 -0.59 29.38
C ASN E 224 29.91 -1.46 28.79
N VAL E 225 29.21 -2.24 29.64
CA VAL E 225 28.08 -3.09 29.25
C VAL E 225 27.04 -2.22 28.52
N THR E 226 26.68 -1.07 29.13
CA THR E 226 25.74 -0.10 28.58
C THR E 226 26.23 0.41 27.24
N LEU E 227 27.47 0.93 27.15
CA LEU E 227 28.07 1.42 25.91
C LEU E 227 27.99 0.41 24.77
N VAL E 228 28.47 -0.82 24.98
CA VAL E 228 28.52 -1.83 23.92
C VAL E 228 27.13 -2.41 23.56
N VAL E 229 26.27 -2.63 24.54
CA VAL E 229 24.95 -3.20 24.30
C VAL E 229 24.03 -2.18 23.62
N SER E 230 23.98 -0.93 24.12
CA SER E 230 23.13 0.10 23.54
C SER E 230 23.46 0.38 22.08
N THR E 231 24.76 0.58 21.79
CA THR E 231 25.23 0.81 20.41
C THR E 231 24.94 -0.41 19.52
N LEU E 232 24.97 -1.65 20.09
CA LEU E 232 24.63 -2.84 19.32
C LEU E 232 23.16 -2.79 18.89
N ILE E 233 22.26 -2.37 19.81
CA ILE E 233 20.83 -2.24 19.53
C ILE E 233 20.59 -1.23 18.38
N ALA E 234 21.31 -0.06 18.41
CA ALA E 234 21.26 0.96 17.36
C ALA E 234 21.74 0.40 16.03
N HIS E 235 22.73 -0.52 16.05
CA HIS E 235 23.22 -1.16 14.82
C HIS E 235 22.16 -2.11 14.25
N ILE E 236 21.43 -2.83 15.12
CA ILE E 236 20.35 -3.74 14.71
C ILE E 236 19.27 -2.91 13.98
N ALA E 237 18.95 -1.71 14.52
CA ALA E 237 17.98 -0.77 13.92
C ALA E 237 18.42 -0.38 12.48
N PHE E 238 19.70 -0.03 12.30
CA PHE E 238 20.24 0.32 10.97
C PHE E 238 20.24 -0.87 10.06
N ASN E 239 20.60 -2.08 10.57
CA ASN E 239 20.55 -3.31 9.76
C ASN E 239 19.12 -3.52 9.25
N ILE E 240 18.09 -3.45 10.14
CA ILE E 240 16.68 -3.58 9.78
C ILE E 240 16.29 -2.55 8.73
N LEU E 241 16.59 -1.24 8.97
CA LEU E 241 16.29 -0.15 8.03
C LEU E 241 16.83 -0.45 6.65
N VAL E 242 18.13 -0.83 6.55
CA VAL E 242 18.77 -1.14 5.26
C VAL E 242 18.10 -2.35 4.56
N GLU E 243 17.99 -3.50 5.24
CA GLU E 243 17.45 -4.73 4.66
C GLU E 243 15.96 -4.59 4.26
N THR E 244 15.17 -3.69 4.92
CA THR E 244 13.77 -3.50 4.53
C THR E 244 13.62 -2.89 3.13
N ASN E 245 14.52 -1.95 2.72
CA ASN E 245 14.48 -1.32 1.38
C ASN E 245 15.29 -2.10 0.31
N LEU E 246 15.50 -3.40 0.51
CA LEU E 246 16.25 -4.27 -0.40
C LEU E 246 15.66 -5.67 -0.51
N PRO E 247 15.71 -6.30 -1.72
CA PRO E 247 15.21 -7.67 -1.83
C PRO E 247 16.21 -8.69 -1.28
N LYS E 248 15.72 -9.87 -0.92
CA LYS E 248 16.53 -10.97 -0.40
C LYS E 248 17.35 -11.57 -1.54
N THR E 249 18.66 -11.31 -1.52
CA THR E 249 19.61 -11.76 -2.55
C THR E 249 20.28 -13.12 -2.21
N PRO E 250 20.45 -14.02 -3.22
CA PRO E 250 21.15 -15.30 -2.94
C PRO E 250 22.68 -15.16 -2.89
N TYR E 251 23.16 -13.91 -2.98
CA TYR E 251 24.56 -13.51 -2.97
C TYR E 251 24.80 -12.46 -1.88
N MET E 252 26.08 -12.24 -1.53
CA MET E 252 26.45 -11.24 -0.52
C MET E 252 26.60 -9.89 -1.22
N THR E 253 26.03 -8.84 -0.61
CA THR E 253 26.13 -7.47 -1.10
C THR E 253 27.23 -6.75 -0.31
N TYR E 254 27.68 -5.58 -0.80
CA TYR E 254 28.75 -4.81 -0.17
C TYR E 254 28.31 -4.27 1.21
N THR E 255 27.13 -3.62 1.26
CA THR E 255 26.54 -3.09 2.48
C THR E 255 26.20 -4.25 3.44
N GLY E 256 25.75 -5.37 2.88
CA GLY E 256 25.43 -6.59 3.62
C GLY E 256 26.61 -7.17 4.36
N ALA E 257 27.79 -7.19 3.70
CA ALA E 257 29.05 -7.70 4.26
C ALA E 257 29.55 -6.82 5.41
N ILE E 258 29.55 -5.48 5.20
CA ILE E 258 29.97 -4.48 6.20
C ILE E 258 29.10 -4.56 7.43
N ILE E 259 27.76 -4.46 7.25
CA ILE E 259 26.79 -4.55 8.34
C ILE E 259 27.01 -5.82 9.15
N PHE E 260 27.19 -6.98 8.47
CA PHE E 260 27.45 -8.28 9.12
C PHE E 260 28.76 -8.27 9.91
N MET E 261 29.87 -7.89 9.26
CA MET E 261 31.20 -7.81 9.83
C MET E 261 31.20 -6.95 11.11
N ILE E 262 30.45 -5.83 11.11
CA ILE E 262 30.32 -4.94 12.28
C ILE E 262 29.74 -5.69 13.49
N TYR E 263 28.80 -6.65 13.29
CA TYR E 263 28.26 -7.47 14.38
C TYR E 263 29.38 -8.22 15.10
N LEU E 264 30.41 -8.68 14.37
CA LEU E 264 31.55 -9.40 14.93
C LEU E 264 32.37 -8.50 15.85
N PHE E 265 32.54 -7.22 15.46
CA PHE E 265 33.26 -6.23 16.24
C PHE E 265 32.56 -5.98 17.57
N TYR E 266 31.20 -5.93 17.55
CA TYR E 266 30.39 -5.76 18.76
C TYR E 266 30.53 -6.98 19.65
N PHE E 267 30.51 -8.18 19.05
CA PHE E 267 30.64 -9.45 19.77
C PHE E 267 31.97 -9.52 20.48
N VAL E 268 33.07 -9.22 19.76
CA VAL E 268 34.43 -9.22 20.31
C VAL E 268 34.59 -8.13 21.41
N ALA E 269 33.97 -6.93 21.22
CA ALA E 269 34.00 -5.86 22.24
C ALA E 269 33.35 -6.34 23.54
N VAL E 270 32.19 -7.06 23.45
CA VAL E 270 31.52 -7.64 24.62
C VAL E 270 32.50 -8.60 25.31
N ILE E 271 33.15 -9.50 24.53
CA ILE E 271 34.14 -10.46 25.04
C ILE E 271 35.26 -9.71 25.78
N GLU E 272 35.85 -8.66 25.17
CA GLU E 272 36.93 -7.86 25.76
C GLU E 272 36.49 -7.25 27.10
N VAL E 273 35.35 -6.54 27.11
CA VAL E 273 34.73 -5.89 28.28
C VAL E 273 34.52 -6.92 29.42
N THR E 274 34.07 -8.15 29.06
CA THR E 274 33.85 -9.28 29.98
C THR E 274 35.21 -9.77 30.55
N VAL E 275 36.21 -10.02 29.65
CA VAL E 275 37.56 -10.48 30.01
C VAL E 275 38.21 -9.51 31.00
N GLN E 276 38.20 -8.19 30.67
CA GLN E 276 38.71 -7.12 31.54
C GLN E 276 38.12 -7.20 32.96
N HIS E 277 36.79 -7.31 33.08
CA HIS E 277 36.09 -7.41 34.38
C HIS E 277 36.47 -8.65 35.17
N TYR E 278 36.54 -9.83 34.52
CA TYR E 278 36.89 -11.10 35.15
C TYR E 278 38.28 -10.99 35.80
N LEU E 279 39.25 -10.39 35.08
CA LEU E 279 40.62 -10.18 35.57
C LEU E 279 40.68 -9.21 36.74
N LYS E 280 39.98 -8.05 36.66
CA LYS E 280 39.95 -7.05 37.73
CA LYS E 280 39.91 -7.03 37.72
C LYS E 280 39.39 -7.68 39.01
N VAL E 281 38.31 -8.48 38.90
CA VAL E 281 37.68 -9.19 40.03
C VAL E 281 38.68 -10.24 40.61
N GLU E 282 39.42 -10.96 39.73
CA GLU E 282 40.44 -11.95 40.08
C GLU E 282 41.74 -11.33 40.60
N SER E 283 41.74 -9.99 40.80
CA SER E 283 42.88 -9.20 41.29
C SER E 283 44.10 -9.30 40.37
N GLN E 284 43.84 -9.18 39.05
CA GLN E 284 44.85 -9.19 37.99
C GLN E 284 44.64 -7.97 37.08
N PRO E 285 44.64 -6.71 37.60
CA PRO E 285 44.38 -5.55 36.72
C PRO E 285 45.48 -5.22 35.73
N ALA E 286 46.73 -5.65 36.00
CA ALA E 286 47.88 -5.44 35.13
C ALA E 286 47.70 -6.17 33.80
N ARG E 287 47.15 -7.41 33.83
CA ARG E 287 46.89 -8.23 32.65
C ARG E 287 45.71 -7.67 31.86
N ALA E 288 44.68 -7.21 32.59
CA ALA E 288 43.49 -6.57 32.05
C ALA E 288 43.89 -5.27 31.34
N ALA E 289 44.84 -4.53 31.92
CA ALA E 289 45.39 -3.28 31.37
C ALA E 289 46.10 -3.52 30.04
N SER E 290 46.81 -4.66 29.91
CA SER E 290 47.54 -5.05 28.71
C SER E 290 46.58 -5.32 27.56
N ILE E 291 45.52 -6.12 27.83
CA ILE E 291 44.50 -6.49 26.85
C ILE E 291 43.74 -5.24 26.39
N THR E 292 43.33 -4.37 27.33
CA THR E 292 42.58 -3.14 27.04
C THR E 292 43.43 -2.19 26.19
N ARG E 293 44.73 -2.06 26.51
CA ARG E 293 45.66 -1.21 25.74
C ARG E 293 45.84 -1.74 24.31
N ALA E 294 45.86 -3.08 24.14
CA ALA E 294 46.00 -3.74 22.83
C ALA E 294 44.77 -3.49 21.97
N SER E 295 43.56 -3.69 22.55
CA SER E 295 42.26 -3.51 21.91
C SER E 295 42.10 -2.11 21.31
N ARG E 296 42.63 -1.08 22.01
CA ARG E 296 42.63 0.34 21.60
C ARG E 296 43.20 0.55 20.20
N ILE E 297 44.25 -0.21 19.84
CA ILE E 297 44.93 -0.19 18.56
C ILE E 297 44.32 -1.25 17.64
N ALA E 298 44.20 -2.50 18.13
CA ALA E 298 43.70 -3.65 17.37
C ALA E 298 42.37 -3.40 16.67
N PHE E 299 41.31 -3.03 17.43
CA PHE E 299 39.97 -2.76 16.91
C PHE E 299 39.94 -1.78 15.71
N PRO E 300 40.48 -0.53 15.79
CA PRO E 300 40.47 0.33 14.58
C PRO E 300 41.30 -0.23 13.42
N VAL E 301 42.48 -0.81 13.70
CA VAL E 301 43.38 -1.40 12.69
C VAL E 301 42.71 -2.55 11.92
N VAL E 302 42.17 -3.54 12.66
CA VAL E 302 41.47 -4.69 12.07
C VAL E 302 40.22 -4.20 11.31
N PHE E 303 39.53 -3.17 11.83
CA PHE E 303 38.35 -2.60 11.15
C PHE E 303 38.75 -1.99 9.81
N LEU E 304 39.81 -1.18 9.82
CA LEU E 304 40.35 -0.52 8.63
C LEU E 304 40.83 -1.53 7.60
N LEU E 305 41.58 -2.58 8.02
CA LEU E 305 42.08 -3.63 7.12
C LEU E 305 40.95 -4.45 6.50
N ALA E 306 39.98 -4.88 7.33
CA ALA E 306 38.81 -5.66 6.89
C ALA E 306 38.03 -4.91 5.80
N ASN E 307 37.81 -3.59 6.00
CA ASN E 307 37.13 -2.72 5.04
C ASN E 307 37.90 -2.59 3.74
N ILE E 308 39.25 -2.50 3.81
CA ILE E 308 40.11 -2.45 2.61
C ILE E 308 39.91 -3.76 1.83
N ILE E 309 39.97 -4.92 2.54
CA ILE E 309 39.75 -6.25 1.95
C ILE E 309 38.38 -6.34 1.25
N LEU E 310 37.30 -5.92 1.94
CA LEU E 310 35.94 -5.93 1.40
C LEU E 310 35.76 -5.05 0.15
N ALA E 311 36.23 -3.79 0.21
CA ALA E 311 36.18 -2.84 -0.91
C ALA E 311 36.96 -3.42 -2.09
N PHE E 312 38.06 -4.13 -1.82
CA PHE E 312 38.86 -4.77 -2.87
C PHE E 312 38.09 -5.91 -3.52
N LEU E 313 37.45 -6.77 -2.71
CA LEU E 313 36.68 -7.91 -3.22
C LEU E 313 35.48 -7.48 -4.04
N PHE E 314 34.81 -6.38 -3.63
CA PHE E 314 33.62 -5.89 -4.30
C PHE E 314 33.84 -4.90 -5.44
N PHE E 315 35.02 -4.26 -5.55
CA PHE E 315 35.23 -3.25 -6.61
C PHE E 315 36.53 -3.42 -7.38
#